data_2VDQ
#
_entry.id   2VDQ
#
_cell.length_a   148.331
_cell.length_b   148.331
_cell.length_c   176.567
_cell.angle_alpha   90.00
_cell.angle_beta   90.00
_cell.angle_gamma   120.00
#
_symmetry.space_group_name_H-M   'P 32 2 1'
#
loop_
_entity.id
_entity.type
_entity.pdbx_description
1 polymer 'INTEGRIN ALPHA-IIB'
2 polymer 'INTEGRIN BETA-3'
3 polymer 'FIBRINOGEN, GAMMA POLYPEPTIDE'
4 polymer 'MONOCLONAL ANTIBODY 10E5 HEAVY CHAIN'
5 polymer 'MONOCLONAL ANTIBODY 10E5 LIGHT CHAIN'
6 branched alpha-D-mannopyranose-(1-3)-[alpha-D-mannopyranose-(1-6)]alpha-D-mannopyranose-(1-4)-2-acetamido-2-deoxy-beta-D-glucopyranose-(1-4)-2-acetamido-2-deoxy-beta-D-glucopyranose
7 branched alpha-D-mannopyranose-(1-3)-[alpha-D-mannopyranose-(1-6)]alpha-D-mannopyranose-(1-6)-[alpha-D-mannopyranose-(1-3)]alpha-D-mannopyranose-(1-4)-2-acetamido-2-deoxy-beta-D-glucopyranose-(1-4)-2-acetamido-2-deoxy-beta-D-glucopyranose
8 non-polymer GLYCEROL
9 non-polymer 'CALCIUM ION'
10 non-polymer 2-acetamido-2-deoxy-beta-D-glucopyranose
11 non-polymer 'MAGNESIUM ION'
12 water water
#
loop_
_entity_poly.entity_id
_entity_poly.type
_entity_poly.pdbx_seq_one_letter_code
_entity_poly.pdbx_strand_id
1 'polypeptide(L)'
;LNLDPVQLTFYAGPNGSQFGFSLDFHKDSHGRVAIVVGAPRTLGPSQEETGGVFLCPWRAEGGQCPSLLFDLRDETRNVG
SQTLQTFKARQGLGASVVSWSDVIVACAPWQHWNVLEKTEEAEKTPVGSCFLAQPESGRRAEYSPCRGNTLSRIYVENDF
SWDKRYCEAGFSSVVTQAGELVLGAPGGYYFLGLLAQAPVADIFSSYRPGILLWHVSSQSLSFDSSNPEYFDGYWGYSVA
VGEFDGDLNTTEYVVGAPTWSWTLGAVEILDSYYQRLHRLRGEQMASYFGHSVAVTDVNGDGRHDLLVGAPLYMESRADR
KLAEVGRVYLFLQPRGPHALGAPSLLLTGTQLYGRFGSAIAPLGDLDRDGYNDIAVAAPYGGPSGRGQVLVFLGQSEGLR
SRPSQVLDSPFPTGSAFGFSLRGAVDIDDNGYPDLIVGAYGANQVAVYRAQP
;
A
2 'polypeptide(L)'
;GPNICTTRGVSSCQQCLAVSPMCAWCSDEALPLGSPRCDLKENLLKDNCAPESIEFPVSEARVLEDRPLSDKGSGDSSQV
TQVSPQRIALRLRPDDSKNFSIQVRQVEDYPVDIYYLMDLSYSMKDDLWSIQNLGTKLATQMRKLTSNLRIGFGAFVDKP
VSPYMYISPPEALENPCYDMKTTCLPMFGYKHVLTLTDQVTRFNEEVKKQSVSRNRDAPEGGFDAIMQATVCDEKIGWRN
DASHLLVFTTDAKTHIALDGRLAGIVQPNDGQCHVGSDNHYSASTTMDYPSLGLMTEKLSQKNINLIFAVTENVVNLYQN
YSELIPGTTVGVLSMDSSNVLQLIVDAYGKIRSKVELEVRDLPEELSLSFNATCLNNEVIPGLKSCMGLKIGDTVSFSIE
AKVRGCPQEKEKSFTIKPVGFKDSLIVQVTFDCDCACQAQAEPNSHRCNNGNGTFECGVCR
;
B
3 'polypeptide(L)' HHLGGAKQRGDV C
4 'polypeptide(L)'
;EVQLQQSGAELVKPGASVKLSCTASGFNIKDTYVHWVKQRPEQGLEWIGRIDPANGYTKYDPKFQGKATITADTSSNTAY
LQLSSLTSEDTAVYYCVRPLYDYYAMDYWGQGTSVTVSSAKTTAPSVYPLAPVCGDTTGSSVTLGCLVKGYFPEPVTLTW
NSGSLSSGVHTFPAVLQSDLYTLSSSVTVTSSTWPSQSITCNVAHPASSTKVDKKIEPRGP
;
H
5 'polypeptide(L)'
;DILMTQSPSSMSVSLGDTVSITCHASQGISSNIGWLQQKPGKSFMGLIYYGTNLVDGVPSRFSGSGSGADYSLTISSLDS
EDFADYYCVQYAQLPYTFGGGTKLEIKRADAAPTVSIFPPSSEQLTSGGASVVCFLNNFYPKDINVKWKIDGSERQNGVL
NSWTDQDSKDSTYSMSSTLTLTKDEYERHNSYTCEATHKTSTSPIVKSFNRNEC
;
L
#
# COMPACT_ATOMS: atom_id res chain seq x y z
N LEU A 1 -17.39 17.43 31.02
CA LEU A 1 -17.68 17.90 32.40
C LEU A 1 -18.43 16.84 33.21
N ASN A 2 -19.28 16.05 32.53
CA ASN A 2 -20.25 15.21 33.21
C ASN A 2 -20.27 13.76 32.71
N LEU A 3 -19.17 13.29 32.13
CA LEU A 3 -18.99 11.85 31.92
C LEU A 3 -18.66 11.22 33.26
N ASP A 4 -19.40 10.18 33.62
CA ASP A 4 -19.23 9.54 34.92
C ASP A 4 -18.05 8.56 34.87
N PRO A 5 -16.96 8.86 35.60
CA PRO A 5 -15.79 8.00 35.50
C PRO A 5 -15.81 6.80 36.46
N VAL A 6 -16.75 6.80 37.41
CA VAL A 6 -16.83 5.73 38.40
C VAL A 6 -17.56 4.50 37.86
N GLN A 7 -18.73 4.72 37.27
CA GLN A 7 -19.61 3.65 36.81
C GLN A 7 -19.34 3.27 35.35
N LEU A 8 -18.13 2.76 35.08
CA LEU A 8 -17.77 2.36 33.72
C LEU A 8 -18.40 1.02 33.36
N THR A 9 -18.61 0.83 32.07
CA THR A 9 -19.00 -0.45 31.51
C THR A 9 -17.88 -0.95 30.62
N PHE A 10 -17.42 -2.19 30.86
CA PHE A 10 -16.34 -2.80 30.11
C PHE A 10 -16.87 -3.91 29.20
N TYR A 11 -16.51 -3.84 27.94
CA TYR A 11 -16.72 -4.93 27.00
C TYR A 11 -15.35 -5.49 26.65
N ALA A 12 -15.25 -6.81 26.54
CA ALA A 12 -13.96 -7.49 26.34
C ALA A 12 -14.00 -8.47 25.17
N GLY A 13 -12.93 -8.48 24.38
CA GLY A 13 -12.73 -9.49 23.34
C GLY A 13 -11.67 -10.49 23.77
N PRO A 14 -11.28 -11.39 22.86
CA PRO A 14 -10.29 -12.43 23.19
C PRO A 14 -8.85 -11.90 23.31
N ASN A 15 -8.03 -12.61 24.07
CA ASN A 15 -6.61 -12.27 24.20
C ASN A 15 -5.96 -12.15 22.84
N GLY A 16 -5.17 -11.10 22.64
CA GLY A 16 -4.41 -10.91 21.41
C GLY A 16 -5.20 -10.46 20.19
N SER A 17 -6.49 -10.19 20.37
CA SER A 17 -7.37 -9.89 19.23
C SER A 17 -7.33 -8.44 18.80
N GLN A 18 -6.85 -7.57 19.68
CA GLN A 18 -6.91 -6.11 19.47
C GLN A 18 -8.35 -5.58 19.42
N PHE A 19 -9.25 -6.32 20.06
CA PHE A 19 -10.61 -5.84 20.33
C PHE A 19 -10.52 -4.43 20.89
N GLY A 20 -11.09 -3.47 20.16
CA GLY A 20 -11.05 -2.06 20.54
C GLY A 20 -10.22 -1.19 19.61
N PHE A 21 -9.55 -1.80 18.65
CA PHE A 21 -8.72 -1.05 17.72
C PHE A 21 -9.56 0.00 17.00
N SER A 22 -10.80 -0.37 16.70
CA SER A 22 -11.76 0.53 16.07
C SER A 22 -13.16 0.24 16.61
N LEU A 23 -14.02 1.25 16.60
CA LEU A 23 -15.40 1.09 17.10
C LEU A 23 -16.35 2.18 16.60
N ASP A 24 -17.64 1.92 16.75
CA ASP A 24 -18.66 2.88 16.36
C ASP A 24 -19.96 2.48 17.04
N PHE A 25 -20.88 3.42 17.10
CA PHE A 25 -22.24 3.11 17.52
C PHE A 25 -22.98 2.61 16.29
N HIS A 26 -23.86 1.63 16.50
CA HIS A 26 -24.73 1.16 15.43
C HIS A 26 -26.16 1.08 15.91
N LYS A 27 -27.05 1.69 15.13
CA LYS A 27 -28.46 1.79 15.47
C LYS A 27 -29.24 0.90 14.50
N ASP A 28 -30.04 -0.02 15.04
CA ASP A 28 -30.85 -0.93 14.21
C ASP A 28 -32.14 -0.24 13.77
N SER A 29 -32.93 -0.93 12.95
CA SER A 29 -34.17 -0.36 12.40
C SER A 29 -35.16 0.07 13.47
N HIS A 30 -35.16 -0.65 14.60
CA HIS A 30 -36.01 -0.30 15.74
C HIS A 30 -35.50 0.91 16.52
N GLY A 31 -34.27 1.33 16.25
CA GLY A 31 -33.67 2.50 16.91
C GLY A 31 -32.75 2.15 18.06
N ARG A 32 -32.64 0.85 18.38
CA ARG A 32 -31.80 0.36 19.48
C ARG A 32 -30.31 0.48 19.13
N VAL A 33 -29.56 1.16 20.00
CA VAL A 33 -28.13 1.42 19.78
C VAL A 33 -27.23 0.34 20.36
N ALA A 34 -26.45 -0.31 19.50
CA ALA A 34 -25.41 -1.25 19.90
C ALA A 34 -24.04 -0.63 19.61
N ILE A 35 -22.97 -1.36 19.90
CA ILE A 35 -21.62 -0.91 19.62
C ILE A 35 -20.90 -1.93 18.77
N VAL A 36 -20.48 -1.49 17.58
CA VAL A 36 -19.65 -2.31 16.70
CA VAL A 36 -19.67 -2.33 16.72
C VAL A 36 -18.20 -2.14 17.14
N VAL A 37 -17.51 -3.26 17.35
CA VAL A 37 -16.10 -3.25 17.76
C VAL A 37 -15.25 -4.03 16.76
N GLY A 38 -14.16 -3.42 16.30
CA GLY A 38 -13.18 -4.08 15.41
C GLY A 38 -12.07 -4.73 16.22
N ALA A 39 -11.67 -5.93 15.81
CA ALA A 39 -10.62 -6.72 16.49
C ALA A 39 -9.67 -7.33 15.45
N PRO A 40 -8.79 -6.51 14.87
CA PRO A 40 -8.04 -6.90 13.67
C PRO A 40 -7.09 -8.09 13.80
N ARG A 41 -6.79 -8.57 15.00
CA ARG A 41 -5.91 -9.75 15.13
C ARG A 41 -6.63 -10.98 15.69
N THR A 42 -7.96 -10.96 15.62
CA THR A 42 -8.76 -12.10 16.01
C THR A 42 -8.36 -13.31 15.18
N LEU A 43 -8.22 -14.47 15.83
CA LEU A 43 -7.94 -15.71 15.12
C LEU A 43 -9.18 -16.14 14.37
N GLY A 44 -9.00 -16.49 13.10
CA GLY A 44 -10.06 -17.12 12.33
C GLY A 44 -10.30 -18.54 12.81
N PRO A 45 -11.23 -19.24 12.15
CA PRO A 45 -11.60 -20.58 12.62
C PRO A 45 -10.52 -21.68 12.41
N SER A 46 -9.39 -21.33 11.78
CA SER A 46 -8.28 -22.27 11.57
C SER A 46 -6.98 -21.85 12.29
N GLN A 47 -7.13 -21.07 13.36
CA GLN A 47 -6.01 -20.59 14.17
C GLN A 47 -5.02 -19.69 13.43
N GLU A 48 -5.49 -19.02 12.38
CA GLU A 48 -4.70 -18.02 11.69
C GLU A 48 -5.35 -16.65 11.87
N GLU A 49 -4.54 -15.63 12.11
CA GLU A 49 -5.06 -14.27 12.30
C GLU A 49 -5.74 -13.76 11.04
N THR A 50 -7.01 -13.40 11.17
CA THR A 50 -7.77 -12.82 10.07
C THR A 50 -8.38 -11.48 10.47
N GLY A 51 -8.59 -11.29 11.76
CA GLY A 51 -9.38 -10.18 12.24
C GLY A 51 -10.82 -10.59 12.40
N GLY A 52 -11.62 -9.73 13.01
CA GLY A 52 -13.02 -10.01 13.23
C GLY A 52 -13.76 -8.80 13.76
N VAL A 53 -15.09 -8.89 13.75
CA VAL A 53 -15.96 -7.79 14.16
C VAL A 53 -16.99 -8.31 15.15
N PHE A 54 -17.28 -7.49 16.16
CA PHE A 54 -18.21 -7.88 17.22
C PHE A 54 -19.30 -6.84 17.35
N LEU A 55 -20.55 -7.28 17.49
CA LEU A 55 -21.67 -6.37 17.65
C LEU A 55 -22.18 -6.50 19.08
N CYS A 56 -21.99 -5.44 19.86
CA CYS A 56 -22.26 -5.47 21.30
C CYS A 56 -23.58 -4.79 21.64
N PRO A 57 -24.52 -5.53 22.24
CA PRO A 57 -25.75 -4.87 22.65
C PRO A 57 -25.52 -4.11 23.95
N TRP A 58 -26.23 -3.00 24.13
CA TRP A 58 -26.02 -2.16 25.30
C TRP A 58 -26.44 -2.87 26.59
N ARG A 59 -25.48 -2.99 27.51
CA ARG A 59 -25.72 -3.49 28.86
C ARG A 59 -24.83 -2.73 29.84
N ALA A 60 -25.37 -2.36 31.00
CA ALA A 60 -24.61 -1.65 32.01
C ALA A 60 -23.42 -2.49 32.50
N GLU A 61 -23.66 -3.78 32.70
CA GLU A 61 -22.63 -4.70 33.17
C GLU A 61 -21.62 -5.07 32.10
N GLY A 62 -21.93 -4.79 30.83
CA GLY A 62 -21.04 -5.11 29.73
C GLY A 62 -20.82 -6.61 29.60
N GLY A 63 -19.60 -7.00 29.25
CA GLY A 63 -19.22 -8.41 29.13
C GLY A 63 -18.73 -8.78 27.75
N GLN A 64 -19.16 -9.95 27.27
CA GLN A 64 -18.74 -10.48 25.98
C GLN A 64 -19.72 -10.12 24.88
N CYS A 65 -19.27 -10.16 23.63
CA CYS A 65 -20.12 -9.82 22.50
C CYS A 65 -20.13 -10.92 21.44
N PRO A 66 -21.26 -11.04 20.72
CA PRO A 66 -21.32 -11.98 19.59
C PRO A 66 -20.47 -11.52 18.41
N SER A 67 -19.90 -12.49 17.70
CA SER A 67 -19.05 -12.22 16.55
C SER A 67 -19.90 -12.11 15.31
N LEU A 68 -19.88 -10.94 14.68
CA LEU A 68 -20.60 -10.67 13.41
C LEU A 68 -19.88 -11.38 12.27
N LEU A 69 -20.49 -12.45 11.76
CA LEU A 69 -19.80 -13.35 10.82
C LEU A 69 -19.49 -12.75 9.45
N PHE A 70 -18.33 -13.11 8.93
CA PHE A 70 -17.90 -12.75 7.60
C PHE A 70 -17.16 -13.93 6.98
N ASP A 71 -17.13 -14.02 5.67
CA ASP A 71 -16.41 -15.08 4.99
C ASP A 71 -14.89 -14.85 5.15
N LEU A 72 -14.22 -15.77 5.82
CA LEU A 72 -12.76 -15.71 5.96
C LEU A 72 -12.05 -16.76 5.07
N ARG A 73 -12.76 -17.33 4.10
CA ARG A 73 -12.12 -18.25 3.16
C ARG A 73 -11.52 -17.51 1.99
N ASP A 74 -10.29 -17.84 1.65
CA ASP A 74 -9.64 -17.33 0.45
C ASP A 74 -10.39 -17.78 -0.79
N GLU A 75 -10.27 -16.99 -1.85
CA GLU A 75 -10.97 -17.25 -3.11
C GLU A 75 -9.98 -17.32 -4.25
N THR A 76 -10.33 -18.14 -5.23
CA THR A 76 -9.58 -18.25 -6.47
C THR A 76 -10.58 -18.33 -7.60
N ARG A 77 -10.32 -17.58 -8.67
CA ARG A 77 -11.16 -17.64 -9.85
C ARG A 77 -10.30 -17.67 -11.11
N ASN A 78 -10.40 -18.78 -11.85
CA ASN A 78 -9.76 -18.90 -13.15
C ASN A 78 -10.72 -18.44 -14.22
N VAL A 79 -10.46 -17.25 -14.75
CA VAL A 79 -11.35 -16.60 -15.69
C VAL A 79 -10.52 -15.70 -16.63
N GLY A 80 -10.98 -15.55 -17.85
CA GLY A 80 -10.28 -14.73 -18.84
C GLY A 80 -8.82 -15.10 -19.04
N SER A 81 -8.53 -16.41 -18.94
CA SER A 81 -7.15 -16.91 -18.99
C SER A 81 -6.23 -16.31 -17.91
N GLN A 82 -6.81 -15.94 -16.77
CA GLN A 82 -6.07 -15.47 -15.62
C GLN A 82 -6.51 -16.24 -14.38
N THR A 83 -5.74 -16.14 -13.29
CA THR A 83 -6.11 -16.72 -12.01
C THR A 83 -6.16 -15.61 -11.00
N LEU A 84 -7.34 -15.28 -10.50
CA LEU A 84 -7.52 -14.25 -9.49
C LEU A 84 -7.46 -14.91 -8.11
N GLN A 85 -6.78 -14.27 -7.16
CA GLN A 85 -6.57 -14.80 -5.82
C GLN A 85 -6.78 -13.75 -4.73
N THR A 86 -7.59 -14.09 -3.71
CA THR A 86 -7.67 -13.28 -2.48
C THR A 86 -6.96 -14.00 -1.33
N PHE A 87 -6.29 -13.24 -0.47
CA PHE A 87 -5.58 -13.81 0.66
C PHE A 87 -5.99 -13.05 1.93
N LYS A 88 -6.66 -13.76 2.83
CA LYS A 88 -7.29 -13.16 4.00
C LYS A 88 -6.47 -13.31 5.28
N ALA A 89 -5.38 -14.07 5.23
CA ALA A 89 -4.51 -14.20 6.40
C ALA A 89 -3.86 -12.87 6.73
N ARG A 90 -3.90 -12.50 8.00
CA ARG A 90 -3.32 -11.24 8.50
CA ARG A 90 -3.30 -11.26 8.48
C ARG A 90 -3.93 -10.01 7.83
N GLN A 91 -5.15 -10.14 7.32
CA GLN A 91 -5.81 -9.03 6.60
C GLN A 91 -6.26 -7.88 7.51
N GLY A 92 -6.35 -8.16 8.80
CA GLY A 92 -6.74 -7.17 9.78
C GLY A 92 -8.17 -6.70 9.62
N LEU A 93 -9.08 -7.65 9.44
CA LEU A 93 -10.51 -7.33 9.42
C LEU A 93 -10.88 -6.63 10.73
N GLY A 94 -11.45 -5.44 10.61
CA GLY A 94 -11.85 -4.65 11.78
C GLY A 94 -10.83 -3.60 12.18
N ALA A 95 -9.81 -3.39 11.35
CA ALA A 95 -8.88 -2.28 11.57
C ALA A 95 -9.63 -0.96 11.48
N SER A 96 -10.70 -0.94 10.70
CA SER A 96 -11.68 0.13 10.80
C SER A 96 -13.09 -0.44 10.68
N VAL A 97 -14.02 0.16 11.42
CA VAL A 97 -15.43 -0.17 11.32
C VAL A 97 -16.22 1.14 11.36
N VAL A 98 -17.29 1.19 10.58
CA VAL A 98 -18.16 2.35 10.56
C VAL A 98 -19.60 1.89 10.31
N SER A 99 -20.55 2.54 10.96
CA SER A 99 -21.96 2.18 10.81
C SER A 99 -22.69 3.29 10.05
N TRP A 100 -23.63 2.90 9.21
CA TRP A 100 -24.52 3.85 8.55
C TRP A 100 -25.88 3.20 8.35
N SER A 101 -26.94 3.89 8.76
CA SER A 101 -28.29 3.33 8.72
C SER A 101 -28.29 1.95 9.37
N ASP A 102 -28.78 0.94 8.66
CA ASP A 102 -28.82 -0.43 9.17
C ASP A 102 -27.65 -1.28 8.64
N VAL A 103 -26.58 -0.61 8.21
CA VAL A 103 -25.42 -1.28 7.62
C VAL A 103 -24.15 -1.07 8.45
N ILE A 104 -23.34 -2.12 8.57
CA ILE A 104 -22.02 -2.03 9.19
C ILE A 104 -20.99 -2.30 8.10
N VAL A 105 -19.99 -1.42 8.00
CA VAL A 105 -18.90 -1.55 7.06
C VAL A 105 -17.61 -1.77 7.85
N ALA A 106 -17.02 -2.96 7.73
CA ALA A 106 -15.80 -3.31 8.45
C ALA A 106 -14.72 -3.63 7.42
N CYS A 107 -13.57 -2.96 7.54
CA CYS A 107 -12.54 -3.09 6.52
C CYS A 107 -11.35 -3.90 6.99
N ALA A 108 -10.71 -4.55 6.02
CA ALA A 108 -9.51 -5.33 6.21
C ALA A 108 -8.45 -4.66 5.32
N PRO A 109 -7.71 -3.71 5.87
CA PRO A 109 -6.79 -2.93 5.03
C PRO A 109 -5.61 -3.71 4.44
N TRP A 110 -5.26 -4.85 5.02
CA TRP A 110 -4.11 -5.62 4.57
C TRP A 110 -4.48 -6.94 3.91
N GLN A 111 -5.74 -7.11 3.53
CA GLN A 111 -6.11 -8.23 2.68
C GLN A 111 -5.26 -8.15 1.41
N HIS A 112 -4.66 -9.26 1.02
CA HIS A 112 -3.79 -9.28 -0.14
C HIS A 112 -4.53 -9.86 -1.36
N TRP A 113 -3.94 -9.60 -2.52
CA TRP A 113 -4.57 -9.92 -3.78
C TRP A 113 -3.46 -10.23 -4.77
N ASN A 114 -3.71 -11.18 -5.67
CA ASN A 114 -2.79 -11.41 -6.77
C ASN A 114 -3.54 -11.90 -8.00
N VAL A 115 -2.94 -11.73 -9.16
CA VAL A 115 -3.46 -12.24 -10.43
C VAL A 115 -2.30 -12.90 -11.15
N LEU A 116 -2.45 -14.16 -11.51
CA LEU A 116 -1.44 -14.90 -12.24
C LEU A 116 -1.91 -15.10 -13.68
N GLU A 117 -0.95 -15.11 -14.59
CA GLU A 117 -1.22 -15.34 -16.00
C GLU A 117 0.03 -15.98 -16.60
N LYS A 118 -0.04 -17.28 -16.86
CA LYS A 118 1.13 -18.06 -17.25
C LYS A 118 2.26 -17.83 -16.22
N THR A 119 3.43 -17.38 -16.66
CA THR A 119 4.56 -17.22 -15.74
C THR A 119 4.60 -15.84 -15.12
N GLU A 120 3.68 -14.95 -15.49
CA GLU A 120 3.67 -13.58 -14.97
C GLU A 120 2.62 -13.39 -13.89
N GLU A 121 2.67 -12.26 -13.21
CA GLU A 121 1.73 -11.94 -12.15
C GLU A 121 1.53 -10.45 -11.95
N ALA A 122 0.46 -10.08 -11.24
CA ALA A 122 0.25 -8.69 -10.82
C ALA A 122 1.19 -8.33 -9.67
N GLU A 123 1.55 -9.32 -8.87
CA GLU A 123 2.24 -9.18 -7.57
C GLU A 123 1.24 -9.30 -6.42
N LYS A 124 1.62 -10.08 -5.40
CA LYS A 124 0.79 -10.29 -4.23
C LYS A 124 0.94 -9.06 -3.34
N THR A 125 -0.13 -8.28 -3.23
CA THR A 125 -0.06 -6.95 -2.61
C THR A 125 -1.32 -6.61 -1.79
N PRO A 126 -1.17 -5.78 -0.74
CA PRO A 126 -2.30 -5.41 0.10
C PRO A 126 -3.24 -4.34 -0.50
N VAL A 127 -4.16 -4.77 -1.36
CA VAL A 127 -5.15 -3.88 -1.95
C VAL A 127 -6.21 -3.45 -0.94
N GLY A 128 -6.35 -4.20 0.15
CA GLY A 128 -7.41 -3.96 1.11
C GLY A 128 -8.75 -4.42 0.57
N SER A 129 -9.73 -4.51 1.46
CA SER A 129 -11.11 -4.87 1.11
C SER A 129 -12.03 -4.50 2.27
N CYS A 130 -13.25 -4.06 1.97
CA CYS A 130 -14.24 -3.81 3.02
C CYS A 130 -15.35 -4.82 2.94
N PHE A 131 -15.85 -5.23 4.10
CA PHE A 131 -16.96 -6.17 4.20
C PHE A 131 -18.16 -5.41 4.69
N LEU A 132 -19.30 -5.63 4.05
CA LEU A 132 -20.53 -4.92 4.37
C LEU A 132 -21.56 -5.89 4.87
N ALA A 133 -22.13 -5.59 6.03
CA ALA A 133 -23.15 -6.43 6.65
C ALA A 133 -24.40 -5.61 6.93
N GLN A 134 -25.55 -6.23 6.70
CA GLN A 134 -26.83 -5.68 7.10
C GLN A 134 -27.41 -6.68 8.11
N PRO A 135 -27.07 -6.53 9.40
CA PRO A 135 -27.31 -7.54 10.44
C PRO A 135 -28.73 -8.06 10.56
N GLU A 136 -29.72 -7.17 10.48
CA GLU A 136 -31.12 -7.57 10.63
C GLU A 136 -31.68 -8.38 9.47
N SER A 137 -30.90 -8.54 8.40
CA SER A 137 -31.31 -9.36 7.25
C SER A 137 -30.33 -10.48 6.92
N GLY A 138 -29.06 -10.30 7.29
CA GLY A 138 -28.03 -11.26 7.00
C GLY A 138 -27.32 -11.00 5.68
N ARG A 139 -27.70 -9.93 4.99
CA ARG A 139 -27.10 -9.63 3.70
C ARG A 139 -25.65 -9.27 3.88
N ARG A 140 -24.82 -9.75 2.96
CA ARG A 140 -23.40 -9.48 2.98
C ARG A 140 -23.00 -9.01 1.61
N ALA A 141 -22.05 -8.07 1.58
CA ALA A 141 -21.46 -7.60 0.34
C ALA A 141 -20.03 -7.22 0.63
N GLU A 142 -19.25 -7.01 -0.43
CA GLU A 142 -17.87 -6.57 -0.30
C GLU A 142 -17.60 -5.42 -1.25
N TYR A 143 -16.53 -4.68 -0.97
CA TYR A 143 -16.10 -3.60 -1.82
C TYR A 143 -14.58 -3.58 -1.77
N SER A 144 -13.94 -3.64 -2.93
CA SER A 144 -12.49 -3.75 -3.00
C SER A 144 -12.00 -3.02 -4.24
N PRO A 145 -12.11 -1.69 -4.22
CA PRO A 145 -11.94 -0.91 -5.45
C PRO A 145 -10.53 -0.89 -6.06
N CYS A 146 -9.54 -1.41 -5.34
CA CYS A 146 -8.16 -1.35 -5.82
C CYS A 146 -7.68 -2.61 -6.53
N ARG A 147 -8.45 -3.69 -6.44
CA ARG A 147 -8.08 -4.91 -7.16
C ARG A 147 -7.98 -4.62 -8.64
N GLY A 148 -6.99 -5.20 -9.29
CA GLY A 148 -6.80 -5.05 -10.73
C GLY A 148 -6.45 -6.39 -11.36
N ASN A 149 -6.37 -6.42 -12.68
CA ASN A 149 -5.92 -7.62 -13.40
C ASN A 149 -4.79 -7.29 -14.35
N THR A 150 -4.06 -6.22 -14.04
CA THR A 150 -2.91 -5.81 -14.82
C THR A 150 -1.67 -6.49 -14.30
N LEU A 151 -0.82 -6.95 -15.22
CA LEU A 151 0.39 -7.68 -14.86
C LEU A 151 1.54 -6.72 -14.50
N SER A 152 2.45 -7.22 -13.69
CA SER A 152 3.62 -6.49 -13.20
C SER A 152 4.37 -5.71 -14.28
N ARG A 153 4.63 -6.40 -15.38
CA ARG A 153 5.33 -5.83 -16.53
C ARG A 153 4.72 -4.54 -17.09
N ILE A 154 3.39 -4.46 -17.13
CA ILE A 154 2.71 -3.31 -17.73
C ILE A 154 2.89 -2.06 -16.86
N TYR A 155 2.85 -2.24 -15.54
CA TYR A 155 3.16 -1.14 -14.64
C TYR A 155 4.58 -0.62 -14.91
N VAL A 156 5.53 -1.53 -15.07
CA VAL A 156 6.92 -1.14 -15.34
C VAL A 156 6.99 -0.33 -16.63
N GLU A 157 6.31 -0.82 -17.66
CA GLU A 157 6.30 -0.17 -18.96
C GLU A 157 5.60 1.18 -18.95
N ASN A 158 4.77 1.42 -17.93
CA ASN A 158 4.06 2.70 -17.80
C ASN A 158 4.49 3.50 -16.57
N ASP A 159 5.74 3.32 -16.15
CA ASP A 159 6.32 4.06 -15.02
C ASP A 159 5.45 4.06 -13.76
N PHE A 160 4.81 2.93 -13.50
CA PHE A 160 4.03 2.73 -12.28
C PHE A 160 2.94 3.79 -12.08
N SER A 161 2.30 4.18 -13.17
CA SER A 161 1.18 5.10 -13.10
C SER A 161 -0.10 4.33 -12.74
N TRP A 162 -0.99 5.00 -12.01
CA TRP A 162 -2.28 4.43 -11.62
CA TRP A 162 -2.28 4.43 -11.65
C TRP A 162 -2.11 3.07 -10.97
N ASP A 163 -1.09 2.97 -10.12
CA ASP A 163 -0.76 1.75 -9.42
C ASP A 163 -1.50 1.67 -8.10
N LYS A 164 -2.58 0.90 -8.08
CA LYS A 164 -3.44 0.78 -6.91
C LYS A 164 -3.16 -0.49 -6.13
N ARG A 165 -2.02 -1.14 -6.40
CA ARG A 165 -1.75 -2.45 -5.82
C ARG A 165 -1.52 -2.46 -4.31
N TYR A 166 -1.15 -1.32 -3.72
CA TYR A 166 -0.80 -1.28 -2.29
C TYR A 166 -1.75 -0.35 -1.54
N CYS A 167 -2.94 -0.14 -2.08
CA CYS A 167 -3.92 0.81 -1.55
C CYS A 167 -4.15 0.72 -0.05
N GLU A 168 -4.34 -0.49 0.44
CA GLU A 168 -4.88 -0.73 1.77
C GLU A 168 -6.22 0.00 1.92
N ALA A 169 -7.11 -0.22 0.95
CA ALA A 169 -8.44 0.34 0.96
C ALA A 169 -9.12 0.03 2.28
N GLY A 170 -9.76 1.04 2.87
CA GLY A 170 -10.41 0.91 4.17
C GLY A 170 -9.49 1.07 5.37
N PHE A 171 -8.24 1.47 5.14
CA PHE A 171 -7.33 1.93 6.21
C PHE A 171 -8.08 2.95 7.08
N SER A 172 -8.76 3.89 6.43
CA SER A 172 -9.72 4.76 7.09
C SER A 172 -11.02 4.73 6.31
N SER A 173 -12.11 5.12 6.95
CA SER A 173 -13.42 5.06 6.32
C SER A 173 -14.40 6.02 6.97
N VAL A 174 -15.36 6.49 6.19
CA VAL A 174 -16.44 7.33 6.69
C VAL A 174 -17.60 7.15 5.72
N VAL A 175 -18.83 7.40 6.18
CA VAL A 175 -20.00 7.33 5.32
C VAL A 175 -20.75 8.66 5.40
N THR A 176 -21.12 9.22 4.25
CA THR A 176 -21.91 10.46 4.23
C THR A 176 -23.34 10.15 4.69
N GLN A 177 -24.11 11.19 4.99
N GLN A 177 -24.10 11.20 4.98
CA GLN A 177 -25.50 11.04 5.43
CA GLN A 177 -25.50 11.04 5.43
C GLN A 177 -26.36 10.40 4.34
C GLN A 177 -26.36 10.40 4.34
N ALA A 178 -26.04 10.70 3.09
CA ALA A 178 -26.75 10.12 1.95
C ALA A 178 -26.44 8.64 1.72
N GLY A 179 -25.39 8.13 2.35
CA GLY A 179 -25.02 6.72 2.20
C GLY A 179 -23.92 6.46 1.19
N GLU A 180 -23.06 7.46 0.95
CA GLU A 180 -21.82 7.24 0.18
C GLU A 180 -20.69 6.78 1.13
N LEU A 181 -20.14 5.61 0.83
CA LEU A 181 -18.99 5.09 1.58
C LEU A 181 -17.75 5.72 0.98
N VAL A 182 -16.94 6.38 1.80
CA VAL A 182 -15.67 6.92 1.37
C VAL A 182 -14.57 6.19 2.12
N LEU A 183 -13.64 5.59 1.38
CA LEU A 183 -12.52 4.87 1.97
C LEU A 183 -11.22 5.60 1.74
N GLY A 184 -10.39 5.69 2.78
CA GLY A 184 -9.02 6.12 2.63
C GLY A 184 -8.12 4.94 2.32
N ALA A 185 -7.18 5.13 1.40
CA ALA A 185 -6.26 4.09 0.95
C ALA A 185 -4.88 4.71 0.82
N PRO A 186 -4.14 4.82 1.93
CA PRO A 186 -2.91 5.62 1.95
C PRO A 186 -1.78 5.07 1.09
N GLY A 187 -1.84 3.78 0.76
CA GLY A 187 -0.86 3.20 -0.15
C GLY A 187 -1.18 3.38 -1.63
N GLY A 188 -2.32 4.01 -1.93
CA GLY A 188 -2.75 4.24 -3.31
C GLY A 188 -1.71 4.95 -4.15
N TYR A 189 -1.66 4.57 -5.44
CA TYR A 189 -0.77 5.21 -6.42
C TYR A 189 0.65 5.26 -5.89
N TYR A 190 1.15 4.09 -5.54
CA TYR A 190 2.51 3.92 -5.04
C TYR A 190 2.78 4.83 -3.85
N PHE A 191 1.86 4.80 -2.89
CA PHE A 191 2.01 5.44 -1.58
C PHE A 191 1.80 6.96 -1.55
N LEU A 192 1.29 7.55 -2.63
CA LEU A 192 0.72 8.90 -2.53
C LEU A 192 -0.50 8.83 -1.63
N GLY A 193 -1.40 7.90 -1.95
CA GLY A 193 -2.67 7.75 -1.26
C GLY A 193 -3.81 8.10 -2.19
N LEU A 194 -4.97 7.50 -1.95
CA LEU A 194 -6.17 7.79 -2.73
C LEU A 194 -7.43 7.59 -1.89
N LEU A 195 -8.53 8.12 -2.42
CA LEU A 195 -9.84 7.95 -1.84
C LEU A 195 -10.75 7.21 -2.83
N ALA A 196 -11.57 6.31 -2.30
CA ALA A 196 -12.52 5.56 -3.10
C ALA A 196 -13.91 5.80 -2.54
N GLN A 197 -14.85 6.21 -3.39
CA GLN A 197 -16.21 6.51 -2.97
C GLN A 197 -17.18 5.64 -3.77
N ALA A 198 -18.19 5.10 -3.09
CA ALA A 198 -19.29 4.43 -3.77
C ALA A 198 -20.51 4.38 -2.84
N PRO A 199 -21.71 4.57 -3.40
CA PRO A 199 -22.92 4.45 -2.60
C PRO A 199 -23.07 3.04 -2.00
N VAL A 200 -23.44 2.95 -0.74
CA VAL A 200 -23.60 1.66 -0.10
C VAL A 200 -24.63 0.80 -0.85
N ALA A 201 -25.73 1.42 -1.28
CA ALA A 201 -26.77 0.73 -2.06
C ALA A 201 -26.20 0.02 -3.28
N ASP A 202 -25.31 0.73 -3.98
CA ASP A 202 -24.73 0.23 -5.21
C ASP A 202 -23.68 -0.86 -4.95
N ILE A 203 -22.97 -0.77 -3.84
CA ILE A 203 -22.04 -1.81 -3.43
C ILE A 203 -22.83 -3.11 -3.25
N PHE A 204 -23.92 -3.04 -2.50
CA PHE A 204 -24.78 -4.21 -2.29
C PHE A 204 -25.38 -4.77 -3.55
N SER A 205 -25.88 -3.91 -4.43
CA SER A 205 -26.59 -4.39 -5.62
C SER A 205 -25.67 -4.88 -6.75
N SER A 206 -24.38 -4.52 -6.71
CA SER A 206 -23.44 -4.95 -7.74
C SER A 206 -22.56 -6.13 -7.31
N TYR A 207 -22.65 -6.53 -6.04
CA TYR A 207 -21.80 -7.60 -5.50
C TYR A 207 -22.46 -8.95 -5.61
N ARG A 208 -21.69 -9.94 -6.06
CA ARG A 208 -22.06 -11.35 -5.99
C ARG A 208 -20.81 -12.13 -5.59
N PRO A 209 -20.97 -13.19 -4.79
CA PRO A 209 -19.80 -13.93 -4.36
C PRO A 209 -19.10 -14.67 -5.49
N GLY A 210 -17.78 -14.73 -5.42
CA GLY A 210 -16.99 -15.52 -6.36
C GLY A 210 -16.51 -14.79 -7.59
N ILE A 211 -17.01 -13.57 -7.82
CA ILE A 211 -16.68 -12.79 -9.00
C ILE A 211 -15.32 -12.14 -8.82
N LEU A 212 -15.09 -11.52 -7.65
CA LEU A 212 -13.79 -10.94 -7.25
C LEU A 212 -13.42 -9.64 -7.98
N LEU A 213 -13.58 -9.59 -9.29
CA LEU A 213 -13.39 -8.35 -10.04
C LEU A 213 -14.69 -7.93 -10.69
N TRP A 214 -15.30 -6.88 -10.17
CA TRP A 214 -16.57 -6.41 -10.71
C TRP A 214 -16.70 -4.89 -10.69
N HIS A 215 -17.70 -4.39 -11.39
CA HIS A 215 -17.89 -2.96 -11.59
C HIS A 215 -18.95 -2.40 -10.66
N VAL A 216 -18.60 -1.30 -9.99
CA VAL A 216 -19.57 -0.47 -9.30
C VAL A 216 -19.61 0.86 -10.07
N SER A 217 -20.58 0.99 -10.95
CA SER A 217 -20.59 2.06 -11.94
C SER A 217 -20.60 3.45 -11.34
N SER A 218 -21.20 3.59 -10.16
CA SER A 218 -21.33 4.88 -9.51
C SER A 218 -20.11 5.27 -8.68
N GLN A 219 -19.05 4.45 -8.70
CA GLN A 219 -17.89 4.69 -7.85
C GLN A 219 -17.04 5.81 -8.41
N SER A 220 -16.17 6.35 -7.56
CA SER A 220 -15.38 7.54 -7.88
C SER A 220 -14.10 7.52 -7.06
N LEU A 221 -12.96 7.39 -7.74
CA LEU A 221 -11.66 7.35 -7.09
C LEU A 221 -10.93 8.67 -7.33
N SER A 222 -10.08 9.05 -6.39
CA SER A 222 -9.22 10.23 -6.57
C SER A 222 -8.14 9.94 -7.61
N PHE A 223 -7.23 10.89 -7.82
CA PHE A 223 -6.30 10.83 -8.94
C PHE A 223 -4.85 10.65 -8.55
N ASP A 224 -4.06 10.21 -9.54
CA ASP A 224 -2.63 10.08 -9.40
C ASP A 224 -1.98 11.41 -9.75
N SER A 225 -0.76 11.61 -9.28
CA SER A 225 -0.07 12.87 -9.45
C SER A 225 1.41 12.64 -9.66
N SER A 226 2.04 13.58 -10.34
CA SER A 226 3.48 13.58 -10.57
C SER A 226 4.15 14.65 -9.71
N ASN A 227 3.37 15.25 -8.81
CA ASN A 227 3.87 16.27 -7.91
C ASN A 227 4.59 15.60 -6.75
N PRO A 228 5.91 15.77 -6.65
CA PRO A 228 6.68 15.11 -5.60
C PRO A 228 6.26 15.45 -4.16
N GLU A 229 5.62 16.62 -3.97
CA GLU A 229 5.09 16.99 -2.66
C GLU A 229 4.17 15.90 -2.10
N TYR A 230 3.49 15.20 -3.00
CA TYR A 230 2.55 14.15 -2.61
C TYR A 230 3.18 12.78 -2.40
N PHE A 231 4.44 12.60 -2.80
CA PHE A 231 5.04 11.26 -2.76
C PHE A 231 5.15 10.78 -1.32
N ASP A 232 4.74 9.53 -1.09
CA ASP A 232 4.74 8.92 0.23
C ASP A 232 4.00 9.77 1.29
N GLY A 233 2.97 10.49 0.84
CA GLY A 233 2.22 11.39 1.72
C GLY A 233 1.14 10.71 2.56
N TYR A 234 0.80 9.48 2.20
CA TYR A 234 -0.22 8.68 2.90
C TYR A 234 -1.54 9.42 2.99
N TRP A 235 -1.91 10.01 1.86
CA TRP A 235 -3.16 10.71 1.67
C TRP A 235 -4.31 9.71 1.79
N GLY A 236 -5.08 9.82 2.87
CA GLY A 236 -6.10 8.83 3.19
C GLY A 236 -5.81 8.02 4.44
N TYR A 237 -4.73 8.37 5.15
CA TYR A 237 -4.42 7.79 6.46
C TYR A 237 -5.60 8.03 7.40
N SER A 238 -6.24 9.19 7.23
CA SER A 238 -7.47 9.50 7.96
C SER A 238 -8.41 10.26 7.04
N VAL A 239 -9.71 10.13 7.31
CA VAL A 239 -10.70 10.73 6.46
C VAL A 239 -11.92 11.17 7.29
N ALA A 240 -12.58 12.23 6.85
CA ALA A 240 -13.83 12.70 7.47
C ALA A 240 -14.67 13.45 6.46
N VAL A 241 -15.93 13.72 6.78
CA VAL A 241 -16.79 14.52 5.90
C VAL A 241 -17.41 15.67 6.65
N GLY A 242 -17.79 16.70 5.91
CA GLY A 242 -18.41 17.87 6.49
C GLY A 242 -18.92 18.85 5.45
N GLU A 243 -19.41 19.98 5.93
CA GLU A 243 -19.95 21.04 5.07
C GLU A 243 -19.07 22.27 5.23
N PHE A 244 -18.30 22.57 4.18
CA PHE A 244 -17.31 23.64 4.22
C PHE A 244 -17.39 24.64 3.06
N ASP A 245 -18.29 24.40 2.09
CA ASP A 245 -18.43 25.30 0.93
C ASP A 245 -19.77 26.04 0.89
N GLY A 246 -20.54 25.98 1.98
CA GLY A 246 -21.79 26.73 2.07
C GLY A 246 -22.96 26.17 1.29
N ASP A 247 -22.68 25.32 0.30
CA ASP A 247 -23.71 24.68 -0.52
C ASP A 247 -24.11 23.37 0.15
N LEU A 248 -25.27 23.36 0.80
CA LEU A 248 -25.76 22.20 1.55
C LEU A 248 -26.07 20.97 0.66
N ASN A 249 -26.19 21.20 -0.64
CA ASN A 249 -26.44 20.12 -1.59
C ASN A 249 -25.18 19.30 -1.91
N THR A 250 -24.01 19.90 -1.71
CA THR A 250 -22.73 19.22 -1.90
C THR A 250 -22.17 18.77 -0.58
N THR A 251 -21.46 17.64 -0.58
CA THR A 251 -20.73 17.19 0.59
C THR A 251 -19.23 17.34 0.35
N GLU A 252 -18.51 17.78 1.38
CA GLU A 252 -17.06 17.96 1.30
C GLU A 252 -16.34 16.88 2.08
N TYR A 253 -15.18 16.47 1.56
CA TYR A 253 -14.34 15.48 2.23
C TYR A 253 -13.12 16.12 2.86
N VAL A 254 -12.70 15.56 3.99
CA VAL A 254 -11.51 15.99 4.71
C VAL A 254 -10.54 14.82 4.74
N VAL A 255 -9.33 15.04 4.22
CA VAL A 255 -8.35 13.96 4.10
C VAL A 255 -7.04 14.26 4.83
N GLY A 256 -6.56 13.29 5.61
CA GLY A 256 -5.28 13.42 6.28
C GLY A 256 -4.16 12.82 5.44
N ALA A 257 -3.10 13.60 5.25
CA ALA A 257 -1.90 13.13 4.55
C ALA A 257 -0.72 13.44 5.46
N PRO A 258 -0.51 12.60 6.49
CA PRO A 258 0.39 12.93 7.59
C PRO A 258 1.87 12.96 7.27
N THR A 259 2.26 12.47 6.10
CA THR A 259 3.67 12.53 5.68
C THR A 259 3.84 13.32 4.39
N TRP A 260 2.80 14.07 4.01
CA TRP A 260 2.79 14.91 2.81
C TRP A 260 3.98 15.86 2.83
N SER A 261 4.53 16.13 1.65
CA SER A 261 5.66 17.06 1.50
C SER A 261 6.79 16.73 2.46
N TRP A 262 7.44 15.59 2.22
CA TRP A 262 8.63 15.20 2.95
C TRP A 262 8.39 15.16 4.46
N THR A 263 7.25 14.60 4.84
CA THR A 263 6.87 14.41 6.24
C THR A 263 6.49 15.71 6.98
N LEU A 264 6.27 16.80 6.24
CA LEU A 264 5.67 18.00 6.84
C LEU A 264 4.23 17.72 7.30
N GLY A 265 3.51 16.92 6.52
CA GLY A 265 2.13 16.59 6.83
C GLY A 265 1.14 17.62 6.30
N ALA A 266 -0.08 17.16 6.02
CA ALA A 266 -1.12 18.05 5.55
C ALA A 266 -2.50 17.43 5.74
N VAL A 267 -3.50 18.31 5.82
CA VAL A 267 -4.90 17.91 5.70
C VAL A 267 -5.53 18.73 4.58
N GLU A 268 -6.37 18.10 3.77
CA GLU A 268 -7.03 18.78 2.67
C GLU A 268 -8.54 18.70 2.79
N ILE A 269 -9.20 19.80 2.41
CA ILE A 269 -10.65 19.82 2.26
C ILE A 269 -10.96 19.81 0.77
N LEU A 270 -11.78 18.85 0.36
CA LEU A 270 -12.03 18.59 -1.06
C LEU A 270 -13.52 18.58 -1.34
N ASP A 271 -13.90 18.85 -2.58
CA ASP A 271 -15.27 18.60 -3.02
C ASP A 271 -15.39 17.13 -3.40
N SER A 272 -16.59 16.69 -3.73
CA SER A 272 -16.86 15.27 -3.97
C SER A 272 -16.30 14.79 -5.31
N TYR A 273 -15.90 15.72 -6.17
CA TYR A 273 -15.13 15.42 -7.37
C TYR A 273 -13.62 15.37 -7.10
N TYR A 274 -13.21 15.56 -5.85
CA TYR A 274 -11.81 15.60 -5.41
C TYR A 274 -11.02 16.82 -5.89
N GLN A 275 -11.70 17.94 -6.10
CA GLN A 275 -11.02 19.20 -6.32
C GLN A 275 -10.66 19.76 -4.96
N ARG A 276 -9.40 20.15 -4.79
CA ARG A 276 -8.93 20.71 -3.54
CA ARG A 276 -8.94 20.70 -3.54
C ARG A 276 -9.58 22.07 -3.31
N LEU A 277 -10.19 22.25 -2.15
CA LEU A 277 -10.79 23.52 -1.74
C LEU A 277 -9.86 24.26 -0.77
N HIS A 278 -9.21 23.51 0.11
N HIS A 278 -9.25 23.51 0.15
CA HIS A 278 -8.22 24.12 0.99
CA HIS A 278 -8.31 24.04 1.14
C HIS A 278 -7.19 23.10 1.44
C HIS A 278 -7.15 23.07 1.34
N ARG A 279 -6.00 23.59 1.76
CA ARG A 279 -4.94 22.76 2.31
C ARG A 279 -4.44 23.39 3.60
N LEU A 280 -4.34 22.58 4.62
CA LEU A 280 -3.79 22.97 5.89
C LEU A 280 -2.46 22.25 6.00
N ARG A 281 -1.39 23.02 6.17
CA ARG A 281 -0.04 22.47 6.21
C ARG A 281 0.37 22.15 7.63
N GLY A 282 1.26 21.18 7.77
CA GLY A 282 1.82 20.82 9.06
C GLY A 282 2.76 21.89 9.57
N GLU A 283 2.97 21.90 10.87
CA GLU A 283 3.78 22.90 11.55
C GLU A 283 5.22 22.42 11.75
N GLN A 284 5.41 21.11 11.81
CA GLN A 284 6.69 20.52 12.20
C GLN A 284 6.86 19.13 11.60
N MET A 285 8.00 18.89 10.97
CA MET A 285 8.25 17.63 10.29
C MET A 285 8.19 16.45 11.26
N ALA A 286 7.68 15.33 10.75
CA ALA A 286 7.50 14.08 11.51
C ALA A 286 6.46 14.15 12.65
N SER A 287 5.77 15.28 12.79
CA SER A 287 4.76 15.41 13.85
C SER A 287 3.49 14.58 13.57
N TYR A 288 3.37 14.09 12.33
CA TYR A 288 2.20 13.31 11.90
C TYR A 288 0.89 14.12 11.92
N PHE A 289 1.02 15.39 11.54
CA PHE A 289 -0.12 16.29 11.34
C PHE A 289 -1.03 15.69 10.28
N GLY A 290 -2.22 15.28 10.69
CA GLY A 290 -3.17 14.58 9.79
C GLY A 290 -3.39 13.12 10.17
N HIS A 291 -2.78 12.69 11.27
CA HIS A 291 -3.03 11.37 11.83
C HIS A 291 -4.50 11.19 12.14
N SER A 292 -5.08 12.25 12.69
CA SER A 292 -6.50 12.29 13.01
CA SER A 292 -6.50 12.28 13.01
C SER A 292 -7.11 13.60 12.54
N VAL A 293 -8.33 13.52 12.05
CA VAL A 293 -9.09 14.69 11.65
C VAL A 293 -10.48 14.53 12.26
N ALA A 294 -11.10 15.63 12.64
CA ALA A 294 -12.46 15.60 13.18
C ALA A 294 -13.21 16.83 12.71
N VAL A 295 -14.49 16.65 12.44
CA VAL A 295 -15.36 17.72 11.96
C VAL A 295 -16.58 17.84 12.89
N THR A 296 -16.78 19.03 13.43
CA THR A 296 -17.89 19.31 14.34
C THR A 296 -17.95 20.81 14.57
N ASP A 297 -19.15 21.39 14.62
CA ASP A 297 -19.29 22.83 14.91
C ASP A 297 -19.18 23.04 16.41
N VAL A 298 -18.10 23.68 16.86
CA VAL A 298 -17.82 23.83 18.29
C VAL A 298 -18.20 25.19 18.88
N ASN A 299 -18.41 26.20 18.04
CA ASN A 299 -18.73 27.56 18.53
C ASN A 299 -20.15 28.02 18.23
N GLY A 300 -21.02 27.07 17.94
CA GLY A 300 -22.46 27.34 17.88
C GLY A 300 -22.99 28.18 16.74
N ASP A 301 -22.21 28.40 15.70
CA ASP A 301 -22.66 29.24 14.58
C ASP A 301 -23.23 28.42 13.41
N GLY A 302 -23.27 27.10 13.55
CA GLY A 302 -23.81 26.23 12.52
C GLY A 302 -22.85 25.92 11.39
N ARG A 303 -21.62 26.41 11.49
CA ARG A 303 -20.61 26.13 10.50
C ARG A 303 -19.64 25.11 11.07
N HIS A 304 -19.49 23.97 10.39
CA HIS A 304 -18.56 22.92 10.81
C HIS A 304 -17.14 23.46 10.96
N ASP A 305 -16.49 23.06 12.04
CA ASP A 305 -15.11 23.42 12.30
C ASP A 305 -14.25 22.17 12.12
N LEU A 306 -12.96 22.37 11.93
CA LEU A 306 -12.04 21.27 11.66
C LEU A 306 -11.02 21.15 12.78
N LEU A 307 -10.79 19.91 13.23
CA LEU A 307 -9.77 19.61 14.22
C LEU A 307 -8.79 18.61 13.62
N VAL A 308 -7.50 18.89 13.75
CA VAL A 308 -6.45 18.03 13.21
C VAL A 308 -5.50 17.67 14.32
N GLY A 309 -5.08 16.41 14.34
CA GLY A 309 -4.16 15.90 15.36
C GLY A 309 -2.78 15.66 14.78
N ALA A 310 -1.77 16.06 15.55
CA ALA A 310 -0.35 15.85 15.25
C ALA A 310 0.29 15.26 16.50
N PRO A 311 0.14 13.94 16.70
CA PRO A 311 0.45 13.30 17.98
C PRO A 311 1.94 13.14 18.30
N LEU A 312 2.82 13.38 17.33
CA LEU A 312 4.24 13.35 17.61
C LEU A 312 4.87 14.76 17.54
N TYR A 313 4.04 15.79 17.72
CA TYR A 313 4.54 17.16 17.79
C TYR A 313 5.49 17.34 18.98
N MET A 314 6.63 17.98 18.73
CA MET A 314 7.62 18.24 19.77
C MET A 314 7.57 19.70 20.18
N GLU A 315 7.24 19.92 21.44
CA GLU A 315 7.11 21.25 22.01
C GLU A 315 8.49 21.79 22.39
N SER A 316 8.70 23.08 22.20
CA SER A 316 9.94 23.73 22.63
C SER A 316 9.95 23.88 24.14
N ARG A 317 11.09 23.61 24.74
CA ARG A 317 11.28 23.78 26.18
C ARG A 317 12.62 24.45 26.47
N ALA A 318 12.81 24.90 27.71
CA ALA A 318 14.01 25.66 28.10
C ALA A 318 15.32 24.95 27.72
N ASP A 319 16.34 25.76 27.41
CA ASP A 319 17.65 25.29 26.93
C ASP A 319 17.59 24.58 25.56
N ARG A 320 16.83 25.17 24.64
CA ARG A 320 16.72 24.68 23.25
C ARG A 320 16.32 23.19 23.12
N LYS A 321 15.56 22.69 24.08
CA LYS A 321 15.18 21.27 24.12
C LYS A 321 13.76 21.05 23.65
N LEU A 322 13.52 19.86 23.11
CA LEU A 322 12.24 19.52 22.49
C LEU A 322 11.63 18.32 23.21
N ALA A 323 10.31 18.32 23.35
CA ALA A 323 9.60 17.24 24.05
C ALA A 323 8.40 16.77 23.25
N GLU A 324 8.47 15.53 22.77
CA GLU A 324 7.36 14.94 22.04
C GLU A 324 6.17 14.81 22.97
N VAL A 325 5.11 15.54 22.67
CA VAL A 325 3.89 15.53 23.48
C VAL A 325 2.61 15.41 22.66
N GLY A 326 2.67 15.74 21.37
CA GLY A 326 1.49 15.78 20.53
C GLY A 326 0.80 17.15 20.56
N ARG A 327 0.03 17.45 19.52
CA ARG A 327 -0.73 18.69 19.43
C ARG A 327 -2.02 18.50 18.63
N VAL A 328 -3.02 19.33 18.93
CA VAL A 328 -4.27 19.39 18.17
C VAL A 328 -4.52 20.83 17.76
N TYR A 329 -4.95 21.01 16.52
CA TYR A 329 -5.15 22.33 15.93
C TYR A 329 -6.65 22.51 15.63
N LEU A 330 -7.23 23.58 16.18
CA LEU A 330 -8.62 23.92 15.91
C LEU A 330 -8.72 25.00 14.84
N PHE A 331 -9.44 24.69 13.76
CA PHE A 331 -9.73 25.62 12.70
C PHE A 331 -11.24 25.91 12.67
N LEU A 332 -11.61 27.14 12.98
CA LEU A 332 -13.02 27.57 12.95
C LEU A 332 -13.37 28.05 11.56
N GLN A 333 -14.51 27.61 11.04
CA GLN A 333 -14.90 27.97 9.69
C GLN A 333 -15.52 29.35 9.73
N PRO A 334 -14.99 30.29 8.94
CA PRO A 334 -15.54 31.63 8.92
C PRO A 334 -16.78 31.72 8.03
N ARG A 335 -17.40 32.90 8.03
N ARG A 335 -17.40 32.89 8.01
CA ARG A 335 -18.59 33.15 7.21
CA ARG A 335 -18.60 33.12 7.21
C ARG A 335 -18.23 33.42 5.75
C ARG A 335 -18.23 33.42 5.75
N GLY A 336 -19.17 33.14 4.85
CA GLY A 336 -18.97 33.40 3.43
C GLY A 336 -17.97 32.45 2.78
N PRO A 337 -17.60 32.75 1.53
CA PRO A 337 -16.65 31.92 0.78
C PRO A 337 -15.19 32.24 1.10
N HIS A 338 -14.88 32.40 2.38
CA HIS A 338 -13.52 32.71 2.83
C HIS A 338 -12.78 31.43 3.19
N ALA A 339 -11.46 31.46 3.05
CA ALA A 339 -10.63 30.30 3.37
C ALA A 339 -10.60 30.07 4.87
N LEU A 340 -10.30 28.83 5.27
CA LEU A 340 -9.91 28.55 6.63
C LEU A 340 -8.56 29.23 6.85
N GLY A 341 -8.40 29.88 7.99
CA GLY A 341 -7.16 30.60 8.29
C GLY A 341 -6.19 29.80 9.13
N ALA A 342 -5.38 30.52 9.90
CA ALA A 342 -4.53 29.91 10.91
C ALA A 342 -5.41 29.37 12.03
N PRO A 343 -4.84 28.52 12.89
CA PRO A 343 -5.65 27.90 13.93
C PRO A 343 -6.17 28.91 14.96
N SER A 344 -7.42 28.72 15.38
CA SER A 344 -8.00 29.56 16.45
C SER A 344 -7.45 29.12 17.81
N LEU A 345 -7.01 27.87 17.90
CA LEU A 345 -6.52 27.34 19.16
C LEU A 345 -5.59 26.16 18.91
N LEU A 346 -4.50 26.13 19.67
CA LEU A 346 -3.61 24.98 19.72
C LEU A 346 -3.72 24.35 21.10
N LEU A 347 -4.02 23.06 21.12
CA LEU A 347 -3.99 22.27 22.34
C LEU A 347 -2.77 21.35 22.27
N THR A 348 -1.92 21.41 23.29
CA THR A 348 -0.66 20.67 23.31
C THR A 348 -0.66 19.71 24.50
N GLY A 349 -0.21 18.49 24.26
CA GLY A 349 -0.11 17.48 25.31
C GLY A 349 0.90 17.88 26.36
N THR A 350 0.82 17.28 27.54
CA THR A 350 1.72 17.61 28.63
C THR A 350 2.55 16.42 29.14
N GLN A 351 2.30 15.22 28.62
CA GLN A 351 3.08 14.06 29.01
C GLN A 351 4.01 13.66 27.88
N LEU A 352 5.28 13.45 28.23
CA LEU A 352 6.28 13.02 27.26
C LEU A 352 5.84 11.70 26.62
N TYR A 353 5.86 11.66 25.29
CA TYR A 353 5.49 10.48 24.50
C TYR A 353 4.02 10.08 24.63
N GLY A 354 3.17 11.02 25.03
CA GLY A 354 1.77 10.72 25.31
C GLY A 354 0.90 10.54 24.08
N ARG A 355 1.33 11.11 22.96
CA ARG A 355 0.59 11.05 21.70
C ARG A 355 -0.79 11.68 21.81
N PHE A 356 -0.83 12.82 22.48
CA PHE A 356 -2.02 13.66 22.53
C PHE A 356 -2.37 14.05 21.10
N GLY A 357 -3.64 13.93 20.74
CA GLY A 357 -4.08 14.17 19.37
C GLY A 357 -4.05 12.94 18.48
N SER A 358 -3.81 11.78 19.08
CA SER A 358 -3.81 10.52 18.36
C SER A 358 -5.22 10.16 17.90
N ALA A 359 -6.24 10.61 18.63
CA ALA A 359 -7.64 10.47 18.21
C ALA A 359 -8.44 11.68 18.72
N ILE A 360 -9.39 12.15 17.92
CA ILE A 360 -10.26 13.29 18.26
C ILE A 360 -11.70 12.92 17.94
N ALA A 361 -12.57 12.94 18.96
CA ALA A 361 -13.97 12.53 18.78
C ALA A 361 -14.95 13.68 19.10
N PRO A 362 -15.81 14.03 18.13
CA PRO A 362 -16.94 14.88 18.47
C PRO A 362 -17.84 14.17 19.47
N LEU A 363 -18.22 14.87 20.54
CA LEU A 363 -19.04 14.28 21.59
C LEU A 363 -20.50 14.68 21.46
N GLY A 364 -20.79 15.59 20.52
CA GLY A 364 -22.06 16.29 20.49
C GLY A 364 -22.08 17.25 21.65
N ASP A 365 -23.27 17.56 22.16
CA ASP A 365 -23.40 18.51 23.27
C ASP A 365 -23.49 17.74 24.58
N LEU A 366 -22.33 17.48 25.17
CA LEU A 366 -22.21 16.65 26.37
C LEU A 366 -22.96 17.22 27.57
N ASP A 367 -22.92 18.53 27.73
CA ASP A 367 -23.59 19.18 28.87
C ASP A 367 -24.83 19.99 28.46
N ARG A 368 -25.27 19.84 27.20
CA ARG A 368 -26.49 20.47 26.71
C ARG A 368 -26.56 21.98 26.96
N ASP A 369 -25.44 22.67 26.75
CA ASP A 369 -25.40 24.12 26.94
C ASP A 369 -25.55 24.92 25.64
N GLY A 370 -25.68 24.20 24.51
CA GLY A 370 -25.82 24.82 23.19
C GLY A 370 -24.61 24.69 22.29
N TYR A 371 -23.44 24.45 22.88
CA TYR A 371 -22.18 24.29 22.14
C TYR A 371 -21.73 22.84 22.12
N ASN A 372 -21.31 22.35 20.95
CA ASN A 372 -20.74 20.99 20.82
C ASN A 372 -19.37 20.88 21.46
N ASP A 373 -19.01 19.67 21.83
CA ASP A 373 -17.81 19.39 22.59
C ASP A 373 -16.97 18.31 21.91
N ILE A 374 -15.73 18.13 22.37
CA ILE A 374 -14.88 17.07 21.84
C ILE A 374 -14.13 16.33 22.94
N ALA A 375 -13.65 15.15 22.60
CA ALA A 375 -12.68 14.41 23.41
C ALA A 375 -11.42 14.20 22.58
N VAL A 376 -10.25 14.40 23.19
CA VAL A 376 -8.95 14.15 22.56
C VAL A 376 -8.24 13.06 23.33
N ALA A 377 -7.64 12.11 22.62
CA ALA A 377 -6.94 10.98 23.24
C ALA A 377 -5.43 11.21 23.30
N ALA A 378 -4.86 10.91 24.46
CA ALA A 378 -3.41 10.80 24.66
C ALA A 378 -3.14 9.39 25.15
N PRO A 379 -3.08 8.41 24.22
CA PRO A 379 -3.05 7.00 24.59
C PRO A 379 -1.89 6.52 25.46
N TYR A 380 -0.84 7.33 25.59
CA TYR A 380 0.23 7.03 26.54
C TYR A 380 0.45 8.21 27.49
N GLY A 381 -0.60 8.98 27.69
CA GLY A 381 -0.57 10.14 28.57
C GLY A 381 -0.86 9.81 30.03
N GLY A 382 -0.92 10.84 30.87
CA GLY A 382 -1.01 10.67 32.30
C GLY A 382 0.37 10.44 32.89
N PRO A 383 0.54 10.76 34.20
CA PRO A 383 1.81 10.52 34.94
C PRO A 383 2.40 9.10 34.79
N SER A 384 1.54 8.10 34.80
CA SER A 384 1.99 6.70 34.68
C SER A 384 2.21 6.28 33.22
N GLY A 385 1.58 7.00 32.29
CA GLY A 385 1.69 6.69 30.87
C GLY A 385 0.74 5.61 30.39
N ARG A 386 -0.29 5.35 31.20
CA ARG A 386 -1.29 4.32 30.88
C ARG A 386 -2.31 4.78 29.84
N GLY A 387 -2.41 6.09 29.66
CA GLY A 387 -3.34 6.66 28.70
C GLY A 387 -4.34 7.59 29.35
N GLN A 388 -4.87 8.52 28.57
CA GLN A 388 -5.72 9.58 29.07
C GLN A 388 -6.65 10.06 27.97
N VAL A 389 -7.89 10.40 28.31
CA VAL A 389 -8.79 11.06 27.37
C VAL A 389 -9.31 12.36 27.98
N LEU A 390 -9.17 13.45 27.23
CA LEU A 390 -9.45 14.79 27.76
C LEU A 390 -10.63 15.41 27.04
N VAL A 391 -11.60 15.90 27.82
CA VAL A 391 -12.82 16.49 27.28
C VAL A 391 -12.70 18.01 27.24
N PHE A 392 -13.00 18.58 26.08
CA PHE A 392 -13.01 20.02 25.89
C PHE A 392 -14.39 20.47 25.46
N LEU A 393 -14.97 21.40 26.20
CA LEU A 393 -16.29 21.93 25.87
C LEU A 393 -16.18 23.12 24.91
N GLY A 394 -17.14 23.19 23.98
CA GLY A 394 -17.24 24.30 23.05
C GLY A 394 -17.78 25.56 23.70
N GLN A 395 -17.55 26.70 23.05
CA GLN A 395 -18.02 28.00 23.51
C GLN A 395 -17.98 28.99 22.33
N SER A 396 -18.46 30.21 22.56
CA SER A 396 -18.45 31.23 21.49
C SER A 396 -17.05 31.45 20.88
N GLU A 397 -16.03 31.35 21.72
CA GLU A 397 -14.64 31.59 21.31
C GLU A 397 -14.00 30.38 20.63
N GLY A 398 -14.70 29.25 20.61
CA GLY A 398 -14.20 28.01 20.00
C GLY A 398 -14.23 26.88 21.02
N LEU A 399 -13.03 26.46 21.45
CA LEU A 399 -12.89 25.52 22.55
C LEU A 399 -12.17 26.18 23.70
N ARG A 400 -12.28 25.59 24.89
CA ARG A 400 -11.51 26.02 26.06
C ARG A 400 -10.11 25.39 25.95
N SER A 401 -9.10 26.07 26.48
CA SER A 401 -7.75 25.51 26.52
C SER A 401 -7.58 24.49 27.65
N ARG A 402 -8.30 24.72 28.75
CA ARG A 402 -8.30 23.82 29.90
CA ARG A 402 -8.29 23.81 29.89
C ARG A 402 -9.37 22.75 29.72
N PRO A 403 -9.00 21.46 29.86
CA PRO A 403 -10.06 20.47 29.69
C PRO A 403 -11.08 20.54 30.81
N SER A 404 -12.34 20.26 30.48
CA SER A 404 -13.40 20.20 31.46
C SER A 404 -13.29 18.97 32.35
N GLN A 405 -12.63 17.93 31.82
CA GLN A 405 -12.56 16.65 32.50
C GLN A 405 -11.43 15.80 31.91
N VAL A 406 -10.80 15.00 32.75
CA VAL A 406 -9.76 14.09 32.31
C VAL A 406 -10.17 12.67 32.68
N LEU A 407 -10.17 11.78 31.70
CA LEU A 407 -10.44 10.37 31.93
C LEU A 407 -9.13 9.62 31.92
N ASP A 408 -8.82 8.96 33.04
CA ASP A 408 -7.59 8.18 33.15
C ASP A 408 -7.86 6.72 32.80
N SER A 409 -6.91 6.10 32.09
CA SER A 409 -7.05 4.69 31.72
C SER A 409 -7.27 3.82 32.97
N PRO A 410 -8.32 3.00 32.95
CA PRO A 410 -8.51 2.01 33.98
C PRO A 410 -7.79 0.68 33.67
N PHE A 411 -7.10 0.62 32.53
CA PHE A 411 -6.40 -0.59 32.11
C PHE A 411 -4.90 -0.47 32.41
N PRO A 412 -4.18 -1.61 32.39
CA PRO A 412 -2.74 -1.60 32.66
C PRO A 412 -1.90 -0.96 31.55
N THR A 413 -0.60 -0.85 31.79
CA THR A 413 0.33 -0.28 30.82
C THR A 413 0.25 -1.02 29.49
N GLY A 414 0.36 -0.28 28.40
CA GLY A 414 0.31 -0.84 27.06
C GLY A 414 -1.08 -1.00 26.44
N SER A 415 -2.13 -0.60 27.15
CA SER A 415 -3.50 -0.78 26.67
C SER A 415 -3.83 0.08 25.45
N ALA A 416 -3.10 1.18 25.26
CA ALA A 416 -3.41 2.16 24.20
C ALA A 416 -4.81 2.77 24.41
N PHE A 417 -5.21 2.89 25.66
CA PHE A 417 -6.47 3.53 26.02
C PHE A 417 -6.63 4.84 25.27
N GLY A 418 -7.73 4.98 24.53
CA GLY A 418 -8.01 6.20 23.78
C GLY A 418 -7.59 6.17 22.32
N PHE A 419 -6.82 5.16 21.92
CA PHE A 419 -6.42 5.01 20.53
C PHE A 419 -7.61 5.04 19.57
N SER A 420 -8.78 4.62 20.05
CA SER A 420 -10.03 4.80 19.30
C SER A 420 -11.11 5.40 20.21
N LEU A 421 -11.98 6.20 19.60
CA LEU A 421 -12.98 6.97 20.31
C LEU A 421 -14.21 7.20 19.45
N ARG A 422 -15.38 7.18 20.09
CA ARG A 422 -16.60 7.63 19.44
C ARG A 422 -17.56 8.24 20.48
N GLY A 423 -18.23 9.32 20.09
CA GLY A 423 -19.22 9.99 20.93
C GLY A 423 -20.46 10.38 20.14
N ALA A 424 -21.18 11.37 20.64
CA ALA A 424 -22.31 11.97 19.91
C ALA A 424 -23.55 11.06 19.80
N VAL A 425 -23.60 10.01 20.61
CA VAL A 425 -24.74 9.09 20.59
C VAL A 425 -25.13 8.70 22.00
N ASP A 426 -26.43 8.69 22.26
CA ASP A 426 -26.97 8.41 23.57
C ASP A 426 -27.30 6.92 23.63
N ILE A 427 -26.41 6.13 24.23
CA ILE A 427 -26.57 4.68 24.24
C ILE A 427 -27.61 4.19 25.27
N ASP A 428 -27.79 4.93 26.36
CA ASP A 428 -28.70 4.51 27.43
C ASP A 428 -30.03 5.29 27.48
N ASP A 429 -30.21 6.24 26.58
CA ASP A 429 -31.48 6.95 26.43
C ASP A 429 -31.79 7.90 27.60
N ASN A 430 -30.75 8.44 28.24
CA ASN A 430 -30.93 9.40 29.33
C ASN A 430 -30.97 10.85 28.83
N GLY A 431 -30.81 11.06 27.53
CA GLY A 431 -30.88 12.39 26.93
C GLY A 431 -29.54 13.13 26.86
N TYR A 432 -28.44 12.41 27.10
CA TYR A 432 -27.10 13.00 27.07
C TYR A 432 -26.21 12.04 26.31
N PRO A 433 -25.39 12.57 25.38
CA PRO A 433 -24.57 11.70 24.54
C PRO A 433 -23.40 11.11 25.32
N ASP A 434 -22.99 9.90 24.97
CA ASP A 434 -22.02 9.13 25.75
C ASP A 434 -20.76 8.89 24.94
N LEU A 435 -19.74 8.35 25.61
CA LEU A 435 -18.43 8.16 25.00
C LEU A 435 -17.97 6.72 25.08
N ILE A 436 -17.52 6.16 23.96
CA ILE A 436 -16.91 4.83 23.98
C ILE A 436 -15.41 4.96 23.66
N VAL A 437 -14.59 4.28 24.46
CA VAL A 437 -13.14 4.34 24.35
C VAL A 437 -12.57 2.94 24.20
N GLY A 438 -11.78 2.74 23.15
CA GLY A 438 -11.13 1.46 22.90
C GLY A 438 -9.73 1.40 23.49
N ALA A 439 -9.38 0.24 24.04
CA ALA A 439 -8.02 -0.03 24.49
C ALA A 439 -7.58 -1.35 23.87
N TYR A 440 -7.14 -1.28 22.62
CA TYR A 440 -6.83 -2.49 21.86
C TYR A 440 -5.75 -3.34 22.53
N GLY A 441 -4.79 -2.68 23.17
CA GLY A 441 -3.71 -3.36 23.88
C GLY A 441 -4.21 -4.26 25.00
N ALA A 442 -5.33 -3.88 25.60
CA ALA A 442 -5.96 -4.68 26.66
C ALA A 442 -7.20 -5.44 26.16
N ASN A 443 -7.43 -5.44 24.85
CA ASN A 443 -8.56 -6.15 24.22
C ASN A 443 -9.93 -5.77 24.80
N GLN A 444 -10.12 -4.49 25.12
CA GLN A 444 -11.35 -4.04 25.77
C GLN A 444 -11.86 -2.69 25.26
N VAL A 445 -13.11 -2.40 25.62
CA VAL A 445 -13.76 -1.13 25.34
C VAL A 445 -14.45 -0.62 26.61
N ALA A 446 -14.20 0.63 26.96
CA ALA A 446 -14.84 1.27 28.11
C ALA A 446 -15.91 2.25 27.65
N VAL A 447 -17.10 2.16 28.25
CA VAL A 447 -18.20 3.07 27.93
C VAL A 447 -18.43 4.01 29.12
N TYR A 448 -18.33 5.30 28.84
CA TYR A 448 -18.60 6.34 29.83
C TYR A 448 -19.94 7.00 29.51
N ARG A 449 -20.83 7.01 30.50
CA ARG A 449 -22.17 7.60 30.33
C ARG A 449 -22.23 9.02 30.88
N ALA A 450 -22.79 9.92 30.09
CA ALA A 450 -22.95 11.31 30.49
C ALA A 450 -24.16 11.43 31.41
N GLN A 451 -23.98 12.18 32.50
CA GLN A 451 -25.03 12.35 33.51
C GLN A 451 -25.45 13.81 33.58
N PRO A 452 -26.63 14.10 34.14
CA PRO A 452 -27.03 15.49 34.43
C PRO A 452 -26.05 16.20 35.37
N GLY B 1 65.29 33.79 73.52
CA GLY B 1 66.67 33.54 74.03
C GLY B 1 67.25 32.22 73.56
N PRO B 2 67.02 31.13 74.32
CA PRO B 2 67.53 29.81 73.93
C PRO B 2 66.74 29.13 72.81
N ASN B 3 67.42 28.29 72.03
CA ASN B 3 66.79 27.58 70.91
C ASN B 3 66.45 26.13 71.26
N ILE B 4 65.67 25.49 70.38
CA ILE B 4 65.14 24.14 70.62
C ILE B 4 66.23 23.08 70.58
N CYS B 5 67.27 23.31 69.79
CA CYS B 5 68.38 22.36 69.67
C CYS B 5 69.15 22.18 70.99
N THR B 6 69.48 23.30 71.62
CA THR B 6 70.26 23.25 72.86
C THR B 6 69.42 22.79 74.06
N THR B 7 68.15 23.17 74.09
CA THR B 7 67.33 22.99 75.30
C THR B 7 66.46 21.73 75.26
N ARG B 8 66.96 20.65 74.66
CA ARG B 8 66.21 19.40 74.59
C ARG B 8 67.12 18.17 74.68
N GLY B 9 67.61 17.92 75.90
CA GLY B 9 68.42 16.73 76.19
C GLY B 9 69.69 16.61 75.37
N VAL B 10 69.53 16.20 74.12
CA VAL B 10 70.63 16.01 73.17
C VAL B 10 71.84 15.32 73.80
N SER B 11 71.63 14.05 74.18
CA SER B 11 72.70 13.19 74.64
C SER B 11 73.55 12.67 73.49
N SER B 12 73.03 12.75 72.26
CA SER B 12 73.71 12.21 71.09
C SER B 12 73.43 13.02 69.83
N CYS B 13 74.24 12.78 68.80
CA CYS B 13 74.09 13.40 67.50
C CYS B 13 72.75 13.05 66.86
N GLN B 14 72.34 11.80 67.02
CA GLN B 14 71.07 11.31 66.45
C GLN B 14 69.87 12.07 67.03
N GLN B 15 69.84 12.23 68.34
CA GLN B 15 68.74 12.94 69.03
C GLN B 15 68.68 14.39 68.57
N CYS B 16 69.85 14.96 68.33
CA CYS B 16 70.00 16.31 67.81
C CYS B 16 69.28 16.49 66.48
N LEU B 17 69.50 15.58 65.54
CA LEU B 17 68.81 15.62 64.24
C LEU B 17 67.31 15.42 64.40
N ALA B 18 66.91 14.57 65.34
CA ALA B 18 65.51 14.26 65.58
C ALA B 18 64.71 15.45 66.12
N VAL B 19 65.37 16.38 66.80
CA VAL B 19 64.70 17.55 67.39
C VAL B 19 64.07 18.45 66.34
N SER B 20 64.84 18.81 65.32
CA SER B 20 64.40 19.73 64.28
C SER B 20 65.37 19.77 63.09
N PRO B 21 64.86 20.05 61.88
CA PRO B 21 65.71 20.21 60.70
C PRO B 21 66.78 21.31 60.78
N MET B 22 66.61 22.30 61.66
CA MET B 22 67.58 23.38 61.75
C MET B 22 68.77 23.08 62.67
N CYS B 23 68.75 21.92 63.32
CA CYS B 23 69.78 21.58 64.31
C CYS B 23 71.03 21.01 63.65
N ALA B 24 72.18 21.37 64.21
CA ALA B 24 73.47 20.88 63.75
C ALA B 24 74.28 20.40 64.95
N TRP B 25 75.05 19.34 64.75
CA TRP B 25 75.87 18.77 65.82
C TRP B 25 77.35 19.03 65.57
N CYS B 26 78.07 19.33 66.65
CA CYS B 26 79.51 19.60 66.58
C CYS B 26 80.25 18.37 67.09
N SER B 27 81.17 17.85 66.26
CA SER B 27 82.00 16.70 66.64
C SER B 27 83.37 17.12 67.17
N ASP B 28 83.71 18.40 67.00
CA ASP B 28 85.05 18.90 67.34
C ASP B 28 85.38 18.68 68.83
N GLU B 29 86.38 17.84 69.09
CA GLU B 29 86.81 17.55 70.45
C GLU B 29 87.50 18.73 71.13
N ALA B 30 88.07 19.63 70.33
CA ALA B 30 88.70 20.85 70.84
C ALA B 30 87.69 21.95 71.24
N LEU B 31 86.40 21.67 71.07
CA LEU B 31 85.35 22.59 71.55
C LEU B 31 85.33 22.56 73.07
N PRO B 32 85.16 23.73 73.71
CA PRO B 32 85.16 23.75 75.19
C PRO B 32 83.94 23.06 75.79
N LEU B 33 84.05 22.65 77.05
CA LEU B 33 83.00 21.90 77.71
C LEU B 33 81.71 22.72 77.89
N GLY B 34 81.85 24.01 78.15
CA GLY B 34 80.71 24.91 78.32
C GLY B 34 79.77 24.96 77.13
N SER B 35 80.33 24.89 75.92
CA SER B 35 79.54 25.00 74.69
C SER B 35 78.67 23.77 74.44
N PRO B 36 77.45 23.98 73.91
CA PRO B 36 76.59 22.87 73.53
C PRO B 36 77.00 22.31 72.17
N ARG B 37 76.88 20.99 72.00
CA ARG B 37 77.18 20.36 70.73
C ARG B 37 75.98 20.40 69.78
N CYS B 38 74.78 20.31 70.35
CA CYS B 38 73.56 20.42 69.56
C CYS B 38 73.03 21.86 69.56
N ASP B 39 73.12 22.52 68.41
CA ASP B 39 72.76 23.93 68.28
C ASP B 39 72.48 24.25 66.82
N LEU B 40 72.13 25.50 66.55
CA LEU B 40 72.08 26.01 65.18
C LEU B 40 73.51 26.02 64.62
N LYS B 41 73.64 25.83 63.31
CA LYS B 41 74.96 25.81 62.67
C LYS B 41 75.71 27.13 62.88
N GLU B 42 74.97 28.23 62.86
CA GLU B 42 75.54 29.57 63.01
C GLU B 42 76.18 29.72 64.39
N ASN B 43 75.49 29.23 65.41
CA ASN B 43 75.99 29.28 66.78
C ASN B 43 77.25 28.45 66.99
N LEU B 44 77.32 27.31 66.30
CA LEU B 44 78.49 26.44 66.40
C LEU B 44 79.71 27.08 65.76
N LEU B 45 79.56 27.54 64.51
CA LEU B 45 80.65 28.24 63.81
C LEU B 45 81.13 29.44 64.61
N LYS B 46 80.18 30.17 65.20
CA LYS B 46 80.48 31.33 66.04
C LYS B 46 81.26 30.94 67.31
N ASP B 47 81.05 29.71 67.80
CA ASP B 47 81.75 29.22 69.00
C ASP B 47 82.95 28.31 68.67
N ASN B 48 83.64 28.62 67.58
CA ASN B 48 84.91 27.98 67.22
C ASN B 48 84.85 26.48 66.93
N CYS B 49 83.66 25.95 66.64
CA CYS B 49 83.56 24.55 66.25
C CYS B 49 84.13 24.40 64.84
N ALA B 50 84.96 23.37 64.65
CA ALA B 50 85.64 23.15 63.37
C ALA B 50 84.62 22.88 62.26
N PRO B 51 84.63 23.70 61.19
CA PRO B 51 83.70 23.56 60.06
C PRO B 51 83.53 22.13 59.51
N GLU B 52 84.61 21.34 59.54
CA GLU B 52 84.58 19.95 59.08
C GLU B 52 83.85 19.03 60.07
N SER B 53 83.87 19.39 61.34
CA SER B 53 83.25 18.57 62.39
C SER B 53 81.75 18.78 62.52
N ILE B 54 81.23 19.83 61.88
CA ILE B 54 79.81 20.16 61.95
C ILE B 54 78.98 19.18 61.13
N GLU B 55 78.09 18.46 61.80
CA GLU B 55 77.16 17.55 61.14
C GLU B 55 75.84 18.29 60.89
N PHE B 56 75.44 18.38 59.63
CA PHE B 56 74.23 19.12 59.26
C PHE B 56 73.67 18.63 57.93
N PRO B 57 72.91 17.52 57.96
CA PRO B 57 72.26 16.97 56.77
C PRO B 57 71.35 17.97 56.06
N VAL B 58 71.38 17.93 54.73
CA VAL B 58 70.51 18.77 53.91
C VAL B 58 69.67 17.84 53.02
N SER B 59 68.35 17.88 53.18
CA SER B 59 67.45 17.09 52.35
C SER B 59 67.57 17.46 50.87
N GLU B 60 67.57 16.44 50.01
CA GLU B 60 67.78 16.62 48.58
C GLU B 60 66.75 15.88 47.72
N ALA B 61 66.56 16.36 46.50
CA ALA B 61 65.81 15.65 45.46
C ALA B 61 66.74 15.39 44.28
N ARG B 62 66.81 14.15 43.82
CA ARG B 62 67.67 13.80 42.67
C ARG B 62 66.90 13.09 41.56
N VAL B 63 66.93 13.66 40.35
CA VAL B 63 66.35 13.00 39.19
C VAL B 63 67.20 11.78 38.84
N LEU B 64 66.54 10.63 38.69
CA LEU B 64 67.20 9.40 38.27
C LEU B 64 66.88 9.05 36.81
N GLU B 65 65.61 9.19 36.43
CA GLU B 65 65.17 9.00 35.05
C GLU B 65 64.49 10.27 34.55
N ASP B 66 65.06 10.89 33.52
CA ASP B 66 64.56 12.17 33.00
C ASP B 66 64.45 12.18 31.48
N ARG B 67 63.84 11.13 30.93
CA ARG B 67 63.60 11.06 29.49
C ARG B 67 62.66 12.20 29.07
N PRO B 68 63.01 12.93 28.00
CA PRO B 68 62.23 14.10 27.61
C PRO B 68 60.82 13.78 27.09
N LEU B 69 59.94 14.76 27.17
CA LEU B 69 58.56 14.62 26.72
C LEU B 69 58.53 14.53 25.19
N SER B 70 57.63 13.70 24.67
CA SER B 70 57.62 13.34 23.25
C SER B 70 57.00 14.41 22.36
N ASP B 71 57.33 14.34 21.06
CA ASP B 71 56.70 15.16 20.02
C ASP B 71 56.11 14.21 18.98
N LYS B 72 55.87 14.70 17.77
CA LYS B 72 55.46 13.85 16.64
C LYS B 72 56.04 14.37 15.33
N GLN B 79 57.66 4.34 22.07
CA GLN B 79 57.74 4.43 23.52
C GLN B 79 56.70 5.42 24.06
N VAL B 80 56.84 6.69 23.68
CA VAL B 80 55.94 7.78 24.11
C VAL B 80 56.07 8.11 25.60
N THR B 81 56.74 9.23 25.88
CA THR B 81 56.91 9.72 27.24
C THR B 81 56.01 10.94 27.49
N GLN B 82 55.08 10.80 28.44
CA GLN B 82 54.12 11.87 28.77
C GLN B 82 54.33 12.49 30.14
N VAL B 83 55.19 11.89 30.97
CA VAL B 83 55.53 12.43 32.28
C VAL B 83 57.04 12.54 32.39
N SER B 84 57.51 13.65 32.95
CA SER B 84 58.94 13.92 33.10
C SER B 84 59.17 14.75 34.35
N PRO B 85 60.12 14.32 35.21
CA PRO B 85 60.94 13.10 35.12
C PRO B 85 60.11 11.87 35.47
N GLN B 86 60.70 10.69 35.31
CA GLN B 86 59.99 9.43 35.52
C GLN B 86 60.33 8.80 36.88
N ARG B 87 61.54 9.05 37.37
CA ARG B 87 61.98 8.52 38.66
C ARG B 87 62.87 9.53 39.39
N ILE B 88 62.53 9.81 40.66
CA ILE B 88 63.29 10.75 41.51
CA ILE B 88 63.33 10.72 41.49
C ILE B 88 63.68 10.07 42.81
N ALA B 89 64.80 10.49 43.38
CA ALA B 89 65.24 10.00 44.69
C ALA B 89 65.16 11.14 45.71
N LEU B 90 64.27 10.99 46.70
CA LEU B 90 64.16 11.97 47.79
C LEU B 90 64.89 11.49 49.02
N ARG B 91 65.74 12.34 49.58
CA ARG B 91 66.43 12.04 50.83
C ARG B 91 66.02 13.08 51.88
N LEU B 92 65.39 12.62 52.96
CA LEU B 92 64.81 13.50 53.96
C LEU B 92 65.41 13.26 55.32
N ARG B 93 65.58 14.32 56.10
CA ARG B 93 65.99 14.18 57.50
C ARG B 93 64.72 14.27 58.36
N PRO B 94 64.81 13.91 59.66
CA PRO B 94 63.62 13.88 60.52
C PRO B 94 62.72 15.12 60.46
N ASP B 95 61.42 14.89 60.28
CA ASP B 95 60.40 15.96 60.22
C ASP B 95 60.54 16.93 59.04
N ASP B 96 61.48 16.69 58.13
CA ASP B 96 61.82 17.65 57.08
C ASP B 96 60.92 17.46 55.87
N SER B 97 61.02 18.39 54.92
CA SER B 97 60.34 18.27 53.63
C SER B 97 61.28 18.61 52.48
N LYS B 98 60.85 18.28 51.27
CA LYS B 98 61.59 18.63 50.05
C LYS B 98 60.60 18.70 48.90
N ASN B 99 60.80 19.65 48.00
CA ASN B 99 59.94 19.75 46.82
C ASN B 99 60.61 19.20 45.56
N PHE B 100 59.81 19.05 44.52
CA PHE B 100 60.30 18.58 43.22
C PHE B 100 59.27 18.91 42.14
N SER B 101 59.72 18.89 40.89
CA SER B 101 58.88 19.29 39.77
C SER B 101 58.48 18.07 38.94
N ILE B 102 57.29 18.14 38.34
CA ILE B 102 56.80 17.12 37.42
C ILE B 102 56.09 17.83 36.26
N GLN B 103 56.31 17.34 35.04
CA GLN B 103 55.64 17.85 33.85
C GLN B 103 54.79 16.76 33.22
N VAL B 104 53.61 17.13 32.74
CA VAL B 104 52.72 16.17 32.09
C VAL B 104 52.25 16.73 30.76
N ARG B 105 52.35 15.89 29.72
CA ARG B 105 51.97 16.27 28.37
C ARG B 105 51.00 15.24 27.79
N GLN B 106 49.94 15.73 27.15
CA GLN B 106 49.06 14.87 26.36
C GLN B 106 49.70 14.64 25.00
N VAL B 107 50.38 13.50 24.86
CA VAL B 107 50.98 13.11 23.58
C VAL B 107 50.05 12.17 22.83
N GLU B 108 49.54 11.16 23.53
CA GLU B 108 48.74 10.11 22.90
C GLU B 108 47.45 10.66 22.30
N ASP B 109 47.06 10.12 21.15
CA ASP B 109 45.87 10.56 20.43
C ASP B 109 44.63 10.18 21.23
N TYR B 110 43.55 10.92 21.01
CA TYR B 110 42.32 10.70 21.77
C TYR B 110 41.51 9.54 21.18
N PRO B 111 40.82 8.78 22.05
CA PRO B 111 40.00 7.65 21.62
C PRO B 111 38.68 8.07 20.93
N VAL B 112 38.45 7.56 19.73
CA VAL B 112 37.24 7.86 18.96
C VAL B 112 36.64 6.58 18.38
N ASP B 113 35.34 6.42 18.57
CA ASP B 113 34.58 5.32 17.98
C ASP B 113 33.77 5.85 16.81
N ILE B 114 33.93 5.21 15.65
CA ILE B 114 33.06 5.50 14.49
C ILE B 114 32.31 4.24 14.10
N TYR B 115 30.98 4.30 14.18
CA TYR B 115 30.13 3.22 13.66
C TYR B 115 29.37 3.73 12.45
N TYR B 116 29.42 2.93 11.38
CA TYR B 116 29.04 3.35 10.04
C TYR B 116 27.84 2.52 9.57
N LEU B 117 26.72 3.20 9.34
CA LEU B 117 25.51 2.53 8.85
C LEU B 117 25.40 2.70 7.34
N MET B 118 25.44 1.56 6.62
CA MET B 118 25.31 1.55 5.17
C MET B 118 23.87 1.23 4.74
N ASP B 119 23.23 2.17 4.06
CA ASP B 119 22.00 1.89 3.34
C ASP B 119 22.35 0.96 2.18
N LEU B 120 21.87 -0.27 2.20
CA LEU B 120 22.09 -1.20 1.09
C LEU B 120 20.81 -1.53 0.33
N SER B 121 19.88 -0.58 0.29
CA SER B 121 18.68 -0.72 -0.54
C SER B 121 19.05 -0.54 -2.01
N TYR B 122 18.13 -0.90 -2.89
CA TYR B 122 18.44 -0.97 -4.32
C TYR B 122 18.77 0.40 -4.93
N SER B 123 18.16 1.46 -4.40
CA SER B 123 18.43 2.81 -4.88
C SER B 123 19.93 3.13 -4.75
N MET B 124 20.59 2.46 -3.80
CA MET B 124 22.00 2.69 -3.53
C MET B 124 22.94 1.89 -4.43
N LYS B 125 22.41 1.26 -5.47
CA LYS B 125 23.27 0.53 -6.41
C LYS B 125 24.27 1.51 -7.02
N ASP B 126 23.79 2.67 -7.46
CA ASP B 126 24.65 3.68 -8.09
C ASP B 126 25.46 4.49 -7.07
N ASP B 127 25.22 4.26 -5.78
CA ASP B 127 25.94 4.96 -4.73
C ASP B 127 26.82 4.01 -3.94
N LEU B 128 26.86 2.74 -4.33
CA LEU B 128 27.56 1.73 -3.54
C LEU B 128 29.03 2.10 -3.45
N TRP B 129 29.65 2.37 -4.59
CA TRP B 129 31.04 2.81 -4.62
C TRP B 129 31.27 3.99 -3.66
N SER B 130 30.36 4.97 -3.69
CA SER B 130 30.49 6.15 -2.87
C SER B 130 30.54 5.82 -1.38
N ILE B 131 29.65 4.94 -0.92
CA ILE B 131 29.64 4.59 0.50
C ILE B 131 30.79 3.65 0.88
N GLN B 132 31.26 2.85 -0.05
CA GLN B 132 32.47 2.06 0.17
C GLN B 132 33.70 2.97 0.29
N ASN B 133 33.76 3.98 -0.58
CA ASN B 133 34.83 4.96 -0.55
C ASN B 133 34.80 5.74 0.75
N LEU B 134 33.63 6.23 1.13
CA LEU B 134 33.50 6.99 2.37
C LEU B 134 33.91 6.13 3.58
N GLY B 135 33.45 4.88 3.60
CA GLY B 135 33.79 3.96 4.67
C GLY B 135 35.30 3.81 4.83
N THR B 136 35.95 3.42 3.75
CA THR B 136 37.39 3.16 3.78
C THR B 136 38.21 4.44 4.02
N LYS B 137 37.72 5.57 3.52
CA LYS B 137 38.36 6.87 3.78
C LYS B 137 38.21 7.31 5.23
N LEU B 138 37.04 7.09 5.81
CA LEU B 138 36.86 7.30 7.25
C LEU B 138 37.86 6.46 8.01
N ALA B 139 37.93 5.16 7.69
CA ALA B 139 38.82 4.26 8.40
C ALA B 139 40.25 4.77 8.29
N THR B 140 40.72 4.93 7.07
CA THR B 140 42.14 5.22 6.81
C THR B 140 42.56 6.59 7.32
N GLN B 141 41.81 7.62 6.97
CA GLN B 141 42.22 8.98 7.27
C GLN B 141 42.12 9.28 8.77
N MET B 142 41.10 8.73 9.43
CA MET B 142 40.95 8.93 10.88
C MET B 142 41.98 8.15 11.68
N ARG B 143 42.49 7.06 11.11
CA ARG B 143 43.61 6.34 11.70
C ARG B 143 44.87 7.22 11.70
N LYS B 144 45.01 8.05 10.66
CA LYS B 144 46.12 9.02 10.61
C LYS B 144 45.91 10.16 11.60
N LEU B 145 44.65 10.55 11.82
CA LEU B 145 44.32 11.59 12.79
C LEU B 145 44.48 11.12 14.24
N THR B 146 44.06 9.87 14.50
CA THR B 146 44.17 9.28 15.84
C THR B 146 44.47 7.78 15.78
N SER B 147 45.54 7.37 16.44
CA SER B 147 45.90 5.96 16.55
C SER B 147 44.96 5.18 17.47
N ASN B 148 44.08 5.88 18.19
CA ASN B 148 43.12 5.24 19.09
C ASN B 148 41.72 5.22 18.50
N LEU B 149 41.64 5.11 17.18
CA LEU B 149 40.37 4.94 16.49
C LEU B 149 39.90 3.50 16.65
N ARG B 150 38.61 3.33 16.86
CA ARG B 150 37.98 2.05 16.65
C ARG B 150 36.79 2.29 15.75
N ILE B 151 36.72 1.47 14.70
CA ILE B 151 35.74 1.64 13.67
C ILE B 151 35.01 0.32 13.43
N GLY B 152 33.72 0.41 13.09
CA GLY B 152 32.90 -0.76 12.76
C GLY B 152 31.74 -0.33 11.89
N PHE B 153 30.92 -1.30 11.45
CA PHE B 153 29.77 -0.94 10.61
C PHE B 153 28.62 -1.93 10.63
N GLY B 154 27.46 -1.44 10.17
CA GLY B 154 26.28 -2.24 9.96
C GLY B 154 25.57 -1.76 8.70
N ALA B 155 24.51 -2.47 8.32
CA ALA B 155 23.76 -2.17 7.10
C ALA B 155 22.28 -2.27 7.37
N PHE B 156 21.48 -1.58 6.57
CA PHE B 156 20.04 -1.66 6.69
C PHE B 156 19.34 -1.59 5.32
N VAL B 157 18.13 -2.12 5.25
CA VAL B 157 17.26 -1.86 4.12
C VAL B 157 15.94 -1.29 4.67
N ASP B 158 15.03 -2.17 5.08
CA ASP B 158 13.76 -1.72 5.62
C ASP B 158 13.11 -2.90 6.32
N LYS B 159 11.96 -2.68 6.94
CA LYS B 159 11.24 -3.74 7.62
C LYS B 159 10.81 -4.79 6.59
N PRO B 160 11.31 -6.03 6.71
CA PRO B 160 11.01 -7.07 5.72
C PRO B 160 9.60 -7.65 5.89
N VAL B 161 8.62 -6.86 5.46
CA VAL B 161 7.22 -7.21 5.58
C VAL B 161 6.47 -6.48 4.47
N SER B 162 5.45 -7.13 3.90
CA SER B 162 4.59 -6.49 2.91
C SER B 162 3.90 -5.32 3.56
N PRO B 163 3.77 -4.18 2.83
CA PRO B 163 4.11 -3.91 1.44
C PRO B 163 5.54 -3.44 1.15
N TYR B 164 6.37 -3.25 2.18
CA TYR B 164 7.75 -2.84 1.94
C TYR B 164 8.49 -3.95 1.19
N MET B 165 8.30 -5.19 1.62
CA MET B 165 8.97 -6.33 1.04
C MET B 165 8.16 -6.93 -0.12
N TYR B 166 8.85 -7.25 -1.22
CA TYR B 166 8.25 -8.03 -2.29
C TYR B 166 8.09 -9.45 -1.76
N ILE B 167 6.87 -9.99 -1.89
CA ILE B 167 6.53 -11.28 -1.30
C ILE B 167 6.02 -12.28 -2.34
N SER B 168 6.21 -11.98 -3.61
CA SER B 168 5.85 -12.91 -4.67
C SER B 168 6.69 -12.63 -5.90
N PRO B 169 6.94 -13.65 -6.72
CA PRO B 169 6.66 -15.07 -6.48
C PRO B 169 7.61 -15.58 -5.40
N PRO B 170 7.44 -16.83 -4.95
CA PRO B 170 8.27 -17.36 -3.86
C PRO B 170 9.77 -17.12 -4.02
N GLU B 171 10.23 -17.15 -5.27
CA GLU B 171 11.64 -16.91 -5.60
C GLU B 171 12.12 -15.50 -5.20
N ALA B 172 11.20 -14.56 -5.13
CA ALA B 172 11.51 -13.17 -4.82
C ALA B 172 12.01 -12.94 -3.39
N LEU B 173 11.71 -13.88 -2.48
CA LEU B 173 12.12 -13.74 -1.08
C LEU B 173 13.63 -13.90 -0.95
N GLU B 174 14.19 -14.94 -1.56
CA GLU B 174 15.64 -15.11 -1.57
CA GLU B 174 15.65 -15.16 -1.61
C GLU B 174 16.32 -14.17 -2.56
N ASN B 175 15.60 -13.78 -3.61
CA ASN B 175 16.14 -12.85 -4.61
C ASN B 175 15.12 -11.77 -4.99
N PRO B 176 15.07 -10.67 -4.23
CA PRO B 176 14.20 -9.54 -4.54
C PRO B 176 14.34 -8.99 -5.95
N CYS B 177 15.47 -9.24 -6.61
CA CYS B 177 15.67 -8.76 -7.98
C CYS B 177 15.17 -9.76 -9.05
N TYR B 178 14.42 -10.78 -8.63
CA TYR B 178 13.99 -11.87 -9.51
C TYR B 178 13.31 -11.41 -10.81
N ASP B 179 12.35 -10.50 -10.69
CA ASP B 179 11.55 -10.04 -11.84
C ASP B 179 12.33 -9.11 -12.79
N MET B 180 13.55 -8.73 -12.43
CA MET B 180 14.42 -7.95 -13.31
C MET B 180 15.45 -8.85 -13.99
N LYS B 181 15.33 -10.16 -13.77
CA LYS B 181 16.28 -11.15 -14.30
C LYS B 181 17.72 -10.87 -13.88
N THR B 182 17.88 -10.41 -12.64
CA THR B 182 19.19 -10.26 -12.01
C THR B 182 19.12 -10.75 -10.57
N THR B 183 20.24 -10.65 -9.85
CA THR B 183 20.30 -11.13 -8.48
C THR B 183 20.71 -10.04 -7.52
N CYS B 184 20.04 -9.99 -6.38
CA CYS B 184 20.50 -9.22 -5.24
C CYS B 184 20.21 -9.99 -3.97
N LEU B 185 20.68 -9.46 -2.85
CA LEU B 185 20.56 -10.14 -1.57
C LEU B 185 19.13 -10.06 -1.05
N PRO B 186 18.74 -11.03 -0.20
CA PRO B 186 17.46 -10.96 0.49
C PRO B 186 17.33 -9.71 1.33
N MET B 187 16.11 -9.23 1.50
CA MET B 187 15.86 -8.01 2.27
C MET B 187 16.07 -8.26 3.76
N PHE B 188 16.49 -7.22 4.48
CA PHE B 188 16.66 -7.30 5.93
C PHE B 188 16.44 -5.92 6.55
N GLY B 189 16.13 -5.89 7.85
CA GLY B 189 15.92 -4.64 8.57
C GLY B 189 17.23 -3.94 8.88
N TYR B 190 17.90 -4.40 9.93
CA TYR B 190 19.20 -3.88 10.31
C TYR B 190 20.10 -5.06 10.64
N LYS B 191 21.30 -5.03 10.09
CA LYS B 191 22.28 -6.09 10.27
C LYS B 191 23.56 -5.47 10.81
N HIS B 192 23.95 -5.87 12.00
CA HIS B 192 25.24 -5.50 12.57
C HIS B 192 26.25 -6.42 11.92
N VAL B 193 27.30 -5.86 11.34
CA VAL B 193 28.23 -6.65 10.54
C VAL B 193 29.60 -6.77 11.19
N LEU B 194 30.09 -5.67 11.75
CA LEU B 194 31.43 -5.65 12.31
C LEU B 194 31.50 -4.75 13.54
N THR B 195 31.79 -5.35 14.69
CA THR B 195 31.96 -4.63 15.96
C THR B 195 33.12 -3.63 15.89
N LEU B 196 33.00 -2.53 16.65
CA LEU B 196 34.03 -1.50 16.69
C LEU B 196 35.39 -2.12 16.96
N THR B 197 36.28 -1.99 15.98
CA THR B 197 37.59 -2.64 16.02
C THR B 197 38.66 -1.67 15.54
N ASP B 198 39.91 -1.91 15.96
CA ASP B 198 41.05 -1.13 15.48
C ASP B 198 41.73 -1.80 14.28
N GLN B 199 41.15 -2.89 13.78
CA GLN B 199 41.66 -3.60 12.61
C GLN B 199 41.13 -2.95 11.34
N VAL B 200 41.81 -1.88 10.93
CA VAL B 200 41.37 -1.05 9.81
C VAL B 200 41.36 -1.78 8.48
N THR B 201 42.40 -2.56 8.22
CA THR B 201 42.52 -3.29 6.96
CA THR B 201 42.53 -3.30 6.98
C THR B 201 41.34 -4.24 6.78
N ARG B 202 40.91 -4.85 7.88
CA ARG B 202 39.79 -5.79 7.87
C ARG B 202 38.45 -5.09 7.66
N PHE B 203 38.24 -4.00 8.38
CA PHE B 203 37.06 -3.15 8.19
C PHE B 203 36.88 -2.76 6.73
N ASN B 204 37.98 -2.37 6.09
CA ASN B 204 37.96 -1.95 4.68
C ASN B 204 37.60 -3.11 3.76
N GLU B 205 38.18 -4.29 4.02
CA GLU B 205 37.87 -5.50 3.27
C GLU B 205 36.37 -5.82 3.32
N GLU B 206 35.80 -5.87 4.53
CA GLU B 206 34.38 -6.18 4.69
C GLU B 206 33.47 -5.14 4.01
N VAL B 207 33.81 -3.87 4.19
CA VAL B 207 33.04 -2.80 3.58
C VAL B 207 33.01 -2.97 2.06
N LYS B 208 34.14 -3.37 1.46
CA LYS B 208 34.21 -3.56 0.01
C LYS B 208 33.43 -4.78 -0.49
N LYS B 209 33.07 -5.71 0.41
CA LYS B 209 32.30 -6.90 0.02
C LYS B 209 30.79 -6.69 -0.04
N GLN B 210 30.32 -5.54 0.46
CA GLN B 210 28.88 -5.31 0.58
C GLN B 210 28.26 -5.10 -0.79
N SER B 211 27.02 -5.56 -0.94
CA SER B 211 26.24 -5.37 -2.15
C SER B 211 24.80 -5.10 -1.76
N VAL B 212 24.01 -4.64 -2.72
CA VAL B 212 22.67 -4.16 -2.42
C VAL B 212 21.62 -5.26 -2.40
N SER B 213 20.52 -4.97 -1.71
CA SER B 213 19.31 -5.77 -1.74
C SER B 213 18.26 -4.93 -2.46
N ARG B 214 16.98 -5.17 -2.19
CA ARG B 214 15.91 -4.42 -2.84
C ARG B 214 14.62 -4.48 -2.05
N ASN B 215 13.90 -3.37 -2.00
CA ASN B 215 12.56 -3.33 -1.44
C ASN B 215 11.67 -2.45 -2.32
N ARG B 216 10.42 -2.25 -1.91
CA ARG B 216 9.43 -1.65 -2.79
C ARG B 216 9.34 -0.13 -2.65
N ASP B 217 9.31 0.36 -1.41
CA ASP B 217 9.01 1.78 -1.20
C ASP B 217 10.27 2.61 -0.89
N ALA B 218 10.24 3.86 -1.35
CA ALA B 218 11.40 4.75 -1.36
C ALA B 218 11.93 5.01 0.04
N PRO B 219 11.04 5.38 0.98
CA PRO B 219 11.55 5.64 2.32
C PRO B 219 12.04 4.35 2.94
N GLU B 220 13.16 4.40 3.64
CA GLU B 220 13.80 3.19 4.18
C GLU B 220 13.81 3.17 5.71
N GLY B 221 14.30 2.06 6.28
CA GLY B 221 14.21 1.80 7.71
C GLY B 221 15.48 2.09 8.51
N GLY B 222 16.24 3.08 8.06
CA GLY B 222 17.50 3.41 8.71
C GLY B 222 17.40 3.94 10.14
N PHE B 223 16.24 4.47 10.51
CA PHE B 223 16.03 4.94 11.88
C PHE B 223 15.95 3.79 12.87
N ASP B 224 15.47 2.62 12.43
CA ASP B 224 15.59 1.40 13.22
C ASP B 224 17.06 1.12 13.51
N ALA B 225 17.90 1.25 12.49
CA ALA B 225 19.34 0.97 12.59
C ALA B 225 20.03 1.97 13.51
N ILE B 226 19.68 3.25 13.39
CA ILE B 226 20.23 4.29 14.27
C ILE B 226 19.94 3.97 15.73
N MET B 227 18.69 3.61 16.01
CA MET B 227 18.26 3.34 17.38
C MET B 227 19.03 2.15 17.94
N GLN B 228 19.11 1.07 17.16
CA GLN B 228 19.78 -0.15 17.61
C GLN B 228 21.30 0.04 17.72
N ALA B 229 21.89 0.75 16.76
CA ALA B 229 23.31 1.14 16.86
C ALA B 229 23.58 1.99 18.10
N THR B 230 22.61 2.79 18.52
CA THR B 230 22.73 3.60 19.73
C THR B 230 22.62 2.79 21.01
N VAL B 231 21.59 1.93 21.11
CA VAL B 231 21.25 1.30 22.39
C VAL B 231 21.86 -0.08 22.64
N CYS B 232 22.46 -0.69 21.62
CA CYS B 232 23.07 -2.01 21.79
C CYS B 232 24.54 -1.87 22.16
N ASP B 233 24.78 -1.59 23.44
CA ASP B 233 26.13 -1.27 23.95
C ASP B 233 27.20 -2.32 23.61
N GLU B 234 26.97 -3.56 24.03
CA GLU B 234 27.95 -4.64 23.87
CA GLU B 234 27.95 -4.63 23.86
C GLU B 234 28.10 -5.06 22.40
N LYS B 235 27.00 -5.09 21.66
CA LYS B 235 27.06 -5.55 20.26
C LYS B 235 27.91 -4.61 19.38
N ILE B 236 27.69 -3.31 19.50
CA ILE B 236 28.45 -2.33 18.71
C ILE B 236 29.84 -2.12 19.30
N GLY B 237 29.91 -2.00 20.62
CA GLY B 237 31.19 -1.99 21.33
C GLY B 237 31.74 -0.62 21.67
N TRP B 238 30.85 0.34 21.92
CA TRP B 238 31.24 1.69 22.31
C TRP B 238 32.04 1.69 23.62
N ARG B 239 33.19 2.35 23.62
CA ARG B 239 34.01 2.46 24.82
C ARG B 239 33.52 3.59 25.71
N ASN B 240 33.63 3.39 27.02
CA ASN B 240 33.09 4.35 28.00
C ASN B 240 33.71 5.73 27.85
N ASP B 241 35.04 5.80 27.91
CA ASP B 241 35.75 7.07 27.78
C ASP B 241 36.30 7.25 26.37
N ALA B 242 35.39 7.42 25.41
CA ALA B 242 35.75 7.64 24.01
C ALA B 242 34.68 8.48 23.32
N SER B 243 35.09 9.25 22.32
CA SER B 243 34.16 10.06 21.55
C SER B 243 33.39 9.12 20.61
N HIS B 244 32.05 9.22 20.62
CA HIS B 244 31.19 8.31 19.84
C HIS B 244 30.55 9.02 18.66
N LEU B 245 30.89 8.57 17.46
CA LEU B 245 30.31 9.11 16.22
C LEU B 245 29.56 8.00 15.51
N LEU B 246 28.32 8.31 15.09
CA LEU B 246 27.50 7.38 14.35
C LEU B 246 27.19 7.97 12.98
N VAL B 247 27.82 7.42 11.95
CA VAL B 247 27.74 7.97 10.59
C VAL B 247 26.70 7.17 9.79
N PHE B 248 25.66 7.87 9.36
CA PHE B 248 24.49 7.28 8.72
C PHE B 248 24.43 7.67 7.25
N THR B 249 24.39 6.69 6.36
CA THR B 249 24.34 6.94 4.90
C THR B 249 22.99 6.59 4.29
N THR B 250 22.55 7.37 3.31
CA THR B 250 21.35 7.06 2.53
C THR B 250 21.19 7.99 1.32
N ASP B 251 20.38 7.58 0.36
CA ASP B 251 20.05 8.43 -0.78
C ASP B 251 18.57 8.77 -0.85
N ALA B 252 17.83 8.51 0.23
CA ALA B 252 16.37 8.59 0.21
C ALA B 252 15.77 9.12 1.50
N LYS B 253 14.49 9.44 1.42
CA LYS B 253 13.74 9.78 2.62
C LYS B 253 13.70 8.55 3.55
N THR B 254 13.29 8.76 4.79
CA THR B 254 13.35 7.72 5.81
C THR B 254 12.00 7.51 6.48
N HIS B 255 11.69 6.27 6.81
CA HIS B 255 10.49 5.98 7.56
C HIS B 255 10.57 6.56 8.95
N ILE B 256 9.43 6.96 9.48
CA ILE B 256 9.35 7.61 10.78
C ILE B 256 8.21 6.99 11.59
N ALA B 257 8.21 7.21 12.90
CA ALA B 257 7.19 6.66 13.78
C ALA B 257 5.78 6.92 13.24
N LEU B 258 4.94 5.88 13.31
CA LEU B 258 3.56 5.85 12.80
C LEU B 258 3.40 5.43 11.31
N ASP B 259 4.50 5.45 10.56
CA ASP B 259 4.53 4.84 9.21
C ASP B 259 4.22 3.35 9.26
N GLY B 260 4.70 2.69 10.32
CA GLY B 260 4.61 1.23 10.45
C GLY B 260 3.21 0.66 10.34
N ARG B 261 2.20 1.49 10.58
CA ARG B 261 0.82 1.06 10.43
C ARG B 261 0.48 0.57 9.01
N LEU B 262 1.24 1.00 8.01
CA LEU B 262 1.02 0.50 6.64
C LEU B 262 1.46 -0.95 6.50
N ALA B 263 2.24 -1.47 7.44
CA ALA B 263 2.61 -2.88 7.48
C ALA B 263 1.83 -3.60 8.56
N GLY B 264 0.83 -2.94 9.14
CA GLY B 264 0.06 -3.48 10.25
C GLY B 264 0.80 -3.45 11.59
N ILE B 265 1.87 -2.66 11.68
CA ILE B 265 2.69 -2.58 12.89
C ILE B 265 2.31 -1.34 13.68
N VAL B 266 1.70 -1.53 14.85
CA VAL B 266 1.27 -0.40 15.69
C VAL B 266 1.97 -0.27 17.05
N GLN B 267 2.72 -1.28 17.47
CA GLN B 267 3.44 -1.22 18.75
C GLN B 267 4.51 -0.15 18.70
N PRO B 268 4.45 0.83 19.61
CA PRO B 268 5.48 1.88 19.60
C PRO B 268 6.86 1.33 19.94
N ASN B 269 7.90 1.97 19.38
CA ASN B 269 9.28 1.59 19.63
C ASN B 269 9.62 1.75 21.11
N ASP B 270 10.23 0.72 21.69
CA ASP B 270 10.50 0.69 23.13
C ASP B 270 11.87 1.25 23.52
N GLY B 271 12.66 1.64 22.53
CA GLY B 271 14.01 2.14 22.77
C GLY B 271 15.01 1.14 23.36
N GLN B 272 14.68 -0.14 23.35
N GLN B 272 14.66 -0.14 23.36
CA GLN B 272 15.54 -1.17 23.90
CA GLN B 272 15.52 -1.19 23.89
C GLN B 272 16.30 -1.87 22.77
C GLN B 272 16.32 -1.84 22.77
N CYS B 273 17.36 -2.57 23.15
CA CYS B 273 18.17 -3.33 22.20
C CYS B 273 17.47 -4.65 21.86
N HIS B 274 17.38 -4.96 20.57
CA HIS B 274 16.77 -6.22 20.14
C HIS B 274 17.57 -6.89 19.02
N VAL B 275 18.90 -6.82 19.12
CA VAL B 275 19.75 -7.49 18.15
C VAL B 275 20.03 -8.94 18.61
N GLY B 276 21.06 -9.13 19.43
CA GLY B 276 21.40 -10.47 19.91
C GLY B 276 22.12 -11.37 18.89
N SER B 277 22.07 -12.67 19.14
CA SER B 277 22.95 -13.67 18.51
C SER B 277 23.17 -13.55 16.99
N ASP B 278 22.11 -13.58 16.20
CA ASP B 278 22.24 -13.59 14.72
C ASP B 278 22.59 -12.23 14.10
N ASN B 279 22.70 -11.19 14.93
CA ASN B 279 23.08 -9.84 14.50
C ASN B 279 22.04 -9.08 13.65
N HIS B 280 20.81 -9.56 13.66
CA HIS B 280 19.70 -8.86 13.01
C HIS B 280 18.85 -8.19 14.06
N TYR B 281 18.23 -7.08 13.71
CA TYR B 281 17.24 -6.42 14.57
C TYR B 281 15.98 -7.28 14.63
N SER B 282 15.79 -8.01 15.73
CA SER B 282 14.73 -9.02 15.81
C SER B 282 13.30 -8.45 15.88
N ALA B 283 13.16 -7.19 16.31
CA ALA B 283 11.85 -6.55 16.43
C ALA B 283 11.42 -5.80 15.17
N SER B 284 12.17 -5.95 14.08
CA SER B 284 11.93 -5.22 12.84
C SER B 284 10.49 -5.30 12.33
N THR B 285 9.93 -6.51 12.34
CA THR B 285 8.61 -6.72 11.78
C THR B 285 7.47 -6.66 12.81
N THR B 286 7.80 -6.40 14.08
CA THR B 286 6.79 -6.34 15.14
C THR B 286 6.72 -4.98 15.87
N MET B 287 7.63 -4.08 15.57
CA MET B 287 7.73 -2.84 16.33
C MET B 287 7.90 -1.65 15.38
N ASP B 288 7.26 -0.55 15.71
CA ASP B 288 7.22 0.61 14.85
C ASP B 288 8.57 1.31 14.78
N TYR B 289 8.75 2.11 13.74
CA TYR B 289 9.93 2.97 13.61
C TYR B 289 9.96 3.92 14.80
N PRO B 290 11.15 4.30 15.26
CA PRO B 290 11.27 5.21 16.40
C PRO B 290 10.95 6.67 16.04
N SER B 291 10.45 7.43 17.01
CA SER B 291 10.22 8.86 16.79
C SER B 291 11.52 9.64 16.99
N LEU B 292 11.54 10.88 16.50
CA LEU B 292 12.73 11.74 16.63
C LEU B 292 13.04 12.02 18.10
N GLY B 293 12.00 12.21 18.89
CA GLY B 293 12.15 12.44 20.32
C GLY B 293 12.83 11.30 21.04
N LEU B 294 12.53 10.07 20.62
CA LEU B 294 13.10 8.89 21.26
C LEU B 294 14.53 8.64 20.78
N MET B 295 14.78 8.89 19.49
CA MET B 295 16.13 8.81 18.98
C MET B 295 17.00 9.82 19.74
N THR B 296 16.46 11.04 19.91
CA THR B 296 17.16 12.10 20.62
C THR B 296 17.54 11.68 22.04
N GLU B 297 16.58 11.07 22.73
CA GLU B 297 16.76 10.66 24.11
C GLU B 297 17.89 9.64 24.25
N LYS B 298 17.88 8.63 23.39
CA LYS B 298 18.89 7.56 23.47
C LYS B 298 20.27 8.03 23.02
N LEU B 299 20.30 8.83 21.95
CA LEU B 299 21.57 9.43 21.51
C LEU B 299 22.23 10.21 22.65
N SER B 300 21.45 11.09 23.26
CA SER B 300 21.90 11.88 24.41
C SER B 300 22.35 10.99 25.58
N GLN B 301 21.53 9.99 25.89
CA GLN B 301 21.76 9.10 27.03
C GLN B 301 23.00 8.23 26.86
N LYS B 302 23.30 7.84 25.62
CA LYS B 302 24.47 7.01 25.33
C LYS B 302 25.66 7.83 24.84
N ASN B 303 25.53 9.16 24.87
CA ASN B 303 26.59 10.09 24.46
C ASN B 303 27.11 9.77 23.05
N ILE B 304 26.19 9.70 22.10
CA ILE B 304 26.52 9.43 20.71
C ILE B 304 26.11 10.62 19.84
N ASN B 305 27.02 11.01 18.95
CA ASN B 305 26.79 12.11 18.04
C ASN B 305 26.44 11.56 16.68
N LEU B 306 25.28 11.92 16.18
CA LEU B 306 24.79 11.42 14.90
C LEU B 306 25.20 12.33 13.76
N ILE B 307 25.78 11.73 12.72
CA ILE B 307 26.11 12.44 11.49
C ILE B 307 25.33 11.82 10.36
N PHE B 308 24.49 12.62 9.71
CA PHE B 308 23.80 12.22 8.50
C PHE B 308 24.73 12.47 7.30
N ALA B 309 25.23 11.40 6.70
CA ALA B 309 26.02 11.49 5.47
C ALA B 309 25.12 11.07 4.30
N VAL B 310 24.44 12.04 3.69
CA VAL B 310 23.38 11.74 2.74
C VAL B 310 23.66 12.39 1.38
N THR B 311 23.10 11.83 0.32
CA THR B 311 23.33 12.35 -1.03
C THR B 311 22.58 13.68 -1.21
N GLU B 312 23.05 14.49 -2.15
CA GLU B 312 22.62 15.89 -2.28
C GLU B 312 21.10 16.07 -2.42
N ASN B 313 20.45 15.15 -3.13
CA ASN B 313 19.00 15.21 -3.35
C ASN B 313 18.16 15.18 -2.07
N VAL B 314 18.74 14.70 -0.96
CA VAL B 314 18.03 14.68 0.34
C VAL B 314 18.73 15.46 1.47
N VAL B 315 19.79 16.20 1.16
CA VAL B 315 20.49 16.99 2.19
C VAL B 315 19.51 17.89 2.96
N ASN B 316 18.70 18.64 2.23
CA ASN B 316 17.75 19.54 2.89
C ASN B 316 16.79 18.82 3.83
N LEU B 317 16.34 17.64 3.43
CA LEU B 317 15.49 16.83 4.30
C LEU B 317 16.20 16.56 5.64
N TYR B 318 17.42 16.02 5.56
CA TYR B 318 18.14 15.60 6.77
C TYR B 318 18.69 16.77 7.61
N GLN B 319 19.03 17.87 6.95
N GLN B 319 19.02 17.89 6.97
CA GLN B 319 19.34 19.13 7.63
CA GLN B 319 19.36 19.10 7.72
C GLN B 319 18.15 19.53 8.52
C GLN B 319 18.15 19.57 8.52
N ASN B 320 16.95 19.38 7.98
CA ASN B 320 15.72 19.73 8.69
C ASN B 320 15.40 18.78 9.85
N TYR B 321 15.66 17.49 9.68
CA TYR B 321 15.60 16.56 10.81
C TYR B 321 16.70 16.87 11.84
N SER B 322 17.85 17.31 11.35
CA SER B 322 18.99 17.63 12.21
C SER B 322 18.67 18.72 13.24
N GLU B 323 17.87 19.70 12.83
CA GLU B 323 17.44 20.78 13.72
C GLU B 323 16.46 20.31 14.79
N LEU B 324 15.86 19.14 14.58
CA LEU B 324 14.97 18.52 15.55
C LEU B 324 15.69 17.48 16.44
N ILE B 325 16.93 17.14 16.10
CA ILE B 325 17.77 16.29 16.96
C ILE B 325 19.06 17.06 17.26
N PRO B 326 19.02 17.96 18.27
CA PRO B 326 20.13 18.87 18.55
C PRO B 326 21.46 18.16 18.73
N GLY B 327 22.50 18.71 18.08
CA GLY B 327 23.84 18.12 18.13
C GLY B 327 24.15 17.32 16.89
N THR B 328 23.11 16.96 16.15
CA THR B 328 23.27 16.25 14.89
C THR B 328 23.80 17.18 13.81
N THR B 329 24.61 16.65 12.91
CA THR B 329 25.18 17.40 11.81
C THR B 329 24.93 16.65 10.50
N VAL B 330 25.01 17.38 9.39
CA VAL B 330 24.76 16.80 8.08
C VAL B 330 25.95 17.05 7.17
N GLY B 331 26.40 16.00 6.49
CA GLY B 331 27.42 16.12 5.44
C GLY B 331 26.92 15.47 4.17
N VAL B 332 27.56 15.79 3.04
CA VAL B 332 27.10 15.29 1.75
C VAL B 332 27.87 14.05 1.34
N LEU B 333 27.13 12.97 1.12
CA LEU B 333 27.67 11.76 0.55
C LEU B 333 27.82 11.99 -0.93
N SER B 334 29.03 11.79 -1.44
CA SER B 334 29.28 11.89 -2.87
C SER B 334 30.43 10.97 -3.24
N MET B 335 30.91 11.09 -4.47
CA MET B 335 32.13 10.40 -4.88
C MET B 335 33.35 10.93 -4.13
N ASP B 336 33.24 12.17 -3.64
CA ASP B 336 34.28 12.78 -2.85
C ASP B 336 33.94 12.69 -1.35
N SER B 337 34.90 12.24 -0.55
CA SER B 337 34.70 12.01 0.89
C SER B 337 34.99 13.22 1.79
N SER B 338 35.56 14.29 1.22
CA SER B 338 36.03 15.45 2.00
C SER B 338 35.00 16.06 2.93
N ASN B 339 33.77 16.20 2.44
CA ASN B 339 32.73 16.90 3.18
C ASN B 339 32.46 16.22 4.50
N VAL B 340 32.17 14.93 4.43
CA VAL B 340 31.87 14.15 5.63
C VAL B 340 33.09 14.05 6.56
N LEU B 341 34.28 13.81 5.99
CA LEU B 341 35.51 13.75 6.78
C LEU B 341 35.75 15.01 7.62
N GLN B 342 35.54 16.19 7.02
CA GLN B 342 35.69 17.45 7.75
C GLN B 342 34.84 17.47 9.02
N LEU B 343 33.63 16.90 8.96
CA LEU B 343 32.77 16.88 10.14
C LEU B 343 33.44 16.12 11.28
N ILE B 344 34.03 14.97 10.97
CA ILE B 344 34.66 14.12 11.98
C ILE B 344 35.91 14.80 12.54
N VAL B 345 36.75 15.31 11.63
CA VAL B 345 37.95 16.05 12.01
C VAL B 345 37.62 17.24 12.90
N ASP B 346 36.57 17.99 12.53
CA ASP B 346 36.06 19.09 13.35
C ASP B 346 35.62 18.62 14.73
N ALA B 347 34.90 17.50 14.78
CA ALA B 347 34.48 16.91 16.04
C ALA B 347 35.70 16.55 16.91
N TYR B 348 36.71 15.96 16.27
CA TYR B 348 37.96 15.60 16.93
C TYR B 348 38.70 16.85 17.43
N GLY B 349 38.60 17.94 16.68
CA GLY B 349 39.18 19.21 17.08
C GLY B 349 38.58 19.81 18.35
N LYS B 350 37.36 19.40 18.70
CA LYS B 350 36.67 19.91 19.88
C LYS B 350 36.95 19.10 21.15
N ILE B 351 37.68 17.99 21.01
CA ILE B 351 37.99 17.13 22.15
C ILE B 351 39.00 17.80 23.10
N ARG B 352 38.65 17.84 24.38
CA ARG B 352 39.54 18.35 25.42
C ARG B 352 39.77 17.28 26.47
N SER B 353 40.90 17.39 27.17
CA SER B 353 41.28 16.40 28.18
C SER B 353 41.83 17.07 29.42
N LYS B 354 41.91 16.30 30.50
CA LYS B 354 42.43 16.82 31.76
C LYS B 354 43.61 15.99 32.26
N VAL B 355 44.43 16.63 33.11
CA VAL B 355 45.52 15.97 33.79
C VAL B 355 45.25 16.07 35.28
N GLU B 356 44.81 14.97 35.87
CA GLU B 356 44.49 14.89 37.29
C GLU B 356 45.44 13.92 37.97
N LEU B 357 46.36 14.46 38.76
CA LEU B 357 47.35 13.65 39.45
C LEU B 357 46.73 12.88 40.61
N GLU B 358 47.01 11.59 40.67
CA GLU B 358 46.68 10.77 41.84
C GLU B 358 47.94 10.09 42.37
N VAL B 359 47.99 9.87 43.67
CA VAL B 359 49.14 9.24 44.29
C VAL B 359 48.82 7.81 44.75
N ARG B 360 49.79 6.93 44.61
CA ARG B 360 49.63 5.52 44.97
C ARG B 360 50.75 5.06 45.88
N ASP B 361 50.38 4.36 46.95
CA ASP B 361 51.33 3.77 47.89
C ASP B 361 52.10 4.81 48.69
N LEU B 362 51.46 5.94 48.98
CA LEU B 362 52.06 6.96 49.83
C LEU B 362 52.10 6.45 51.27
N PRO B 363 53.31 6.32 51.85
CA PRO B 363 53.44 5.85 53.22
C PRO B 363 52.66 6.67 54.24
N GLU B 364 52.23 6.00 55.31
CA GLU B 364 51.63 6.64 56.48
C GLU B 364 52.41 7.91 56.88
N GLU B 365 53.74 7.76 56.95
CA GLU B 365 54.61 8.80 57.48
C GLU B 365 54.67 10.05 56.59
N LEU B 366 54.61 9.85 55.27
CA LEU B 366 54.71 10.95 54.32
C LEU B 366 53.36 11.61 54.06
N SER B 367 53.41 12.89 53.71
CA SER B 367 52.22 13.62 53.24
C SER B 367 52.65 14.63 52.17
N LEU B 368 51.83 14.79 51.14
CA LEU B 368 52.16 15.63 50.00
C LEU B 368 51.31 16.87 49.90
N SER B 369 51.85 17.91 49.26
CA SER B 369 51.04 19.04 48.82
C SER B 369 51.48 19.47 47.41
N PHE B 370 50.52 19.96 46.61
CA PHE B 370 50.73 20.23 45.20
C PHE B 370 50.44 21.69 44.83
N ASN B 371 51.15 22.17 43.82
CA ASN B 371 50.86 23.45 43.14
C ASN B 371 50.73 23.21 41.64
N ALA B 372 49.55 23.45 41.08
CA ALA B 372 49.33 23.21 39.65
C ALA B 372 49.62 24.48 38.85
N THR B 373 50.39 24.32 37.78
CA THR B 373 50.62 25.38 36.79
C THR B 373 50.06 24.95 35.43
N CYS B 374 48.86 25.42 35.12
CA CYS B 374 48.12 24.96 33.95
C CYS B 374 48.33 25.86 32.72
N LEU B 375 47.43 25.72 31.75
CA LEU B 375 47.57 26.43 30.47
C LEU B 375 47.61 27.95 30.64
N ASN B 376 46.91 28.47 31.65
CA ASN B 376 46.93 29.92 31.95
C ASN B 376 48.25 30.44 32.55
N ASN B 377 49.20 29.53 32.80
CA ASN B 377 50.53 29.86 33.31
C ASN B 377 50.50 30.57 34.65
N GLU B 378 49.51 30.22 35.48
CA GLU B 378 49.38 30.78 36.82
C GLU B 378 49.37 29.65 37.85
N VAL B 379 50.24 29.78 38.84
CA VAL B 379 50.40 28.76 39.87
C VAL B 379 49.17 28.76 40.77
N ILE B 380 48.28 27.80 40.57
CA ILE B 380 47.14 27.60 41.46
C ILE B 380 47.62 26.67 42.57
N PRO B 381 47.81 27.21 43.79
CA PRO B 381 48.36 26.36 44.85
C PRO B 381 47.31 25.42 45.43
N GLY B 382 47.77 24.31 45.99
CA GLY B 382 46.88 23.30 46.56
C GLY B 382 46.06 22.52 45.53
N LEU B 383 46.40 22.68 44.24
CA LEU B 383 45.64 22.06 43.16
C LEU B 383 46.49 20.98 42.49
N LYS B 384 45.86 19.90 42.06
CA LYS B 384 46.59 18.81 41.42
C LYS B 384 45.90 18.30 40.15
N SER B 385 45.14 19.18 39.49
CA SER B 385 44.53 18.84 38.20
C SER B 385 44.37 20.04 37.28
N CYS B 386 44.69 19.85 36.00
CA CYS B 386 44.45 20.85 34.95
C CYS B 386 43.43 20.32 33.96
N MET B 387 42.62 21.21 33.39
CA MET B 387 41.57 20.87 32.42
CA MET B 387 41.63 20.81 32.39
C MET B 387 41.79 21.64 31.11
N GLY B 388 41.08 21.22 30.06
CA GLY B 388 41.08 21.94 28.79
C GLY B 388 42.31 21.73 27.91
N LEU B 389 43.01 20.62 28.08
CA LEU B 389 44.18 20.31 27.26
C LEU B 389 43.76 19.76 25.89
N LYS B 390 44.64 19.99 24.90
CA LYS B 390 44.55 19.34 23.59
C LYS B 390 45.82 18.51 23.41
N ILE B 391 45.83 17.65 22.38
CA ILE B 391 47.05 16.91 22.03
C ILE B 391 48.20 17.90 21.83
N GLY B 392 49.26 17.76 22.62
CA GLY B 392 50.44 18.61 22.49
C GLY B 392 50.66 19.55 23.66
N ASP B 393 49.59 19.91 24.36
CA ASP B 393 49.67 20.79 25.53
C ASP B 393 50.45 20.14 26.68
N THR B 394 51.14 20.97 27.46
CA THR B 394 51.87 20.51 28.64
C THR B 394 51.47 21.33 29.87
N VAL B 395 51.42 20.65 31.01
CA VAL B 395 51.18 21.31 32.30
C VAL B 395 52.26 20.87 33.26
N SER B 396 52.37 21.59 34.37
CA SER B 396 53.43 21.36 35.34
C SER B 396 52.91 21.46 36.76
N PHE B 397 53.40 20.57 37.62
CA PHE B 397 53.04 20.60 39.04
C PHE B 397 54.31 20.66 39.89
N SER B 398 54.22 21.31 41.03
CA SER B 398 55.30 21.31 42.02
C SER B 398 54.77 20.59 43.25
N ILE B 399 55.43 19.50 43.63
CA ILE B 399 54.98 18.66 44.74
C ILE B 399 55.96 18.77 45.90
N GLU B 400 55.42 18.90 47.11
CA GLU B 400 56.24 18.96 48.31
C GLU B 400 55.90 17.80 49.24
N ALA B 401 56.90 16.99 49.56
CA ALA B 401 56.74 15.84 50.44
C ALA B 401 57.31 16.14 51.82
N LYS B 402 56.54 15.89 52.86
CA LYS B 402 57.01 16.06 54.25
C LYS B 402 56.87 14.77 55.03
N VAL B 403 57.97 14.35 55.68
CA VAL B 403 57.99 13.15 56.51
C VAL B 403 57.65 13.51 57.97
N ARG B 404 56.87 12.64 58.61
CA ARG B 404 56.58 12.79 60.04
C ARG B 404 57.67 12.06 60.81
N GLY B 405 58.44 12.82 61.59
CA GLY B 405 59.51 12.26 62.40
C GLY B 405 60.51 11.47 61.57
N CYS B 406 60.94 10.33 62.11
CA CYS B 406 61.87 9.45 61.42
C CYS B 406 61.36 8.01 61.47
N PRO B 407 61.00 7.43 60.30
CA PRO B 407 60.50 6.06 60.30
C PRO B 407 61.59 5.00 60.37
N GLN B 408 61.29 3.86 60.97
CA GLN B 408 62.22 2.73 61.02
C GLN B 408 62.44 2.09 59.65
N GLU B 409 61.43 2.21 58.78
CA GLU B 409 61.47 1.63 57.43
C GLU B 409 62.67 2.10 56.61
N LYS B 410 62.99 3.39 56.69
CA LYS B 410 64.23 3.97 56.16
C LYS B 410 64.35 4.05 54.62
N GLU B 411 63.67 3.17 53.89
CA GLU B 411 63.59 3.29 52.42
C GLU B 411 62.23 2.85 51.92
N LYS B 412 61.46 3.83 51.45
CA LYS B 412 60.12 3.61 50.93
CA LYS B 412 60.12 3.61 50.92
C LYS B 412 60.00 4.20 49.53
N SER B 413 58.86 3.98 48.89
CA SER B 413 58.58 4.56 47.57
C SER B 413 57.08 4.68 47.30
N PHE B 414 56.70 5.70 46.53
CA PHE B 414 55.32 5.89 46.10
C PHE B 414 55.31 6.33 44.64
N THR B 415 54.11 6.52 44.09
CA THR B 415 53.97 6.90 42.69
C THR B 415 52.95 8.01 42.50
N ILE B 416 53.28 8.98 41.66
CA ILE B 416 52.36 10.03 41.26
C ILE B 416 52.01 9.77 39.80
N LYS B 417 50.73 9.61 39.54
CA LYS B 417 50.23 9.14 38.25
C LYS B 417 49.03 9.98 37.82
N PRO B 418 49.07 10.52 36.59
CA PRO B 418 47.86 11.18 36.11
C PRO B 418 46.77 10.16 35.77
N VAL B 419 45.52 10.50 36.09
CA VAL B 419 44.39 9.61 35.82
C VAL B 419 44.28 9.34 34.33
N GLY B 420 44.26 8.07 33.96
CA GLY B 420 44.13 7.65 32.56
C GLY B 420 45.40 7.69 31.74
N PHE B 421 46.54 7.90 32.39
CA PHE B 421 47.85 7.86 31.73
C PHE B 421 48.57 6.60 32.18
N LYS B 422 49.22 5.91 31.24
CA LYS B 422 50.14 4.83 31.61
C LYS B 422 51.33 5.40 32.40
N ASP B 423 51.81 6.57 31.97
CA ASP B 423 53.02 7.17 32.54
C ASP B 423 52.87 7.53 34.01
N SER B 424 54.00 7.60 34.71
CA SER B 424 54.01 7.90 36.14
C SER B 424 55.38 8.42 36.58
N LEU B 425 55.42 8.96 37.79
CA LEU B 425 56.65 9.34 38.45
C LEU B 425 56.81 8.48 39.68
N ILE B 426 57.86 7.66 39.73
CA ILE B 426 58.18 6.92 40.95
C ILE B 426 59.13 7.78 41.78
N VAL B 427 58.74 8.05 43.04
CA VAL B 427 59.58 8.79 43.97
C VAL B 427 60.12 7.82 45.02
N GLN B 428 61.45 7.64 45.04
CA GLN B 428 62.11 6.77 45.99
C GLN B 428 62.56 7.60 47.20
N VAL B 429 61.94 7.38 48.35
CA VAL B 429 62.28 8.14 49.55
C VAL B 429 63.21 7.37 50.48
N THR B 430 64.34 8.00 50.81
CA THR B 430 65.27 7.52 51.82
C THR B 430 65.21 8.47 53.02
N PHE B 431 65.22 7.90 54.22
CA PHE B 431 65.23 8.68 55.45
C PHE B 431 66.62 8.66 56.07
N ASP B 432 67.18 9.85 56.25
CA ASP B 432 68.54 10.03 56.75
C ASP B 432 68.51 10.57 58.18
N CYS B 433 68.50 9.65 59.14
CA CYS B 433 68.36 10.01 60.56
C CYS B 433 69.64 9.91 61.36
N ASP B 434 70.67 9.31 60.76
CA ASP B 434 71.95 9.12 61.42
C ASP B 434 72.92 10.22 61.01
N CYS B 435 73.98 10.37 61.80
CA CYS B 435 75.08 11.27 61.48
C CYS B 435 76.23 10.47 60.85
N ALA B 436 77.07 11.14 60.09
CA ALA B 436 78.21 10.50 59.42
C ALA B 436 79.21 9.96 60.45
N CYS B 437 79.38 10.67 61.57
CA CYS B 437 80.34 10.28 62.60
C CYS B 437 79.97 8.99 63.36
N GLN B 438 78.72 8.55 63.25
CA GLN B 438 78.31 7.27 63.85
C GLN B 438 79.05 6.09 63.19
N ALA B 439 79.21 6.15 61.88
CA ALA B 439 80.00 5.17 61.13
C ALA B 439 81.34 4.88 61.80
N GLN B 440 82.00 5.95 62.27
CA GLN B 440 83.24 5.83 63.05
C GLN B 440 82.91 5.77 64.55
N ALA B 441 82.57 4.58 65.03
CA ALA B 441 82.03 4.39 66.37
C ALA B 441 83.11 4.23 67.45
N GLU B 442 84.23 3.62 67.09
CA GLU B 442 85.29 3.25 68.06
C GLU B 442 84.72 2.44 69.24
N PRO B 443 84.29 1.18 68.98
CA PRO B 443 83.68 0.30 69.97
C PRO B 443 84.31 0.35 71.36
N ASN B 444 85.64 0.30 71.43
CA ASN B 444 86.35 0.36 72.70
C ASN B 444 86.24 1.75 73.32
N SER B 445 85.58 1.84 74.48
CA SER B 445 85.21 3.12 75.11
C SER B 445 86.36 4.13 75.17
N HIS B 446 87.47 3.72 75.78
CA HIS B 446 88.68 4.55 75.92
C HIS B 446 88.49 5.73 76.90
N ARG B 447 87.53 6.61 76.61
CA ARG B 447 87.33 7.83 77.40
C ARG B 447 86.27 7.73 78.52
N CYS B 448 85.33 6.77 78.41
CA CYS B 448 84.31 6.61 79.46
C CYS B 448 84.87 5.82 80.64
N ASN B 449 85.20 4.54 80.41
CA ASN B 449 85.81 3.66 81.42
C ASN B 449 84.99 3.49 82.73
N ASN B 450 83.67 3.60 82.63
CA ASN B 450 82.76 3.35 83.76
C ASN B 450 81.59 2.43 83.36
N GLY B 451 81.87 1.50 82.45
CA GLY B 451 80.84 0.58 81.95
C GLY B 451 79.83 1.25 81.04
N ASN B 452 80.31 2.16 80.18
CA ASN B 452 79.45 2.90 79.25
C ASN B 452 79.53 2.32 77.83
N GLY B 453 80.75 2.23 77.32
CA GLY B 453 81.00 1.62 76.00
C GLY B 453 80.90 2.59 74.84
N THR B 454 81.88 2.55 73.95
CA THR B 454 81.91 3.30 72.67
C THR B 454 82.02 4.83 72.78
N PHE B 455 82.56 5.44 71.73
CA PHE B 455 82.84 6.87 71.69
C PHE B 455 82.64 7.43 70.27
N GLU B 456 81.54 8.15 70.05
CA GLU B 456 81.19 8.67 68.73
C GLU B 456 80.90 10.17 68.78
N CYS B 457 81.47 10.91 67.83
CA CYS B 457 81.23 12.35 67.66
C CYS B 457 81.61 13.19 68.87
N GLY B 458 82.57 12.70 69.67
CA GLY B 458 83.06 13.42 70.84
C GLY B 458 82.15 13.36 72.05
N VAL B 459 81.75 12.16 72.45
CA VAL B 459 80.81 11.99 73.59
C VAL B 459 80.75 10.56 74.13
N CYS B 460 80.37 10.42 75.41
CA CYS B 460 80.00 9.13 76.01
C CYS B 460 78.49 8.88 75.82
N ARG B 461 77.95 7.89 76.51
CA ARG B 461 76.51 7.62 76.50
C ARG B 461 75.70 8.82 76.99
N ALA C 6 12.40 11.22 -10.92
CA ALA C 6 11.10 11.91 -10.65
C ALA C 6 9.92 10.96 -10.87
N LYS C 7 9.86 10.36 -12.07
CA LYS C 7 8.75 9.47 -12.45
C LYS C 7 8.63 8.26 -11.52
N GLN C 8 9.74 7.60 -11.23
CA GLN C 8 9.75 6.40 -10.39
C GLN C 8 9.84 6.76 -8.91
N ARG C 9 8.92 6.18 -8.14
CA ARG C 9 8.71 6.50 -6.73
C ARG C 9 9.16 5.40 -5.80
N GLY C 10 9.74 4.33 -6.35
CA GLY C 10 10.14 3.19 -5.56
C GLY C 10 11.56 3.31 -5.06
N ASP C 11 12.12 2.17 -4.66
CA ASP C 11 13.50 2.05 -4.23
C ASP C 11 14.37 1.86 -5.47
N VAL C 12 14.61 2.96 -6.16
CA VAL C 12 15.39 2.95 -7.39
C VAL C 12 16.29 4.19 -7.43
N GLU D 1 -29.99 4.47 -17.97
CA GLU D 1 -30.14 3.18 -18.73
C GLU D 1 -28.94 2.98 -19.65
N VAL D 2 -28.19 1.91 -19.40
CA VAL D 2 -27.07 1.53 -20.27
C VAL D 2 -27.58 1.13 -21.63
N GLN D 3 -26.97 1.70 -22.68
CA GLN D 3 -27.36 1.42 -24.05
C GLN D 3 -26.19 1.65 -25.00
N LEU D 4 -25.90 0.63 -25.81
CA LEU D 4 -24.83 0.72 -26.81
C LEU D 4 -25.45 1.00 -28.17
N GLN D 5 -25.10 2.15 -28.74
CA GLN D 5 -25.70 2.60 -30.00
C GLN D 5 -24.73 2.44 -31.16
N GLN D 6 -25.00 1.47 -32.03
CA GLN D 6 -24.07 1.12 -33.12
C GLN D 6 -24.39 1.89 -34.37
N SER D 7 -23.38 2.03 -35.24
CA SER D 7 -23.54 2.70 -36.53
C SER D 7 -24.36 1.86 -37.50
N GLY D 8 -24.84 2.51 -38.56
CA GLY D 8 -25.81 1.90 -39.47
C GLY D 8 -25.25 0.86 -40.43
N ALA D 9 -26.16 0.22 -41.17
CA ALA D 9 -25.82 -0.83 -42.13
C ALA D 9 -24.78 -0.35 -43.13
N GLU D 10 -23.87 -1.26 -43.49
CA GLU D 10 -22.79 -0.97 -44.41
C GLU D 10 -22.90 -1.86 -45.63
N LEU D 11 -22.74 -1.26 -46.81
CA LEU D 11 -22.56 -2.00 -48.06
C LEU D 11 -21.19 -1.62 -48.61
N VAL D 12 -20.29 -2.60 -48.74
CA VAL D 12 -18.89 -2.30 -49.06
C VAL D 12 -18.32 -3.30 -50.06
N LYS D 13 -17.26 -2.88 -50.75
CA LYS D 13 -16.67 -3.70 -51.80
C LYS D 13 -15.58 -4.60 -51.26
N PRO D 14 -15.45 -5.81 -51.84
CA PRO D 14 -14.40 -6.70 -51.38
C PRO D 14 -13.02 -6.08 -51.55
N GLY D 15 -12.10 -6.39 -50.65
CA GLY D 15 -10.75 -5.85 -50.71
C GLY D 15 -10.64 -4.48 -50.06
N ALA D 16 -11.76 -3.82 -49.82
CA ALA D 16 -11.78 -2.53 -49.14
C ALA D 16 -11.77 -2.74 -47.62
N SER D 17 -11.83 -1.63 -46.88
CA SER D 17 -11.98 -1.65 -45.43
C SER D 17 -13.28 -0.98 -45.02
N VAL D 18 -13.71 -1.24 -43.79
CA VAL D 18 -14.87 -0.60 -43.20
C VAL D 18 -14.63 -0.42 -41.70
N LYS D 19 -15.17 0.64 -41.12
CA LYS D 19 -15.01 0.93 -39.69
C LYS D 19 -16.36 1.15 -39.01
N LEU D 20 -16.74 0.22 -38.15
CA LEU D 20 -18.02 0.26 -37.44
C LEU D 20 -17.84 0.97 -36.10
N SER D 21 -18.85 1.72 -35.67
CA SER D 21 -18.77 2.41 -34.38
C SER D 21 -19.85 1.94 -33.40
N CYS D 22 -19.59 2.20 -32.13
CA CYS D 22 -20.46 1.81 -31.05
C CYS D 22 -20.31 2.87 -29.97
N THR D 23 -21.35 3.67 -29.76
CA THR D 23 -21.28 4.80 -28.84
C THR D 23 -22.02 4.50 -27.54
N ALA D 24 -21.38 4.81 -26.41
CA ALA D 24 -22.00 4.62 -25.10
C ALA D 24 -23.03 5.70 -24.84
N SER D 25 -24.14 5.29 -24.23
CA SER D 25 -25.22 6.18 -23.85
C SER D 25 -25.69 5.74 -22.47
N GLY D 26 -25.71 6.67 -21.52
CA GLY D 26 -26.04 6.33 -20.13
C GLY D 26 -24.88 5.75 -19.35
N PHE D 27 -23.67 5.84 -19.90
CA PHE D 27 -22.46 5.41 -19.21
C PHE D 27 -21.24 5.89 -20.00
N ASN D 28 -20.05 5.76 -19.43
CA ASN D 28 -18.81 6.07 -20.15
C ASN D 28 -18.13 4.82 -20.66
N ILE D 29 -17.72 4.88 -21.92
CA ILE D 29 -17.11 3.76 -22.62
C ILE D 29 -15.91 3.15 -21.85
N LYS D 30 -15.15 3.98 -21.13
CA LYS D 30 -13.99 3.51 -20.37
C LYS D 30 -14.35 2.71 -19.11
N ASP D 31 -15.63 2.64 -18.76
CA ASP D 31 -16.08 1.94 -17.54
C ASP D 31 -15.77 0.45 -17.52
N THR D 32 -15.73 -0.18 -18.69
CA THR D 32 -15.55 -1.63 -18.75
C THR D 32 -14.83 -2.03 -20.02
N TYR D 33 -14.51 -3.32 -20.12
CA TYR D 33 -14.12 -3.92 -21.38
C TYR D 33 -15.28 -3.76 -22.36
N VAL D 34 -14.94 -3.53 -23.61
CA VAL D 34 -15.89 -3.54 -24.71
C VAL D 34 -15.43 -4.60 -25.70
N HIS D 35 -16.33 -5.52 -26.06
CA HIS D 35 -16.01 -6.61 -26.97
C HIS D 35 -16.72 -6.41 -28.29
N TRP D 36 -16.23 -7.09 -29.33
CA TRP D 36 -16.89 -7.14 -30.62
C TRP D 36 -17.14 -8.60 -31.01
N VAL D 37 -18.39 -8.89 -31.39
CA VAL D 37 -18.81 -10.24 -31.76
C VAL D 37 -19.41 -10.21 -33.16
N LYS D 38 -19.18 -11.30 -33.89
CA LYS D 38 -19.66 -11.46 -35.25
C LYS D 38 -20.75 -12.53 -35.23
N GLN D 39 -21.82 -12.31 -35.99
CA GLN D 39 -22.88 -13.32 -36.16
C GLN D 39 -23.17 -13.60 -37.63
N ARG D 40 -23.20 -14.87 -37.98
CA ARG D 40 -23.62 -15.29 -39.30
C ARG D 40 -24.65 -16.40 -39.15
N PRO D 41 -25.62 -16.47 -40.08
CA PRO D 41 -26.69 -17.45 -40.04
C PRO D 41 -26.23 -18.88 -39.83
N GLU D 42 -25.23 -19.31 -40.60
CA GLU D 42 -24.75 -20.70 -40.58
CA GLU D 42 -24.79 -20.70 -40.55
C GLU D 42 -23.67 -20.92 -39.53
N GLN D 43 -22.70 -20.02 -39.49
CA GLN D 43 -21.52 -20.18 -38.64
C GLN D 43 -21.71 -19.72 -37.21
N GLY D 44 -22.80 -19.00 -36.95
CA GLY D 44 -23.14 -18.63 -35.58
C GLY D 44 -22.34 -17.48 -35.05
N LEU D 45 -22.10 -17.49 -33.74
CA LEU D 45 -21.48 -16.36 -33.05
C LEU D 45 -20.00 -16.59 -32.85
N GLU D 46 -19.19 -15.61 -33.27
CA GLU D 46 -17.75 -15.65 -33.06
C GLU D 46 -17.26 -14.38 -32.38
N TRP D 47 -16.48 -14.56 -31.32
CA TRP D 47 -15.83 -13.46 -30.61
C TRP D 47 -14.61 -12.97 -31.40
N ILE D 48 -14.53 -11.65 -31.59
CA ILE D 48 -13.46 -11.04 -32.38
C ILE D 48 -12.32 -10.55 -31.47
N GLY D 49 -12.69 -9.83 -30.43
CA GLY D 49 -11.71 -9.32 -29.48
C GLY D 49 -12.32 -8.32 -28.53
N ARG D 50 -11.47 -7.66 -27.75
CA ARG D 50 -11.94 -6.66 -26.80
C ARG D 50 -10.92 -5.55 -26.67
N ILE D 51 -11.38 -4.43 -26.11
CA ILE D 51 -10.49 -3.34 -25.76
C ILE D 51 -10.83 -2.87 -24.35
N ASP D 52 -9.83 -2.39 -23.62
CA ASP D 52 -10.06 -1.65 -22.39
C ASP D 52 -9.86 -0.19 -22.74
N PRO D 53 -10.96 0.54 -23.00
CA PRO D 53 -10.83 1.92 -23.47
C PRO D 53 -10.10 2.87 -22.53
N ALA D 54 -10.01 2.52 -21.24
CA ALA D 54 -9.24 3.31 -20.28
C ALA D 54 -7.76 3.44 -20.70
N ASN D 55 -7.22 2.40 -21.33
CA ASN D 55 -5.79 2.35 -21.70
C ASN D 55 -5.48 1.87 -23.12
N GLY D 56 -6.51 1.47 -23.86
CA GLY D 56 -6.32 1.01 -25.23
C GLY D 56 -5.81 -0.41 -25.44
N TYR D 57 -5.54 -1.14 -24.35
CA TYR D 57 -5.03 -2.50 -24.50
C TYR D 57 -6.11 -3.41 -25.10
N THR D 58 -5.71 -4.21 -26.08
CA THR D 58 -6.61 -5.08 -26.82
C THR D 58 -6.21 -6.56 -26.73
N LYS D 59 -7.17 -7.43 -27.00
CA LYS D 59 -6.97 -8.86 -27.22
C LYS D 59 -7.79 -9.29 -28.43
N TYR D 60 -7.28 -10.23 -29.20
CA TYR D 60 -7.97 -10.72 -30.39
C TYR D 60 -7.99 -12.24 -30.44
N ASP D 61 -9.02 -12.81 -31.04
CA ASP D 61 -8.96 -14.20 -31.44
C ASP D 61 -7.99 -14.22 -32.63
N PRO D 62 -6.99 -15.11 -32.60
CA PRO D 62 -6.05 -15.23 -33.72
C PRO D 62 -6.71 -15.33 -35.10
N LYS D 63 -7.90 -15.91 -35.18
CA LYS D 63 -8.63 -15.95 -36.45
C LYS D 63 -8.80 -14.57 -37.07
N PHE D 64 -8.93 -13.53 -36.24
CA PHE D 64 -9.14 -12.16 -36.71
C PHE D 64 -7.93 -11.25 -36.57
N GLN D 65 -6.79 -11.81 -36.15
CA GLN D 65 -5.57 -11.04 -36.00
C GLN D 65 -5.15 -10.52 -37.37
N GLY D 66 -4.89 -9.22 -37.45
CA GLY D 66 -4.47 -8.58 -38.70
C GLY D 66 -5.57 -8.33 -39.72
N LYS D 67 -6.82 -8.56 -39.34
CA LYS D 67 -7.97 -8.11 -40.11
C LYS D 67 -8.75 -7.10 -39.28
N ALA D 68 -9.02 -7.46 -38.02
CA ALA D 68 -9.75 -6.62 -37.08
C ALA D 68 -8.80 -5.75 -36.27
N THR D 69 -9.17 -4.47 -36.15
CA THR D 69 -8.49 -3.56 -35.25
C THR D 69 -9.53 -2.85 -34.42
N ILE D 70 -9.52 -3.11 -33.13
CA ILE D 70 -10.44 -2.46 -32.22
C ILE D 70 -9.75 -1.23 -31.65
N THR D 71 -10.46 -0.11 -31.64
CA THR D 71 -9.97 1.10 -31.00
C THR D 71 -11.10 1.71 -30.18
N ALA D 72 -10.76 2.76 -29.43
CA ALA D 72 -11.77 3.47 -28.65
C ALA D 72 -11.33 4.89 -28.44
N ASP D 73 -12.30 5.75 -28.23
CA ASP D 73 -12.05 7.16 -28.03
C ASP D 73 -12.95 7.64 -26.92
N THR D 74 -12.35 7.89 -25.76
CA THR D 74 -13.09 8.30 -24.57
C THR D 74 -13.66 9.72 -24.72
N SER D 75 -13.08 10.54 -25.60
CA SER D 75 -13.62 11.88 -25.87
C SER D 75 -15.03 11.82 -26.42
N SER D 76 -15.25 10.94 -27.40
CA SER D 76 -16.56 10.77 -28.01
C SER D 76 -17.31 9.56 -27.46
N ASN D 77 -16.82 8.97 -26.36
CA ASN D 77 -17.44 7.79 -25.76
C ASN D 77 -17.79 6.70 -26.77
N THR D 78 -16.86 6.45 -27.71
CA THR D 78 -17.11 5.50 -28.78
C THR D 78 -16.02 4.45 -28.88
N ALA D 79 -16.43 3.23 -29.16
CA ALA D 79 -15.54 2.13 -29.52
C ALA D 79 -15.72 1.85 -31.01
N TYR D 80 -14.66 1.39 -31.67
CA TYR D 80 -14.66 1.16 -33.11
C TYR D 80 -14.10 -0.21 -33.45
N LEU D 81 -14.64 -0.81 -34.51
CA LEU D 81 -14.11 -2.03 -35.11
C LEU D 81 -13.81 -1.76 -36.57
N GLN D 82 -12.55 -1.90 -36.95
CA GLN D 82 -12.16 -1.78 -38.33
C GLN D 82 -11.79 -3.13 -38.91
N LEU D 83 -12.42 -3.47 -40.03
CA LEU D 83 -12.09 -4.69 -40.78
C LEU D 83 -11.41 -4.32 -42.09
N SER D 84 -10.18 -4.80 -42.29
CA SER D 84 -9.46 -4.57 -43.54
C SER D 84 -9.62 -5.76 -44.46
N SER D 85 -9.24 -5.59 -45.72
CA SER D 85 -9.22 -6.70 -46.69
C SER D 85 -10.55 -7.45 -46.71
N LEU D 86 -11.63 -6.72 -46.91
CA LEU D 86 -12.97 -7.31 -46.81
C LEU D 86 -13.18 -8.46 -47.79
N THR D 87 -13.77 -9.55 -47.31
CA THR D 87 -14.09 -10.71 -48.14
C THR D 87 -15.56 -11.06 -47.93
N SER D 88 -16.07 -12.00 -48.72
CA SER D 88 -17.44 -12.47 -48.55
C SER D 88 -17.72 -13.11 -47.18
N GLU D 89 -16.69 -13.64 -46.52
CA GLU D 89 -16.85 -14.18 -45.16
C GLU D 89 -17.08 -13.10 -44.10
N ASP D 90 -16.81 -11.83 -44.44
CA ASP D 90 -17.02 -10.73 -43.53
C ASP D 90 -18.45 -10.19 -43.58
N THR D 91 -19.26 -10.68 -44.53
CA THR D 91 -20.68 -10.37 -44.56
C THR D 91 -21.31 -11.01 -43.32
N ALA D 92 -21.77 -10.18 -42.39
CA ALA D 92 -22.24 -10.64 -41.10
C ALA D 92 -22.92 -9.49 -40.33
N VAL D 93 -23.54 -9.81 -39.20
CA VAL D 93 -23.95 -8.74 -38.27
C VAL D 93 -22.89 -8.65 -37.17
N TYR D 94 -22.50 -7.42 -36.83
CA TYR D 94 -21.45 -7.19 -35.84
C TYR D 94 -22.00 -6.48 -34.61
N TYR D 95 -21.67 -6.98 -33.43
CA TYR D 95 -22.17 -6.42 -32.16
C TYR D 95 -21.02 -5.96 -31.25
N CYS D 96 -21.23 -4.86 -30.54
CA CYS D 96 -20.35 -4.49 -29.43
C CYS D 96 -21.06 -4.92 -28.15
N VAL D 97 -20.27 -5.36 -27.17
CA VAL D 97 -20.80 -5.95 -25.96
C VAL D 97 -20.01 -5.46 -24.75
N ARG D 98 -20.67 -5.40 -23.60
CA ARG D 98 -19.99 -5.12 -22.34
C ARG D 98 -20.71 -5.80 -21.18
N PRO D 99 -19.99 -6.06 -20.08
CA PRO D 99 -20.57 -6.70 -18.92
C PRO D 99 -21.43 -5.77 -18.08
N LEU D 100 -22.27 -6.34 -17.25
CA LEU D 100 -23.02 -5.57 -16.28
C LEU D 100 -22.12 -5.34 -15.05
N TYR D 101 -21.77 -6.41 -14.35
CA TYR D 101 -20.98 -6.31 -13.12
C TYR D 101 -19.64 -7.03 -13.23
N ASP D 102 -19.73 -8.33 -13.50
CA ASP D 102 -18.57 -9.21 -13.66
C ASP D 102 -17.66 -8.65 -14.74
N TYR D 103 -16.42 -8.33 -14.40
CA TYR D 103 -15.43 -7.82 -15.36
C TYR D 103 -15.42 -8.58 -16.69
N TYR D 104 -15.57 -9.90 -16.61
CA TYR D 104 -15.32 -10.75 -17.76
C TYR D 104 -16.56 -11.18 -18.53
N ALA D 105 -17.73 -10.70 -18.13
CA ALA D 105 -19.02 -11.17 -18.66
C ALA D 105 -19.44 -10.45 -19.94
N MET D 106 -20.54 -10.91 -20.55
CA MET D 106 -21.01 -10.42 -21.84
C MET D 106 -22.51 -10.15 -21.79
N ASP D 107 -22.89 -9.08 -21.11
CA ASP D 107 -24.29 -8.92 -20.66
C ASP D 107 -25.12 -7.93 -21.46
N TYR D 108 -24.51 -6.81 -21.86
CA TYR D 108 -25.18 -5.76 -22.61
C TYR D 108 -24.67 -5.72 -24.04
N TRP D 109 -25.59 -5.71 -25.01
CA TRP D 109 -25.26 -5.79 -26.42
C TRP D 109 -25.86 -4.62 -27.19
N GLY D 110 -25.12 -4.12 -28.17
CA GLY D 110 -25.65 -3.13 -29.10
C GLY D 110 -26.68 -3.77 -30.00
N GLN D 111 -27.32 -2.98 -30.85
CA GLN D 111 -28.41 -3.48 -31.69
C GLN D 111 -27.91 -4.27 -32.90
N GLY D 112 -26.60 -4.21 -33.15
CA GLY D 112 -25.98 -4.88 -34.29
C GLY D 112 -25.78 -3.95 -35.47
N THR D 113 -24.68 -4.14 -36.19
CA THR D 113 -24.46 -3.47 -37.47
C THR D 113 -24.28 -4.51 -38.56
N SER D 114 -25.15 -4.45 -39.56
CA SER D 114 -25.06 -5.34 -40.71
C SER D 114 -24.01 -4.84 -41.69
N VAL D 115 -23.08 -5.72 -42.08
CA VAL D 115 -22.12 -5.42 -43.13
C VAL D 115 -22.34 -6.40 -44.28
N THR D 116 -22.53 -5.87 -45.48
CA THR D 116 -22.65 -6.69 -46.69
C THR D 116 -21.50 -6.37 -47.62
N VAL D 117 -20.70 -7.39 -47.94
CA VAL D 117 -19.54 -7.23 -48.84
C VAL D 117 -19.95 -7.74 -50.21
N SER D 118 -19.91 -6.87 -51.22
CA SER D 118 -20.35 -7.24 -52.55
C SER D 118 -19.78 -6.36 -53.65
N SER D 119 -19.60 -6.92 -54.84
CA SER D 119 -19.21 -6.15 -56.02
C SER D 119 -20.44 -5.74 -56.86
N ALA D 120 -21.60 -6.30 -56.55
CA ALA D 120 -22.82 -6.07 -57.32
C ALA D 120 -23.14 -4.58 -57.47
N LYS D 121 -23.58 -4.20 -58.67
CA LYS D 121 -24.09 -2.87 -58.93
C LYS D 121 -25.59 -2.83 -58.61
N THR D 122 -26.10 -1.64 -58.31
CA THR D 122 -27.53 -1.47 -58.06
C THR D 122 -28.32 -1.91 -59.28
N THR D 123 -29.29 -2.80 -59.05
CA THR D 123 -30.04 -3.42 -60.14
C THR D 123 -31.50 -3.53 -59.75
N ALA D 124 -32.39 -2.97 -60.57
CA ALA D 124 -33.83 -3.07 -60.33
C ALA D 124 -34.33 -4.50 -60.52
N PRO D 125 -35.33 -4.92 -59.72
CA PRO D 125 -35.90 -6.26 -59.87
C PRO D 125 -36.78 -6.37 -61.09
N SER D 126 -36.84 -7.57 -61.68
CA SER D 126 -37.92 -7.93 -62.60
C SER D 126 -39.03 -8.52 -61.74
N VAL D 127 -40.27 -8.12 -62.00
CA VAL D 127 -41.40 -8.59 -61.21
C VAL D 127 -42.39 -9.33 -62.11
N TYR D 128 -42.61 -10.60 -61.79
CA TYR D 128 -43.45 -11.46 -62.60
C TYR D 128 -44.67 -11.92 -61.82
N PRO D 129 -45.86 -11.84 -62.44
CA PRO D 129 -47.07 -12.34 -61.79
C PRO D 129 -47.18 -13.85 -61.96
N LEU D 130 -47.71 -14.52 -60.96
CA LEU D 130 -47.89 -15.98 -61.00
C LEU D 130 -49.36 -16.32 -60.82
N ALA D 131 -50.01 -16.59 -61.95
CA ALA D 131 -51.40 -17.04 -61.97
C ALA D 131 -51.43 -18.55 -62.02
N PRO D 132 -52.51 -19.17 -61.51
CA PRO D 132 -52.59 -20.64 -61.46
C PRO D 132 -52.55 -21.34 -62.80
N VAL D 133 -52.40 -22.66 -62.74
CA VAL D 133 -52.50 -23.53 -63.91
C VAL D 133 -54.00 -23.71 -64.28
N CYS D 134 -54.35 -24.80 -64.97
CA CYS D 134 -55.75 -25.14 -65.24
C CYS D 134 -56.22 -26.38 -64.46
N THR D 137 -59.10 -28.83 -62.38
CA THR D 137 -60.31 -28.34 -61.70
C THR D 137 -59.98 -27.23 -60.70
N THR D 138 -61.02 -26.57 -60.20
CA THR D 138 -60.88 -25.44 -59.28
C THR D 138 -61.60 -25.74 -57.95
N GLY D 139 -60.88 -25.58 -56.84
CA GLY D 139 -61.40 -25.90 -55.51
C GLY D 139 -62.10 -24.73 -54.85
N SER D 140 -62.03 -24.68 -53.52
CA SER D 140 -62.68 -23.62 -52.74
C SER D 140 -61.76 -22.42 -52.51
N SER D 141 -60.46 -22.66 -52.55
CA SER D 141 -59.47 -21.59 -52.46
C SER D 141 -58.52 -21.64 -53.64
N VAL D 142 -57.94 -20.47 -53.93
CA VAL D 142 -56.99 -20.32 -55.02
C VAL D 142 -55.75 -19.58 -54.50
N THR D 143 -54.57 -20.01 -54.94
CA THR D 143 -53.32 -19.37 -54.55
C THR D 143 -52.63 -18.73 -55.75
N LEU D 144 -52.31 -17.44 -55.61
CA LEU D 144 -51.59 -16.68 -56.62
C LEU D 144 -50.20 -16.35 -56.06
N GLY D 145 -49.35 -15.76 -56.91
CA GLY D 145 -48.00 -15.44 -56.49
C GLY D 145 -47.35 -14.28 -57.21
N CYS D 146 -46.18 -13.90 -56.70
CA CYS D 146 -45.36 -12.86 -57.27
C CYS D 146 -43.89 -13.27 -57.15
N LEU D 147 -43.16 -13.15 -58.25
CA LEU D 147 -41.75 -13.49 -58.29
C LEU D 147 -40.96 -12.21 -58.54
N VAL D 148 -40.02 -11.90 -57.64
CA VAL D 148 -39.18 -10.71 -57.73
C VAL D 148 -37.74 -11.18 -57.98
N LYS D 149 -37.22 -10.97 -59.19
CA LYS D 149 -35.93 -11.54 -59.59
C LYS D 149 -34.86 -10.52 -59.86
N GLY D 150 -33.64 -10.85 -59.41
CA GLY D 150 -32.42 -10.20 -59.89
C GLY D 150 -32.27 -8.76 -59.50
N TYR D 151 -32.43 -8.48 -58.21
CA TYR D 151 -32.23 -7.14 -57.69
C TYR D 151 -31.07 -7.08 -56.70
N PHE D 152 -30.56 -5.87 -56.53
CA PHE D 152 -29.51 -5.60 -55.56
C PHE D 152 -29.48 -4.10 -55.30
N PRO D 153 -29.28 -3.70 -54.05
CA PRO D 153 -29.18 -4.53 -52.86
C PRO D 153 -30.54 -4.72 -52.21
N GLU D 154 -30.57 -5.47 -51.11
CA GLU D 154 -31.78 -5.53 -50.29
CA GLU D 154 -31.76 -5.53 -50.26
C GLU D 154 -31.97 -4.15 -49.66
N PRO D 155 -33.22 -3.82 -49.27
CA PRO D 155 -34.45 -4.59 -49.32
C PRO D 155 -35.36 -4.20 -50.47
N VAL D 156 -36.39 -5.02 -50.68
CA VAL D 156 -37.57 -4.62 -51.41
C VAL D 156 -38.72 -4.72 -50.43
N THR D 157 -39.76 -3.92 -50.67
CA THR D 157 -41.00 -4.03 -49.93
C THR D 157 -42.05 -4.56 -50.90
N LEU D 158 -42.74 -5.63 -50.51
CA LEU D 158 -43.77 -6.23 -51.33
C LEU D 158 -45.09 -6.23 -50.59
N THR D 159 -46.15 -5.73 -51.22
CA THR D 159 -47.49 -5.79 -50.65
C THR D 159 -48.49 -6.24 -51.71
N TRP D 160 -49.69 -6.62 -51.26
CA TRP D 160 -50.78 -6.97 -52.17
C TRP D 160 -51.90 -5.94 -52.01
N ASN D 161 -52.49 -5.54 -53.14
CA ASN D 161 -53.53 -4.51 -53.18
C ASN D 161 -53.18 -3.28 -52.34
N SER D 162 -51.94 -2.83 -52.46
CA SER D 162 -51.40 -1.67 -51.72
C SER D 162 -51.51 -1.84 -50.21
N GLY D 163 -51.39 -3.08 -49.74
CA GLY D 163 -51.46 -3.39 -48.32
C GLY D 163 -52.84 -3.80 -47.81
N SER D 164 -53.84 -3.69 -48.67
CA SER D 164 -55.22 -4.03 -48.28
C SER D 164 -55.44 -5.53 -48.10
N LEU D 165 -54.62 -6.33 -48.79
CA LEU D 165 -54.70 -7.79 -48.66
C LEU D 165 -53.45 -8.28 -47.94
N SER D 166 -53.60 -8.59 -46.65
CA SER D 166 -52.47 -8.99 -45.79
C SER D 166 -52.65 -10.36 -45.14
N SER D 167 -53.90 -10.76 -44.92
CA SER D 167 -54.20 -12.10 -44.42
C SER D 167 -53.97 -13.12 -45.53
N GLY D 168 -53.48 -14.30 -45.16
CA GLY D 168 -53.19 -15.36 -46.12
C GLY D 168 -52.04 -15.07 -47.08
N VAL D 169 -51.07 -14.29 -46.63
CA VAL D 169 -49.89 -13.99 -47.45
C VAL D 169 -48.64 -14.65 -46.86
N HIS D 170 -47.80 -15.21 -47.72
CA HIS D 170 -46.46 -15.62 -47.33
C HIS D 170 -45.45 -14.93 -48.24
N THR D 171 -44.69 -14.00 -47.67
CA THR D 171 -43.60 -13.36 -48.40
C THR D 171 -42.29 -13.91 -47.89
N PHE D 172 -41.59 -14.65 -48.76
CA PHE D 172 -40.44 -15.43 -48.34
C PHE D 172 -39.16 -14.59 -48.26
N PRO D 173 -38.26 -14.95 -47.34
CA PRO D 173 -36.98 -14.24 -47.27
C PRO D 173 -36.24 -14.26 -48.61
N ALA D 174 -35.57 -13.17 -48.94
CA ALA D 174 -34.79 -13.09 -50.16
C ALA D 174 -33.61 -14.06 -50.11
N VAL D 175 -33.20 -14.54 -51.27
CA VAL D 175 -32.03 -15.40 -51.35
C VAL D 175 -31.09 -14.90 -52.44
N LEU D 176 -29.80 -14.96 -52.14
CA LEU D 176 -28.77 -14.50 -53.04
C LEU D 176 -28.41 -15.63 -54.00
N GLN D 177 -28.53 -15.36 -55.29
CA GLN D 177 -28.03 -16.27 -56.32
C GLN D 177 -27.21 -15.47 -57.34
N SER D 178 -25.90 -15.72 -57.34
CA SER D 178 -24.96 -15.06 -58.27
C SER D 178 -25.00 -13.54 -58.10
N ASP D 179 -24.85 -13.10 -56.86
CA ASP D 179 -24.68 -11.68 -56.52
C ASP D 179 -25.96 -10.84 -56.55
N LEU D 180 -27.06 -11.35 -57.10
CA LEU D 180 -28.34 -10.63 -57.03
C LEU D 180 -29.36 -11.39 -56.17
N TYR D 181 -30.33 -10.66 -55.64
CA TYR D 181 -31.32 -11.26 -54.74
C TYR D 181 -32.58 -11.64 -55.50
N THR D 182 -33.23 -12.70 -55.01
CA THR D 182 -34.52 -13.13 -55.53
C THR D 182 -35.44 -13.39 -54.34
N LEU D 183 -36.70 -13.02 -54.51
CA LEU D 183 -37.69 -13.14 -53.47
C LEU D 183 -39.00 -13.57 -54.13
N SER D 184 -39.89 -14.15 -53.35
CA SER D 184 -41.21 -14.52 -53.87
C SER D 184 -42.27 -14.36 -52.79
N SER D 185 -43.53 -14.24 -53.23
CA SER D 185 -44.64 -14.10 -52.31
C SER D 185 -45.84 -14.85 -52.82
N SER D 186 -46.61 -15.44 -51.91
CA SER D 186 -47.87 -16.08 -52.23
C SER D 186 -49.02 -15.43 -51.44
N VAL D 187 -50.20 -15.47 -52.05
CA VAL D 187 -51.42 -15.01 -51.43
C VAL D 187 -52.53 -16.01 -51.77
N THR D 188 -53.32 -16.38 -50.77
CA THR D 188 -54.39 -17.34 -50.95
C THR D 188 -55.70 -16.67 -50.59
N VAL D 189 -56.69 -16.83 -51.46
CA VAL D 189 -58.03 -16.28 -51.24
C VAL D 189 -59.06 -17.35 -51.55
N THR D 190 -60.32 -17.08 -51.28
CA THR D 190 -61.39 -17.97 -51.69
C THR D 190 -61.63 -17.81 -53.19
N SER D 191 -61.99 -18.90 -53.87
CA SER D 191 -62.13 -18.90 -55.32
C SER D 191 -63.16 -17.90 -55.86
N SER D 192 -64.17 -17.58 -55.07
CA SER D 192 -65.17 -16.58 -55.46
C SER D 192 -64.61 -15.16 -55.46
N THR D 193 -63.46 -14.95 -54.81
CA THR D 193 -62.78 -13.65 -54.78
C THR D 193 -62.04 -13.35 -56.09
N TRP D 194 -61.39 -14.35 -56.65
CA TRP D 194 -60.51 -14.14 -57.80
C TRP D 194 -60.84 -15.11 -58.94
N PRO D 195 -60.83 -14.62 -60.20
CA PRO D 195 -60.50 -13.28 -60.69
C PRO D 195 -61.60 -12.22 -60.63
N SER D 196 -62.73 -12.51 -60.00
CA SER D 196 -63.85 -11.55 -59.93
C SER D 196 -63.41 -10.20 -59.36
N GLN D 197 -62.55 -10.23 -58.34
CA GLN D 197 -61.96 -9.02 -57.76
C GLN D 197 -60.47 -8.94 -58.07
N SER D 198 -60.00 -7.72 -58.29
CA SER D 198 -58.64 -7.46 -58.79
C SER D 198 -57.56 -7.62 -57.70
N ILE D 199 -56.64 -8.55 -57.91
CA ILE D 199 -55.49 -8.73 -57.00
C ILE D 199 -54.19 -8.32 -57.70
N THR D 200 -53.45 -7.40 -57.08
CA THR D 200 -52.25 -6.84 -57.69
C THR D 200 -51.05 -6.92 -56.76
N CYS D 201 -49.92 -7.32 -57.33
CA CYS D 201 -48.65 -7.36 -56.63
C CYS D 201 -48.01 -5.96 -56.63
N ASN D 202 -47.52 -5.50 -55.48
CA ASN D 202 -46.86 -4.18 -55.38
C ASN D 202 -45.43 -4.32 -54.89
N VAL D 203 -44.45 -4.01 -55.74
CA VAL D 203 -43.03 -4.15 -55.40
C VAL D 203 -42.25 -2.83 -55.46
N ALA D 204 -41.59 -2.49 -54.37
CA ALA D 204 -40.80 -1.25 -54.28
C ALA D 204 -39.33 -1.56 -53.98
N HIS D 205 -38.42 -0.99 -54.78
CA HIS D 205 -36.99 -1.14 -54.56
C HIS D 205 -36.33 0.22 -54.44
N PRO D 206 -36.27 0.78 -53.21
CA PRO D 206 -35.73 2.11 -52.93
C PRO D 206 -34.38 2.41 -53.59
N ALA D 207 -33.47 1.44 -53.57
CA ALA D 207 -32.11 1.63 -54.10
C ALA D 207 -32.10 2.04 -55.58
N SER D 208 -32.95 1.39 -56.37
CA SER D 208 -33.07 1.70 -57.80
C SER D 208 -34.16 2.73 -58.08
N SER D 209 -34.78 3.25 -57.02
CA SER D 209 -35.89 4.20 -57.13
C SER D 209 -36.99 3.68 -58.05
N THR D 210 -37.46 2.46 -57.78
CA THR D 210 -38.47 1.83 -58.62
C THR D 210 -39.67 1.31 -57.81
N LYS D 211 -40.86 1.50 -58.38
CA LYS D 211 -42.10 0.95 -57.86
C LYS D 211 -42.83 0.29 -59.01
N VAL D 212 -43.26 -0.96 -58.80
CA VAL D 212 -43.91 -1.73 -59.85
C VAL D 212 -45.18 -2.39 -59.33
N ASP D 213 -46.25 -2.30 -60.11
CA ASP D 213 -47.50 -2.99 -59.82
C ASP D 213 -47.77 -4.04 -60.89
N LYS D 214 -48.14 -5.25 -60.47
CA LYS D 214 -48.41 -6.33 -61.40
C LYS D 214 -49.72 -7.03 -61.05
N LYS D 215 -50.77 -6.67 -61.79
CA LYS D 215 -52.07 -7.32 -61.66
C LYS D 215 -51.94 -8.78 -62.09
N ILE D 216 -52.40 -9.69 -61.21
CA ILE D 216 -52.43 -11.10 -61.54
C ILE D 216 -53.61 -11.37 -62.48
N GLU D 217 -53.31 -11.89 -63.67
CA GLU D 217 -54.32 -12.16 -64.68
C GLU D 217 -54.48 -13.67 -64.90
N PRO D 218 -55.72 -14.16 -65.05
CA PRO D 218 -55.91 -15.57 -65.38
C PRO D 218 -55.32 -15.94 -66.75
N ARG D 219 -54.72 -17.11 -66.83
CA ARG D 219 -54.15 -17.59 -68.09
C ARG D 219 -55.26 -18.02 -69.04
N GLY D 220 -55.11 -17.71 -70.32
CA GLY D 220 -56.17 -17.95 -71.31
C GLY D 220 -55.84 -19.05 -72.31
N PRO D 221 -56.74 -19.29 -73.29
CA PRO D 221 -56.48 -20.26 -74.35
C PRO D 221 -55.39 -19.80 -75.33
N ASP E 1 -8.82 -23.87 -28.21
CA ASP E 1 -10.01 -23.11 -27.76
C ASP E 1 -11.02 -24.06 -27.13
N ILE E 2 -11.85 -23.53 -26.23
CA ILE E 2 -12.87 -24.31 -25.58
C ILE E 2 -14.08 -24.42 -26.49
N LEU E 3 -14.51 -25.65 -26.74
CA LEU E 3 -15.66 -25.92 -27.59
C LEU E 3 -16.89 -26.00 -26.72
N MET E 4 -17.90 -25.19 -27.06
CA MET E 4 -19.16 -25.16 -26.35
C MET E 4 -20.21 -25.84 -27.21
N THR E 5 -20.63 -27.03 -26.80
CA THR E 5 -21.66 -27.77 -27.52
C THR E 5 -22.99 -27.57 -26.82
N GLN E 6 -23.95 -26.99 -27.53
CA GLN E 6 -25.26 -26.68 -26.95
C GLN E 6 -26.32 -27.69 -27.43
N SER E 7 -27.28 -28.01 -26.56
CA SER E 7 -28.30 -29.03 -26.86
C SER E 7 -29.63 -28.75 -26.19
N PRO E 8 -30.75 -29.00 -26.90
CA PRO E 8 -30.82 -29.38 -28.32
C PRO E 8 -30.66 -28.15 -29.20
N SER E 9 -30.56 -28.34 -30.51
CA SER E 9 -30.46 -27.21 -31.41
C SER E 9 -31.83 -26.57 -31.63
N SER E 10 -32.88 -27.36 -31.47
CA SER E 10 -34.23 -26.81 -31.37
C SER E 10 -35.15 -27.72 -30.59
N MET E 11 -36.22 -27.15 -30.05
CA MET E 11 -37.25 -27.92 -29.39
C MET E 11 -38.61 -27.30 -29.69
N SER E 12 -39.61 -28.16 -29.84
CA SER E 12 -40.97 -27.73 -30.06
C SER E 12 -41.72 -27.87 -28.76
N VAL E 13 -42.06 -26.74 -28.16
CA VAL E 13 -42.63 -26.72 -26.83
C VAL E 13 -43.89 -25.86 -26.80
N SER E 14 -44.57 -25.84 -25.65
CA SER E 14 -45.85 -25.15 -25.50
C SER E 14 -45.77 -24.10 -24.41
N LEU E 15 -46.76 -23.22 -24.38
CA LEU E 15 -46.90 -22.23 -23.31
C LEU E 15 -47.09 -22.93 -21.99
N GLY E 16 -46.40 -22.45 -20.95
CA GLY E 16 -46.53 -23.04 -19.62
C GLY E 16 -45.55 -24.16 -19.31
N ASP E 17 -44.88 -24.69 -20.35
CA ASP E 17 -43.88 -25.74 -20.15
C ASP E 17 -42.69 -25.21 -19.36
N THR E 18 -41.97 -26.14 -18.74
CA THR E 18 -40.68 -25.87 -18.15
C THR E 18 -39.66 -26.60 -19.01
N VAL E 19 -38.64 -25.90 -19.48
CA VAL E 19 -37.67 -26.48 -20.41
C VAL E 19 -36.24 -26.22 -19.94
N SER E 20 -35.31 -27.06 -20.39
CA SER E 20 -33.90 -26.86 -20.10
C SER E 20 -33.07 -26.94 -21.36
N ILE E 21 -32.13 -26.01 -21.48
CA ILE E 21 -31.13 -26.00 -22.54
C ILE E 21 -29.83 -26.36 -21.87
N THR E 22 -29.10 -27.33 -22.40
CA THR E 22 -27.82 -27.70 -21.79
C THR E 22 -26.62 -27.22 -22.63
N CYS E 23 -25.50 -27.07 -21.96
CA CYS E 23 -24.29 -26.65 -22.60
C CYS E 23 -23.15 -27.50 -22.01
N HIS E 24 -22.36 -28.10 -22.89
CA HIS E 24 -21.19 -28.90 -22.51
C HIS E 24 -19.90 -28.23 -23.00
N ALA E 25 -19.03 -27.88 -22.06
CA ALA E 25 -17.74 -27.30 -22.38
C ALA E 25 -16.75 -28.45 -22.60
N SER E 26 -15.76 -28.22 -23.45
CA SER E 26 -14.72 -29.24 -23.74
C SER E 26 -13.71 -29.36 -22.60
N GLN E 27 -13.80 -28.46 -21.63
CA GLN E 27 -13.11 -28.62 -20.36
C GLN E 27 -13.87 -27.87 -19.27
N GLY E 28 -13.43 -28.04 -18.03
CA GLY E 28 -14.04 -27.36 -16.90
C GLY E 28 -13.87 -25.86 -17.03
N ILE E 29 -14.95 -25.12 -16.80
CA ILE E 29 -14.94 -23.66 -16.92
C ILE E 29 -15.47 -22.99 -15.63
N SER E 30 -15.53 -23.76 -14.55
CA SER E 30 -15.95 -23.30 -13.21
C SER E 30 -16.92 -22.12 -13.19
N SER E 31 -18.06 -22.32 -13.85
CA SER E 31 -19.21 -21.40 -13.86
C SER E 31 -18.97 -20.10 -14.62
N ASN E 32 -17.86 -19.99 -15.33
CA ASN E 32 -17.60 -18.80 -16.14
C ASN E 32 -18.37 -18.91 -17.45
N ILE E 33 -19.69 -18.85 -17.31
CA ILE E 33 -20.61 -19.10 -18.39
C ILE E 33 -21.72 -18.05 -18.35
N GLY E 34 -22.09 -17.55 -19.53
CA GLY E 34 -23.24 -16.65 -19.67
C GLY E 34 -24.29 -17.27 -20.57
N TRP E 35 -25.53 -16.85 -20.38
CA TRP E 35 -26.62 -17.27 -21.24
C TRP E 35 -27.25 -16.03 -21.87
N LEU E 36 -27.56 -16.12 -23.16
CA LEU E 36 -28.01 -15.00 -23.95
C LEU E 36 -29.31 -15.38 -24.63
N GLN E 37 -30.14 -14.38 -24.90
CA GLN E 37 -31.40 -14.57 -25.62
C GLN E 37 -31.47 -13.59 -26.78
N GLN E 38 -31.88 -14.09 -27.95
CA GLN E 38 -32.13 -13.25 -29.13
C GLN E 38 -33.51 -13.57 -29.69
N LYS E 39 -34.43 -12.62 -29.54
CA LYS E 39 -35.78 -12.77 -30.07
C LYS E 39 -35.75 -12.58 -31.58
N PRO E 40 -36.77 -13.10 -32.28
CA PRO E 40 -36.83 -13.00 -33.75
C PRO E 40 -36.58 -11.58 -34.27
N GLY E 41 -35.52 -11.42 -35.05
CA GLY E 41 -35.22 -10.13 -35.68
C GLY E 41 -34.67 -9.08 -34.73
N LYS E 42 -34.44 -9.46 -33.48
CA LYS E 42 -33.97 -8.55 -32.45
C LYS E 42 -32.48 -8.79 -32.18
N SER E 43 -31.89 -7.90 -31.38
CA SER E 43 -30.52 -8.08 -30.94
C SER E 43 -30.47 -9.02 -29.72
N PHE E 44 -29.37 -8.98 -28.98
CA PHE E 44 -29.19 -9.87 -27.84
C PHE E 44 -29.54 -9.20 -26.53
N MET E 45 -29.98 -10.01 -25.58
CA MET E 45 -30.11 -9.64 -24.17
C MET E 45 -29.40 -10.71 -23.35
N GLY E 46 -28.63 -10.27 -22.37
CA GLY E 46 -28.02 -11.18 -21.41
C GLY E 46 -29.04 -11.64 -20.39
N LEU E 47 -29.02 -12.94 -20.08
CA LEU E 47 -29.94 -13.53 -19.13
C LEU E 47 -29.23 -13.87 -17.82
N ILE E 48 -28.13 -14.63 -17.92
CA ILE E 48 -27.38 -15.10 -16.75
C ILE E 48 -25.90 -14.74 -16.93
N TYR E 49 -25.24 -14.35 -15.84
CA TYR E 49 -23.77 -14.28 -15.82
C TYR E 49 -23.23 -15.14 -14.69
N TYR E 50 -22.00 -15.63 -14.88
CA TYR E 50 -21.30 -16.43 -13.89
C TYR E 50 -22.17 -17.59 -13.38
N GLY E 51 -22.83 -18.27 -14.31
CA GLY E 51 -23.49 -19.54 -14.05
C GLY E 51 -24.94 -19.46 -13.62
N THR E 52 -25.21 -18.64 -12.61
CA THR E 52 -26.52 -18.64 -11.95
C THR E 52 -27.10 -17.25 -11.66
N ASN E 53 -26.32 -16.19 -11.86
CA ASN E 53 -26.77 -14.85 -11.51
C ASN E 53 -27.61 -14.23 -12.63
N LEU E 54 -28.84 -13.86 -12.33
CA LEU E 54 -29.70 -13.16 -13.29
C LEU E 54 -29.19 -11.73 -13.52
N VAL E 55 -29.05 -11.37 -14.78
CA VAL E 55 -28.86 -9.98 -15.17
C VAL E 55 -30.05 -9.15 -14.65
N ASP E 56 -29.79 -7.91 -14.26
CA ASP E 56 -30.83 -7.05 -13.71
C ASP E 56 -31.98 -6.96 -14.69
N GLY E 57 -33.21 -7.10 -14.17
CA GLY E 57 -34.41 -6.96 -14.98
C GLY E 57 -34.92 -8.26 -15.59
N VAL E 58 -34.08 -9.28 -15.66
CA VAL E 58 -34.47 -10.56 -16.21
C VAL E 58 -35.49 -11.24 -15.29
N PRO E 59 -36.57 -11.82 -15.86
CA PRO E 59 -37.61 -12.48 -15.05
C PRO E 59 -37.12 -13.68 -14.25
N SER E 60 -37.74 -13.89 -13.11
CA SER E 60 -37.36 -14.97 -12.20
C SER E 60 -37.59 -16.37 -12.80
N ARG E 61 -38.41 -16.48 -13.84
CA ARG E 61 -38.64 -17.79 -14.46
C ARG E 61 -37.40 -18.38 -15.16
N PHE E 62 -36.38 -17.55 -15.40
CA PHE E 62 -35.07 -18.01 -15.90
C PHE E 62 -34.14 -18.38 -14.74
N SER E 63 -33.47 -19.53 -14.85
CA SER E 63 -32.49 -19.93 -13.86
C SER E 63 -31.34 -20.71 -14.48
N GLY E 64 -30.15 -20.55 -13.92
CA GLY E 64 -28.97 -21.24 -14.39
C GLY E 64 -28.50 -22.26 -13.38
N SER E 65 -27.87 -23.33 -13.86
CA SER E 65 -27.31 -24.36 -12.99
C SER E 65 -26.13 -25.06 -13.65
N GLY E 66 -25.39 -25.82 -12.86
CA GLY E 66 -24.30 -26.63 -13.37
C GLY E 66 -23.00 -26.40 -12.67
N SER E 67 -21.99 -27.16 -13.09
CA SER E 67 -20.63 -27.01 -12.59
C SER E 67 -19.71 -27.80 -13.50
N GLY E 68 -18.42 -27.63 -13.28
CA GLY E 68 -17.42 -28.30 -14.11
C GLY E 68 -17.55 -27.90 -15.56
N ALA E 69 -17.95 -28.87 -16.39
CA ALA E 69 -18.07 -28.67 -17.83
C ALA E 69 -19.52 -28.69 -18.33
N ASP E 70 -20.47 -28.85 -17.42
CA ASP E 70 -21.86 -29.07 -17.84
C ASP E 70 -22.83 -28.13 -17.14
N TYR E 71 -23.56 -27.35 -17.94
CA TYR E 71 -24.45 -26.31 -17.43
C TYR E 71 -25.82 -26.35 -18.10
N SER E 72 -26.80 -25.74 -17.45
CA SER E 72 -28.15 -25.68 -17.95
C SER E 72 -28.80 -24.34 -17.68
N LEU E 73 -29.64 -23.92 -18.62
CA LEU E 73 -30.57 -22.81 -18.45
C LEU E 73 -31.96 -23.43 -18.41
N THR E 74 -32.73 -23.11 -17.38
CA THR E 74 -34.09 -23.57 -17.29
C THR E 74 -35.03 -22.39 -17.39
N ILE E 75 -36.11 -22.56 -18.17
CA ILE E 75 -37.19 -21.58 -18.23
C ILE E 75 -38.43 -22.27 -17.67
N SER E 76 -38.94 -21.76 -16.56
CA SER E 76 -40.12 -22.32 -15.91
C SER E 76 -41.38 -21.57 -16.32
N SER E 77 -42.33 -22.28 -16.91
CA SER E 77 -43.60 -21.69 -17.34
C SER E 77 -43.38 -20.72 -18.49
N LEU E 78 -43.23 -21.26 -19.70
CA LEU E 78 -42.87 -20.45 -20.88
C LEU E 78 -43.91 -19.41 -21.19
N ASP E 79 -43.44 -18.19 -21.37
CA ASP E 79 -44.25 -17.10 -21.87
C ASP E 79 -44.10 -17.08 -23.40
N SER E 80 -45.07 -16.49 -24.08
CA SER E 80 -45.02 -16.40 -25.55
CA SER E 80 -45.04 -16.36 -25.55
CA SER E 80 -45.03 -16.38 -25.55
C SER E 80 -43.79 -15.61 -26.01
N GLU E 81 -43.32 -14.70 -25.16
CA GLU E 81 -42.13 -13.92 -25.42
C GLU E 81 -40.83 -14.76 -25.31
N ASP E 82 -40.93 -15.98 -24.80
CA ASP E 82 -39.75 -16.83 -24.58
C ASP E 82 -39.41 -17.69 -25.78
N PHE E 83 -40.27 -17.70 -26.79
CA PHE E 83 -39.94 -18.41 -28.03
C PHE E 83 -38.94 -17.59 -28.81
N ALA E 84 -37.67 -17.99 -28.71
CA ALA E 84 -36.54 -17.22 -29.18
C ALA E 84 -35.33 -18.14 -29.32
N ASP E 85 -34.19 -17.56 -29.67
CA ASP E 85 -32.94 -18.30 -29.68
C ASP E 85 -32.18 -18.04 -28.38
N TYR E 86 -31.46 -19.06 -27.92
CA TYR E 86 -30.66 -18.96 -26.71
C TYR E 86 -29.25 -19.49 -26.97
N TYR E 87 -28.24 -18.82 -26.43
CA TYR E 87 -26.85 -19.21 -26.61
C TYR E 87 -26.09 -19.20 -25.27
N CYS E 88 -25.15 -20.12 -25.09
CA CYS E 88 -24.19 -20.03 -24.01
C CYS E 88 -22.92 -19.38 -24.54
N VAL E 89 -22.20 -18.69 -23.64
CA VAL E 89 -20.85 -18.24 -23.93
C VAL E 89 -19.95 -18.54 -22.72
N GLN E 90 -18.76 -19.04 -22.96
CA GLN E 90 -17.79 -19.25 -21.88
C GLN E 90 -16.77 -18.12 -21.88
N TYR E 91 -16.34 -17.71 -20.69
CA TYR E 91 -15.24 -16.79 -20.56
C TYR E 91 -14.21 -17.25 -19.54
N ALA E 92 -14.07 -18.58 -19.43
CA ALA E 92 -12.98 -19.19 -18.67
C ALA E 92 -11.67 -18.82 -19.33
N GLN E 93 -11.64 -18.93 -20.65
CA GLN E 93 -10.45 -18.61 -21.43
C GLN E 93 -10.75 -17.73 -22.61
N LEU E 94 -9.74 -16.94 -22.99
CA LEU E 94 -9.74 -16.24 -24.26
C LEU E 94 -9.16 -17.22 -25.26
N PRO E 95 -9.71 -17.28 -26.50
CA PRO E 95 -10.86 -16.54 -26.96
C PRO E 95 -12.15 -17.06 -26.33
N TYR E 96 -13.02 -16.12 -25.97
CA TYR E 96 -14.39 -16.44 -25.62
C TYR E 96 -15.01 -17.21 -26.79
N THR E 97 -15.80 -18.23 -26.47
CA THR E 97 -16.43 -19.06 -27.49
C THR E 97 -17.90 -19.26 -27.12
N PHE E 98 -18.74 -19.47 -28.14
CA PHE E 98 -20.19 -19.59 -27.97
C PHE E 98 -20.69 -20.98 -28.30
N GLY E 99 -21.86 -21.30 -27.76
CA GLY E 99 -22.59 -22.49 -28.18
C GLY E 99 -23.25 -22.30 -29.54
N GLY E 100 -23.72 -23.39 -30.12
CA GLY E 100 -24.39 -23.34 -31.42
C GLY E 100 -25.77 -22.71 -31.40
N GLY E 101 -26.39 -22.68 -30.24
CA GLY E 101 -27.70 -22.06 -30.08
C GLY E 101 -28.82 -23.08 -30.01
N THR E 102 -29.90 -22.70 -29.32
CA THR E 102 -31.11 -23.49 -29.25
C THR E 102 -32.29 -22.61 -29.64
N LYS E 103 -33.09 -23.07 -30.60
CA LYS E 103 -34.32 -22.35 -30.97
C LYS E 103 -35.52 -22.99 -30.29
N LEU E 104 -36.24 -22.20 -29.49
CA LEU E 104 -37.53 -22.63 -28.93
C LEU E 104 -38.60 -22.35 -29.95
N GLU E 105 -39.30 -23.40 -30.35
CA GLU E 105 -40.32 -23.37 -31.40
CA GLU E 105 -40.35 -23.26 -31.36
C GLU E 105 -41.68 -23.76 -30.81
N ILE E 106 -42.77 -23.26 -31.40
CA ILE E 106 -44.11 -23.55 -30.91
C ILE E 106 -44.61 -24.90 -31.41
N LYS E 107 -45.03 -25.75 -30.47
CA LYS E 107 -45.57 -27.06 -30.79
C LYS E 107 -47.00 -26.92 -31.31
N ARG E 108 -47.31 -27.67 -32.38
CA ARG E 108 -48.68 -27.78 -32.86
C ARG E 108 -48.93 -29.11 -33.59
N ALA E 109 -50.19 -29.34 -33.95
CA ALA E 109 -50.57 -30.58 -34.64
C ALA E 109 -49.97 -30.58 -36.03
N ASP E 110 -49.65 -31.76 -36.53
CA ASP E 110 -49.11 -31.91 -37.88
C ASP E 110 -50.12 -31.42 -38.91
N ALA E 111 -49.60 -30.87 -40.00
CA ALA E 111 -50.41 -30.36 -41.10
C ALA E 111 -49.66 -30.58 -42.40
N ALA E 112 -50.33 -31.12 -43.41
CA ALA E 112 -49.74 -31.29 -44.73
C ALA E 112 -49.67 -29.93 -45.43
N PRO E 113 -48.72 -29.77 -46.34
CA PRO E 113 -48.61 -28.55 -47.12
C PRO E 113 -49.70 -28.46 -48.18
N THR E 114 -50.04 -27.23 -48.56
CA THR E 114 -50.85 -26.97 -49.75
C THR E 114 -49.88 -26.60 -50.84
N VAL E 115 -49.74 -27.47 -51.83
CA VAL E 115 -48.75 -27.28 -52.88
C VAL E 115 -49.40 -26.62 -54.09
N SER E 116 -48.82 -25.53 -54.56
CA SER E 116 -49.27 -24.84 -55.77
C SER E 116 -48.11 -24.72 -56.74
N ILE E 117 -48.33 -25.03 -58.01
CA ILE E 117 -47.30 -24.93 -59.03
C ILE E 117 -47.65 -23.85 -60.02
N PHE E 118 -46.64 -23.10 -60.46
CA PHE E 118 -46.85 -21.96 -61.35
C PHE E 118 -45.87 -21.99 -62.52
N PRO E 119 -46.39 -22.01 -63.77
CA PRO E 119 -45.49 -21.91 -64.90
C PRO E 119 -44.92 -20.51 -65.03
N PRO E 120 -43.88 -20.34 -65.86
CA PRO E 120 -43.32 -19.03 -66.16
C PRO E 120 -44.37 -18.04 -66.60
N SER E 121 -44.25 -16.79 -66.17
CA SER E 121 -45.10 -15.72 -66.68
C SER E 121 -44.73 -15.42 -68.13
N SER E 122 -45.66 -14.83 -68.87
CA SER E 122 -45.39 -14.45 -70.25
C SER E 122 -44.29 -13.39 -70.32
N GLU E 123 -44.31 -12.45 -69.38
CA GLU E 123 -43.31 -11.40 -69.31
C GLU E 123 -41.90 -11.98 -69.19
N GLN E 124 -41.73 -12.94 -68.29
CA GLN E 124 -40.43 -13.60 -68.12
C GLN E 124 -40.00 -14.36 -69.37
N LEU E 125 -40.95 -15.01 -70.05
CA LEU E 125 -40.64 -15.77 -71.25
C LEU E 125 -40.18 -14.88 -72.40
N THR E 126 -40.63 -13.63 -72.42
CA THR E 126 -40.12 -12.68 -73.41
C THR E 126 -38.65 -12.35 -73.14
N SER E 127 -38.23 -12.40 -71.89
CA SER E 127 -36.86 -12.09 -71.52
C SER E 127 -35.85 -13.21 -71.86
N GLY E 128 -36.32 -14.42 -72.12
CA GLY E 128 -35.43 -15.55 -72.44
C GLY E 128 -35.09 -16.45 -71.26
N GLY E 129 -35.74 -16.19 -70.12
CA GLY E 129 -35.60 -17.03 -68.93
C GLY E 129 -36.93 -17.68 -68.63
N ALA E 130 -36.90 -18.77 -67.88
CA ALA E 130 -38.11 -19.47 -67.48
C ALA E 130 -37.97 -19.98 -66.05
N SER E 131 -38.86 -19.50 -65.18
CA SER E 131 -38.90 -19.94 -63.79
C SER E 131 -40.22 -20.63 -63.49
N VAL E 132 -40.13 -21.81 -62.89
CA VAL E 132 -41.27 -22.55 -62.43
C VAL E 132 -41.24 -22.45 -60.92
N VAL E 133 -42.32 -21.96 -60.33
CA VAL E 133 -42.37 -21.72 -58.89
C VAL E 133 -43.33 -22.70 -58.25
N CYS E 134 -42.95 -23.21 -57.08
CA CYS E 134 -43.84 -24.06 -56.30
C CYS E 134 -43.87 -23.59 -54.85
N PHE E 135 -45.08 -23.31 -54.35
CA PHE E 135 -45.28 -22.95 -52.94
C PHE E 135 -45.80 -24.16 -52.19
N LEU E 136 -45.13 -24.49 -51.09
CA LEU E 136 -45.60 -25.51 -50.16
C LEU E 136 -45.95 -24.76 -48.88
N ASN E 137 -47.22 -24.51 -48.65
CA ASN E 137 -47.66 -23.57 -47.61
C ASN E 137 -48.34 -24.18 -46.40
N ASN E 138 -48.13 -23.55 -45.25
CA ASN E 138 -48.82 -23.88 -44.00
C ASN E 138 -48.74 -25.35 -43.60
N PHE E 139 -47.52 -25.85 -43.46
CA PHE E 139 -47.30 -27.23 -43.02
C PHE E 139 -46.63 -27.27 -41.64
N TYR E 140 -46.72 -28.43 -41.00
CA TYR E 140 -46.05 -28.66 -39.73
C TYR E 140 -45.83 -30.16 -39.53
N PRO E 141 -44.63 -30.57 -39.08
CA PRO E 141 -43.46 -29.79 -38.65
C PRO E 141 -42.63 -29.19 -39.80
N LYS E 142 -41.57 -28.49 -39.43
CA LYS E 142 -40.82 -27.63 -40.36
C LYS E 142 -40.07 -28.39 -41.46
N ASP E 143 -39.66 -29.62 -41.19
CA ASP E 143 -38.84 -30.37 -42.14
C ASP E 143 -39.66 -30.78 -43.35
N ILE E 144 -39.09 -30.56 -44.53
CA ILE E 144 -39.77 -30.85 -45.77
C ILE E 144 -38.75 -31.00 -46.91
N ASN E 145 -39.13 -31.71 -47.97
CA ASN E 145 -38.26 -31.89 -49.12
CA ASN E 145 -38.26 -31.89 -49.13
C ASN E 145 -39.03 -31.71 -50.42
N VAL E 146 -38.47 -30.91 -51.33
CA VAL E 146 -39.04 -30.71 -52.65
C VAL E 146 -38.16 -31.40 -53.67
N LYS E 147 -38.80 -31.96 -54.70
CA LYS E 147 -38.12 -32.61 -55.80
C LYS E 147 -38.78 -32.10 -57.07
N TRP E 148 -37.96 -31.66 -58.02
CA TRP E 148 -38.46 -31.21 -59.31
C TRP E 148 -38.24 -32.28 -60.35
N LYS E 149 -39.22 -32.48 -61.21
CA LYS E 149 -39.08 -33.36 -62.37
C LYS E 149 -39.53 -32.64 -63.65
N ILE E 150 -38.70 -32.71 -64.68
CA ILE E 150 -39.07 -32.27 -66.02
C ILE E 150 -39.23 -33.53 -66.87
N ASP E 151 -40.45 -33.77 -67.37
CA ASP E 151 -40.78 -34.97 -68.13
C ASP E 151 -40.35 -36.25 -67.42
N GLY E 152 -40.58 -36.31 -66.11
CA GLY E 152 -40.25 -37.51 -65.33
C GLY E 152 -38.82 -37.62 -64.80
N SER E 153 -37.89 -36.86 -65.39
CA SER E 153 -36.50 -36.86 -64.96
C SER E 153 -36.29 -35.82 -63.87
N GLU E 154 -35.61 -36.22 -62.80
CA GLU E 154 -35.33 -35.33 -61.68
C GLU E 154 -34.34 -34.23 -62.07
N ARG E 155 -34.72 -32.98 -61.79
CA ARG E 155 -33.90 -31.81 -62.11
CA ARG E 155 -33.90 -31.81 -62.11
C ARG E 155 -33.30 -31.23 -60.83
N GLN E 156 -31.97 -31.23 -60.74
CA GLN E 156 -31.30 -30.78 -59.51
C GLN E 156 -30.71 -29.36 -59.54
N ASN E 157 -29.90 -29.03 -60.54
CA ASN E 157 -29.31 -27.68 -60.58
C ASN E 157 -30.31 -26.59 -60.99
N GLY E 158 -30.07 -25.37 -60.49
CA GLY E 158 -30.94 -24.22 -60.77
C GLY E 158 -32.22 -24.09 -59.93
N VAL E 159 -32.24 -24.78 -58.79
CA VAL E 159 -33.35 -24.69 -57.84
C VAL E 159 -32.95 -23.79 -56.67
N LEU E 160 -33.78 -22.79 -56.38
CA LEU E 160 -33.55 -21.91 -55.24
CA LEU E 160 -33.57 -21.87 -55.25
C LEU E 160 -34.74 -21.98 -54.30
N ASN E 161 -34.45 -22.23 -53.02
CA ASN E 161 -35.48 -22.42 -52.01
C ASN E 161 -35.41 -21.36 -50.93
N SER E 162 -36.58 -21.00 -50.41
CA SER E 162 -36.65 -20.12 -49.24
C SER E 162 -37.73 -20.62 -48.29
N TRP E 163 -37.46 -20.51 -47.00
CA TRP E 163 -38.36 -20.96 -45.97
C TRP E 163 -38.73 -19.78 -45.08
N THR E 164 -40.01 -19.66 -44.73
CA THR E 164 -40.45 -18.67 -43.78
C THR E 164 -40.18 -19.18 -42.36
N ASP E 165 -40.13 -18.24 -41.40
CA ASP E 165 -40.15 -18.59 -40.00
C ASP E 165 -41.53 -19.10 -39.62
N GLN E 166 -41.64 -19.64 -38.42
CA GLN E 166 -42.92 -20.12 -37.91
C GLN E 166 -43.93 -18.98 -37.95
N ASP E 167 -45.08 -19.23 -38.57
CA ASP E 167 -46.13 -18.21 -38.72
C ASP E 167 -46.63 -17.78 -37.35
N SER E 168 -46.92 -16.48 -37.20
CA SER E 168 -47.35 -15.93 -35.91
C SER E 168 -48.76 -16.40 -35.50
N LYS E 169 -49.62 -16.63 -36.48
CA LYS E 169 -51.03 -16.92 -36.22
C LYS E 169 -51.33 -18.41 -36.07
N ASP E 170 -50.90 -19.22 -37.04
CA ASP E 170 -51.20 -20.66 -37.00
C ASP E 170 -49.99 -21.55 -36.70
N SER E 171 -48.83 -20.95 -36.44
CA SER E 171 -47.62 -21.69 -36.05
C SER E 171 -47.12 -22.70 -37.09
N THR E 172 -47.50 -22.53 -38.36
CA THR E 172 -47.07 -23.44 -39.41
C THR E 172 -45.86 -22.86 -40.11
N TYR E 173 -45.29 -23.65 -41.02
CA TYR E 173 -44.17 -23.22 -41.85
C TYR E 173 -44.59 -23.20 -43.31
N SER E 174 -43.82 -22.48 -44.11
CA SER E 174 -44.05 -22.45 -45.55
C SER E 174 -42.72 -22.45 -46.29
N MET E 175 -42.74 -22.95 -47.52
CA MET E 175 -41.55 -23.01 -48.35
C MET E 175 -41.87 -22.59 -49.77
N SER E 176 -40.94 -21.87 -50.40
CA SER E 176 -41.02 -21.54 -51.80
C SER E 176 -39.85 -22.19 -52.50
N SER E 177 -40.09 -22.76 -53.68
CA SER E 177 -39.03 -23.36 -54.49
C SER E 177 -39.18 -22.89 -55.93
N THR E 178 -38.11 -22.32 -56.49
CA THR E 178 -38.10 -21.83 -57.85
C THR E 178 -37.07 -22.58 -58.69
N LEU E 179 -37.53 -23.20 -59.77
CA LEU E 179 -36.65 -23.86 -60.74
C LEU E 179 -36.49 -22.93 -61.92
N THR E 180 -35.29 -22.38 -62.06
CA THR E 180 -35.00 -21.51 -63.19
C THR E 180 -34.14 -22.26 -64.20
N LEU E 181 -34.59 -22.27 -65.45
CA LEU E 181 -33.83 -22.81 -66.55
C LEU E 181 -34.01 -21.89 -67.77
N THR E 182 -33.30 -22.17 -68.86
CA THR E 182 -33.38 -21.30 -70.02
C THR E 182 -34.72 -21.50 -70.71
N LYS E 183 -35.27 -20.44 -71.29
CA LYS E 183 -36.50 -20.53 -72.08
C LYS E 183 -36.33 -21.59 -73.17
N ASP E 184 -35.15 -21.62 -73.76
CA ASP E 184 -34.80 -22.61 -74.78
C ASP E 184 -35.10 -24.04 -74.32
N GLU E 185 -34.59 -24.40 -73.15
CA GLU E 185 -34.81 -25.74 -72.61
C GLU E 185 -36.25 -25.90 -72.13
N TYR E 186 -36.83 -24.82 -71.60
CA TYR E 186 -38.18 -24.87 -71.08
C TYR E 186 -39.14 -25.31 -72.17
N GLU E 187 -38.99 -24.72 -73.36
CA GLU E 187 -39.90 -24.99 -74.47
C GLU E 187 -39.63 -26.30 -75.21
N ARG E 188 -38.67 -27.08 -74.72
CA ARG E 188 -38.34 -28.41 -75.28
CA ARG E 188 -38.38 -28.40 -75.30
C ARG E 188 -39.01 -29.53 -74.49
N HIS E 189 -39.70 -29.20 -73.42
CA HIS E 189 -40.34 -30.21 -72.56
C HIS E 189 -41.78 -29.89 -72.26
N ASN E 190 -42.56 -30.91 -71.96
CA ASN E 190 -43.98 -30.76 -71.73
C ASN E 190 -44.33 -30.73 -70.24
N SER E 191 -43.94 -31.79 -69.53
CA SER E 191 -44.40 -32.01 -68.16
C SER E 191 -43.44 -31.45 -67.12
N TYR E 192 -43.96 -30.58 -66.24
CA TYR E 192 -43.19 -30.00 -65.14
C TYR E 192 -43.87 -30.33 -63.81
N THR E 193 -43.09 -30.79 -62.84
CA THR E 193 -43.65 -31.35 -61.63
C THR E 193 -42.87 -30.95 -60.38
N CYS E 194 -43.60 -30.63 -59.33
CA CYS E 194 -43.00 -30.37 -58.03
C CYS E 194 -43.60 -31.34 -57.01
N GLU E 195 -42.73 -32.16 -56.40
CA GLU E 195 -43.13 -33.21 -55.46
C GLU E 195 -42.69 -32.84 -54.05
N ALA E 196 -43.67 -32.68 -53.15
CA ALA E 196 -43.38 -32.37 -51.76
C ALA E 196 -43.41 -33.67 -50.93
N THR E 197 -42.38 -33.87 -50.12
CA THR E 197 -42.31 -35.01 -49.20
C THR E 197 -42.25 -34.49 -47.77
N HIS E 198 -43.17 -34.99 -46.95
CA HIS E 198 -43.38 -34.47 -45.60
C HIS E 198 -43.84 -35.65 -44.72
N LYS E 199 -43.73 -35.50 -43.41
CA LYS E 199 -44.04 -36.62 -42.51
C LYS E 199 -45.53 -36.97 -42.48
N THR E 200 -46.38 -36.00 -42.86
CA THR E 200 -47.83 -36.22 -42.86
C THR E 200 -48.28 -37.24 -43.89
N SER E 201 -47.40 -37.63 -44.81
CA SER E 201 -47.70 -38.72 -45.75
C SER E 201 -46.48 -39.56 -46.13
N THR E 202 -46.73 -40.84 -46.42
CA THR E 202 -45.69 -41.75 -46.85
C THR E 202 -45.45 -41.63 -48.36
N SER E 203 -46.47 -41.19 -49.07
CA SER E 203 -46.31 -40.84 -50.48
C SER E 203 -46.26 -39.31 -50.61
N PRO E 204 -45.56 -38.79 -51.64
CA PRO E 204 -45.42 -37.35 -51.83
C PRO E 204 -46.63 -36.67 -52.47
N ILE E 205 -46.81 -35.38 -52.18
CA ILE E 205 -47.82 -34.56 -52.84
C ILE E 205 -47.24 -34.04 -54.14
N VAL E 206 -47.87 -34.43 -55.24
CA VAL E 206 -47.37 -34.12 -56.58
C VAL E 206 -48.27 -33.07 -57.22
N LYS E 207 -47.67 -31.99 -57.71
CA LYS E 207 -48.39 -31.00 -58.50
C LYS E 207 -47.70 -30.86 -59.84
N SER E 208 -48.49 -30.78 -60.91
CA SER E 208 -47.95 -30.74 -62.27
C SER E 208 -48.71 -29.84 -63.22
N PHE E 209 -48.03 -29.48 -64.30
CA PHE E 209 -48.68 -28.94 -65.47
C PHE E 209 -47.98 -29.45 -66.72
N ASN E 210 -48.74 -29.49 -67.81
CA ASN E 210 -48.18 -29.75 -69.13
C ASN E 210 -48.16 -28.44 -69.88
N ARG E 211 -47.00 -28.12 -70.46
CA ARG E 211 -46.80 -26.82 -71.09
C ARG E 211 -47.80 -26.63 -72.24
N ASN E 212 -48.35 -25.41 -72.32
CA ASN E 212 -49.38 -25.06 -73.31
C ASN E 212 -50.54 -26.06 -73.32
N GLU E 213 -51.46 -25.89 -72.38
CA GLU E 213 -52.57 -26.81 -72.22
C GLU E 213 -53.65 -26.18 -71.34
N CYS E 214 -54.59 -25.47 -71.95
CA CYS E 214 -55.74 -24.88 -71.23
C CYS E 214 -56.94 -24.64 -72.14
#